data_9HW6
#
_entry.id   9HW6
#
_cell.length_a   70.910
_cell.length_b   161.730
_cell.length_c   83.280
_cell.angle_alpha   90.000
_cell.angle_beta   92.210
_cell.angle_gamma   90.000
#
_symmetry.space_group_name_H-M   'P 1 21 1'
#
loop_
_entity.id
_entity.type
_entity.pdbx_description
1 polymer 'Putative cell-cycle-associated protein kinase GSK'
2 polymer 'Putative cell-cycle-associated protein kinase GSK'
3 non-polymer LY-2090314
4 non-polymer 'PHOSPHATE ION'
#
loop_
_entity_poly.entity_id
_entity_poly.type
_entity_poly.pdbx_seq_one_letter_code
_entity_poly.pdbx_strand_id
1 'polypeptide(L)'
;MGSQRTTAVKGERQSRVHTGNPHPTLTYDIGRVLGNGSFGVVTEARCVDTGEVVAIKKVLQDPRYKNRELDIMKELKHPN
VVKLIDYFYTEMGERDSNDHNRFLNVVMEHIPETVYRVMKSFLRANQQVPFILIKLYTYQMCRALGYLHALGICHRDIKP
QNLLVDSRTHVLKLCDFGSAKRLVPGEQSVS(PTR)ICSRFYRAPELMLGASEYTTAIDVWSIGCVLGELLLGRPLFAGE
T(SEP)VDQLVKIIQILGTPSRRQMSTMNPNYTEFRFPDVKPREWKSIFASHIASTETNDPSWDQALDLLTKFLRYEPGE
RLLPLEALAHDFFDELRLPSTRLPSGGPLPELFTFSQLELQNMSPAAQVKCIPKGHHHHHH
;
A,D
2 'polypeptide(L)'
;MGSQRTTAVKGERQSRVHTGNPHPTLTYDIGRVLGNGSFGVVTEARCVDTGEVVAIKKVLQDPRYKNRELDIMKELKHPN
VVKLIDYFYTEMGERDSNDHNRFLNVVMEHIPETVYRVMKSFLRANQQVPFILIKLYTYQMCRALGYLHALGICHRDIKP
QNLLVDSRTHVLKLCDFGSAKRLVPGEQSVS(PTR)ICSRFYRAPELMLGASEYTTAIDVWSIGCVLGELLLGRPLFAGE
TSVDQLVKIIQILGTPSRRQMSTMNPNYTEFRFPDVKPREWKSIFASHIASTETNDPSWDQALDLLTKFLRYEPGERLLP
LEALAHDFFDELRLPSTRLPSGGPLPELFTFSQLELQNMSPAAQVKCIPKGHHHHHH
;
B,F
#
# COMPACT_ATOMS: atom_id res chain seq x y z
N THR A 27 14.82 -3.71 -19.85
CA THR A 27 14.89 -5.14 -19.56
C THR A 27 14.58 -5.37 -18.08
N TYR A 28 13.56 -4.67 -17.59
CA TYR A 28 13.16 -4.60 -16.20
C TYR A 28 11.65 -4.54 -16.20
N ASP A 29 11.01 -5.30 -15.30
CA ASP A 29 9.59 -5.14 -15.04
C ASP A 29 9.44 -4.15 -13.89
N ILE A 30 8.89 -2.97 -14.17
CA ILE A 30 8.83 -1.90 -13.17
C ILE A 30 7.53 -2.01 -12.39
N GLY A 31 7.63 -2.29 -11.10
CA GLY A 31 6.40 -2.38 -10.33
C GLY A 31 6.51 -2.06 -8.86
N ARG A 32 5.62 -1.19 -8.39
CA ARG A 32 5.50 -0.72 -7.01
C ARG A 32 6.55 0.33 -6.67
N VAL A 33 6.08 1.43 -6.09
CA VAL A 33 6.93 2.53 -5.70
C VAL A 33 7.43 2.31 -4.27
N LEU A 34 8.76 2.34 -4.09
CA LEU A 34 9.29 2.28 -2.73
C LEU A 34 9.15 3.61 -2.01
N GLY A 35 9.25 4.71 -2.72
CA GLY A 35 9.14 6.00 -2.07
C GLY A 35 9.76 7.09 -2.92
N ASN A 36 10.14 8.17 -2.25
CA ASN A 36 10.75 9.32 -2.91
C ASN A 36 12.17 9.45 -2.39
N GLY A 37 13.15 9.27 -3.27
CA GLY A 37 14.52 9.55 -2.96
C GLY A 37 14.83 11.01 -3.18
N SER A 38 16.11 11.29 -3.43
CA SER A 38 16.52 12.65 -3.71
C SER A 38 15.74 13.09 -4.95
N PHE A 39 14.63 13.78 -4.74
CA PHE A 39 13.82 14.29 -5.83
C PHE A 39 13.06 13.20 -6.58
N GLY A 40 13.77 12.42 -7.41
CA GLY A 40 13.15 11.31 -8.10
C GLY A 40 12.37 10.32 -7.26
N VAL A 41 11.70 9.38 -7.93
CA VAL A 41 10.96 8.29 -7.29
C VAL A 41 11.80 7.04 -7.42
N VAL A 42 11.81 6.22 -6.39
CA VAL A 42 12.46 4.91 -6.44
C VAL A 42 11.38 3.85 -6.47
N THR A 43 11.51 2.90 -7.37
CA THR A 43 10.50 1.87 -7.49
C THR A 43 11.20 0.52 -7.57
N GLU A 44 10.50 -0.50 -7.08
CA GLU A 44 10.99 -1.86 -7.21
C GLU A 44 10.90 -2.31 -8.65
N ALA A 45 11.77 -3.25 -9.00
CA ALA A 45 11.80 -3.72 -10.37
C ALA A 45 12.45 -5.08 -10.36
N ARG A 46 12.08 -5.90 -11.35
CA ARG A 46 12.69 -7.21 -11.55
C ARG A 46 13.55 -7.16 -12.80
N CYS A 47 14.77 -7.65 -12.67
CA CYS A 47 15.66 -7.82 -13.79
C CYS A 47 15.25 -9.09 -14.55
N VAL A 48 14.81 -8.95 -15.79
CA VAL A 48 14.25 -10.10 -16.52
C VAL A 48 15.34 -11.13 -16.88
N ASP A 49 16.61 -10.74 -16.97
CA ASP A 49 17.63 -11.72 -17.28
C ASP A 49 18.00 -12.60 -16.10
N THR A 50 18.04 -12.06 -14.89
CA THR A 50 18.52 -12.81 -13.74
C THR A 50 17.42 -13.20 -12.77
N GLY A 51 16.22 -12.65 -12.93
CA GLY A 51 15.13 -12.84 -11.99
C GLY A 51 15.22 -11.99 -10.74
N GLU A 52 16.32 -11.27 -10.54
CA GLU A 52 16.54 -10.51 -9.33
C GLU A 52 15.68 -9.24 -9.24
N VAL A 53 15.45 -8.82 -7.99
CA VAL A 53 14.72 -7.58 -7.69
C VAL A 53 15.75 -6.49 -7.49
N VAL A 54 15.49 -5.31 -8.02
CA VAL A 54 16.39 -4.18 -7.91
C VAL A 54 15.57 -2.94 -7.62
N ALA A 55 16.27 -1.83 -7.37
CA ALA A 55 15.63 -0.54 -7.10
C ALA A 55 15.99 0.39 -8.25
N ILE A 56 14.99 1.10 -8.77
CA ILE A 56 15.18 2.04 -9.86
C ILE A 56 14.79 3.42 -9.36
N LYS A 57 15.76 4.33 -9.29
CA LYS A 57 15.48 5.73 -8.98
C LYS A 57 15.39 6.45 -10.31
N LYS A 58 14.20 6.96 -10.63
CA LYS A 58 13.98 7.74 -11.85
C LYS A 58 13.95 9.20 -11.47
N VAL A 59 14.90 9.96 -12.00
CA VAL A 59 15.02 11.39 -11.74
C VAL A 59 15.02 12.13 -13.08
N LEU A 60 14.60 13.39 -13.03
CA LEU A 60 14.43 14.25 -14.21
C LEU A 60 15.78 14.88 -14.54
N GLN A 61 16.44 14.39 -15.57
CA GLN A 61 17.71 14.91 -16.03
C GLN A 61 17.54 15.87 -17.20
N ASP A 62 18.66 16.47 -17.63
CA ASP A 62 18.70 17.26 -18.89
C ASP A 62 19.85 16.62 -19.68
N PRO A 63 19.61 15.81 -20.74
CA PRO A 63 20.69 15.06 -21.44
C PRO A 63 21.82 15.96 -21.94
N ARG A 64 21.61 17.28 -21.93
CA ARG A 64 22.63 18.22 -22.45
C ARG A 64 23.64 18.49 -21.32
N TYR A 65 23.35 17.98 -20.12
CA TYR A 65 24.22 18.26 -18.96
C TYR A 65 24.64 16.95 -18.33
N LYS A 66 25.32 17.03 -17.19
CA LYS A 66 25.82 15.80 -16.50
C LYS A 66 25.03 15.56 -15.22
N ASN A 67 24.96 14.30 -14.81
CA ASN A 67 24.24 13.94 -13.59
C ASN A 67 25.26 13.60 -12.50
N ARG A 68 25.24 14.39 -11.42
CA ARG A 68 26.25 14.24 -10.37
C ARG A 68 26.13 12.90 -9.67
N GLU A 69 24.92 12.55 -9.24
CA GLU A 69 24.68 11.32 -8.50
C GLU A 69 25.12 10.08 -9.28
N LEU A 70 24.88 10.05 -10.59
CA LEU A 70 25.23 8.85 -11.33
C LEU A 70 26.74 8.72 -11.50
N ASP A 71 27.45 9.81 -11.83
CA ASP A 71 28.90 9.72 -11.93
C ASP A 71 29.54 9.29 -10.63
N ILE A 72 29.03 9.82 -9.51
CA ILE A 72 29.53 9.43 -8.20
C ILE A 72 29.31 7.94 -7.96
N MET A 73 28.10 7.46 -8.21
CA MET A 73 27.84 6.04 -7.98
C MET A 73 28.71 5.16 -8.86
N LYS A 74 28.93 5.58 -10.12
CA LYS A 74 29.75 4.81 -11.04
C LYS A 74 31.12 4.51 -10.45
N GLU A 75 31.57 5.34 -9.50
CA GLU A 75 32.87 5.14 -8.90
C GLU A 75 32.85 4.18 -7.73
N LEU A 76 31.76 4.11 -6.97
CA LEU A 76 31.80 3.40 -5.69
C LEU A 76 31.76 1.89 -5.88
N LYS A 77 32.67 1.20 -5.18
CA LYS A 77 32.62 -0.25 -5.05
C LYS A 77 33.00 -0.55 -3.61
N HIS A 78 32.05 -1.03 -2.80
CA HIS A 78 32.36 -1.20 -1.38
C HIS A 78 31.32 -2.09 -0.73
N PRO A 79 31.71 -2.92 0.23
CA PRO A 79 30.74 -3.83 0.85
C PRO A 79 29.59 -3.13 1.55
N ASN A 80 29.73 -1.84 1.87
CA ASN A 80 28.70 -1.10 2.62
C ASN A 80 28.18 0.10 1.82
N VAL A 81 28.25 0.02 0.48
CA VAL A 81 27.57 0.94 -0.43
C VAL A 81 26.72 0.14 -1.39
N VAL A 82 25.51 0.65 -1.71
CA VAL A 82 24.69 0.00 -2.72
C VAL A 82 25.47 -0.11 -4.02
N LYS A 83 25.36 -1.28 -4.65
CA LYS A 83 26.01 -1.47 -5.94
C LYS A 83 25.20 -0.75 -7.00
N LEU A 84 25.89 -0.02 -7.88
CA LEU A 84 25.25 0.49 -9.09
C LEU A 84 25.15 -0.64 -10.09
N ILE A 85 23.96 -0.93 -10.57
CA ILE A 85 23.77 -2.06 -11.46
C ILE A 85 23.69 -1.61 -12.91
N ASP A 86 22.90 -0.58 -13.20
CA ASP A 86 22.67 -0.20 -14.58
C ASP A 86 22.15 1.23 -14.59
N TYR A 87 22.08 1.81 -15.77
CA TYR A 87 21.37 3.08 -15.88
C TYR A 87 20.97 3.27 -17.34
N PHE A 88 19.88 4.01 -17.52
CA PHE A 88 19.36 4.23 -18.86
C PHE A 88 18.41 5.42 -18.85
N TYR A 89 18.23 6.01 -20.04
CA TYR A 89 17.28 7.09 -20.25
C TYR A 89 16.01 6.50 -20.87
N THR A 90 14.86 7.02 -20.42
CA THR A 90 13.53 6.58 -20.86
C THR A 90 12.96 7.51 -21.90
N GLU A 91 12.12 6.93 -22.77
CA GLU A 91 11.67 7.65 -23.96
C GLU A 91 10.40 8.49 -23.75
N ASP A 96 11.24 16.04 -29.06
CA ASP A 96 10.61 17.32 -29.48
C ASP A 96 11.48 18.50 -29.02
N SER A 97 11.32 19.66 -29.66
CA SER A 97 12.04 20.87 -29.22
C SER A 97 11.30 21.43 -28.00
N ASN A 98 11.97 22.27 -27.20
CA ASN A 98 11.34 22.88 -25.99
C ASN A 98 11.22 21.81 -24.90
N ASP A 99 11.61 20.57 -25.18
CA ASP A 99 11.48 19.47 -24.18
C ASP A 99 12.69 19.52 -23.23
N HIS A 100 13.85 19.04 -23.67
CA HIS A 100 15.09 19.09 -22.84
C HIS A 100 14.99 18.16 -21.63
N ASN A 101 13.88 18.21 -20.92
CA ASN A 101 13.70 17.41 -19.68
C ASN A 101 13.50 15.94 -20.05
N ARG A 102 14.50 15.10 -19.78
CA ARG A 102 14.36 13.64 -20.02
C ARG A 102 14.41 12.93 -18.66
N PHE A 103 14.29 11.61 -18.64
CA PHE A 103 14.24 10.87 -17.36
C PHE A 103 15.39 9.88 -17.25
N LEU A 104 16.30 10.13 -16.31
CA LEU A 104 17.41 9.21 -16.05
C LEU A 104 16.91 8.11 -15.12
N ASN A 105 17.24 6.86 -15.46
CA ASN A 105 16.86 5.71 -14.65
C ASN A 105 18.13 5.06 -14.12
N VAL A 106 18.33 5.16 -12.81
CA VAL A 106 19.48 4.54 -12.15
C VAL A 106 19.01 3.27 -11.45
N VAL A 107 19.68 2.15 -11.74
CA VAL A 107 19.32 0.84 -11.23
C VAL A 107 20.33 0.43 -10.17
N MET A 108 19.85 0.06 -8.98
CA MET A 108 20.72 -0.25 -7.85
C MET A 108 20.30 -1.52 -7.16
N GLU A 109 21.22 -2.01 -6.33
CA GLU A 109 20.95 -3.12 -5.43
C GLU A 109 19.74 -2.82 -4.54
N HIS A 110 18.90 -3.83 -4.35
CA HIS A 110 17.70 -3.70 -3.54
C HIS A 110 17.98 -4.30 -2.18
N ILE A 111 17.83 -3.51 -1.12
CA ILE A 111 17.86 -4.02 0.24
C ILE A 111 16.56 -3.57 0.90
N PRO A 112 15.81 -4.48 1.53
CA PRO A 112 14.40 -4.17 1.83
C PRO A 112 14.15 -3.32 3.06
N GLU A 113 15.14 -3.04 3.89
CA GLU A 113 14.90 -2.26 5.09
C GLU A 113 15.89 -1.11 5.22
N THR A 114 15.60 -0.23 6.16
CA THR A 114 16.54 0.78 6.59
C THR A 114 16.69 0.74 8.11
N VAL A 115 17.77 1.35 8.59
CA VAL A 115 17.95 1.59 10.03
C VAL A 115 16.75 2.32 10.59
N TYR A 116 16.18 3.22 9.79
CA TYR A 116 14.96 3.90 10.19
C TYR A 116 13.86 2.93 10.54
N ARG A 117 13.60 1.98 9.67
CA ARG A 117 12.52 1.02 9.90
C ARG A 117 12.83 0.11 11.08
N VAL A 118 14.07 -0.35 11.20
CA VAL A 118 14.46 -1.21 12.32
C VAL A 118 14.30 -0.47 13.64
N MET A 119 14.68 0.82 13.68
CA MET A 119 14.52 1.60 14.89
C MET A 119 13.06 1.72 15.28
N LYS A 120 12.24 2.29 14.40
CA LYS A 120 10.84 2.42 14.76
C LYS A 120 10.23 1.06 15.09
N SER A 121 10.80 -0.03 14.58
CA SER A 121 10.32 -1.37 14.95
C SER A 121 10.54 -1.65 16.43
N PHE A 122 11.76 -1.39 16.92
CA PHE A 122 12.05 -1.63 18.32
C PHE A 122 11.31 -0.66 19.21
N LEU A 123 11.13 0.58 18.75
CA LEU A 123 10.42 1.58 19.54
C LEU A 123 9.03 1.10 19.90
N ARG A 124 8.27 0.62 18.90
CA ARG A 124 6.94 0.10 19.13
C ARG A 124 6.92 -1.05 20.16
N ALA A 125 7.98 -1.84 20.22
CA ALA A 125 8.05 -2.92 21.17
C ALA A 125 8.50 -2.46 22.55
N ASN A 126 8.76 -1.17 22.73
CA ASN A 126 9.34 -0.68 23.98
C ASN A 126 10.59 -1.47 24.34
N GLN A 127 11.51 -1.54 23.40
CA GLN A 127 12.70 -2.35 23.53
C GLN A 127 13.87 -1.55 22.96
N GLN A 128 15.05 -1.72 23.52
CA GLN A 128 16.20 -1.02 22.98
C GLN A 128 16.85 -1.88 21.92
N VAL A 129 17.30 -1.24 20.84
CA VAL A 129 18.07 -2.00 19.84
C VAL A 129 19.25 -2.67 20.53
N PRO A 130 19.42 -3.99 20.40
CA PRO A 130 20.53 -4.67 21.10
C PRO A 130 21.89 -4.06 20.77
N PHE A 131 22.79 -4.10 21.75
CA PHE A 131 24.08 -3.44 21.57
C PHE A 131 24.86 -4.04 20.42
N ILE A 132 24.69 -5.34 20.14
CA ILE A 132 25.40 -5.97 19.03
C ILE A 132 25.00 -5.33 17.71
N LEU A 133 23.72 -4.94 17.57
CA LEU A 133 23.32 -4.30 16.32
C LEU A 133 23.77 -2.83 16.28
N ILE A 134 23.64 -2.11 17.41
CA ILE A 134 24.12 -0.74 17.50
C ILE A 134 25.59 -0.70 17.13
N LYS A 135 26.36 -1.70 17.58
CA LYS A 135 27.75 -1.80 17.15
C LYS A 135 27.84 -2.10 15.65
N LEU A 136 27.14 -3.15 15.18
CA LEU A 136 27.22 -3.53 13.77
C LEU A 136 26.84 -2.37 12.85
N TYR A 137 25.73 -1.71 13.14
CA TYR A 137 25.27 -0.65 12.24
C TYR A 137 26.21 0.54 12.26
N THR A 138 26.66 0.99 13.45
CA THR A 138 27.54 2.16 13.51
C THR A 138 28.88 1.86 12.86
N TYR A 139 29.43 0.67 13.09
CA TYR A 139 30.67 0.28 12.44
C TYR A 139 30.56 0.36 10.93
N GLN A 140 29.58 -0.35 10.36
CA GLN A 140 29.44 -0.39 8.91
C GLN A 140 29.17 0.97 8.32
N MET A 141 28.43 1.81 9.07
CA MET A 141 28.18 3.18 8.63
C MET A 141 29.47 3.97 8.58
N CYS A 142 30.30 3.85 9.63
CA CYS A 142 31.60 4.52 9.68
C CYS A 142 32.50 4.07 8.55
N ARG A 143 32.57 2.74 8.34
CA ARG A 143 33.44 2.21 7.30
C ARG A 143 32.98 2.64 5.93
N ALA A 144 31.66 2.61 5.68
CA ALA A 144 31.13 3.12 4.42
C ALA A 144 31.48 4.58 4.25
N LEU A 145 31.33 5.37 5.31
CA LEU A 145 31.63 6.79 5.18
C LEU A 145 33.13 7.07 5.13
N GLY A 146 33.94 6.27 5.81
CA GLY A 146 35.38 6.43 5.69
C GLY A 146 35.86 6.20 4.27
N TYR A 147 35.34 5.16 3.62
CA TYR A 147 35.67 4.91 2.22
C TYR A 147 35.25 6.09 1.35
N LEU A 148 33.98 6.49 1.45
CA LEU A 148 33.47 7.64 0.71
C LEU A 148 34.38 8.86 0.83
N HIS A 149 34.86 9.15 2.05
CA HIS A 149 35.77 10.29 2.23
C HIS A 149 37.12 10.03 1.55
N ALA A 150 37.59 8.78 1.57
CA ALA A 150 38.89 8.49 0.96
C ALA A 150 38.91 8.86 -0.52
N LEU A 151 37.78 8.81 -1.22
CA LEU A 151 37.64 9.29 -2.59
C LEU A 151 37.39 10.80 -2.67
N GLY A 152 37.25 11.49 -1.54
CA GLY A 152 36.96 12.91 -1.60
C GLY A 152 35.50 13.25 -1.72
N ILE A 153 34.62 12.25 -1.59
CA ILE A 153 33.19 12.43 -1.70
C ILE A 153 32.62 12.66 -0.31
N CYS A 154 31.65 13.56 -0.24
CA CYS A 154 30.88 13.86 0.96
C CYS A 154 29.42 13.51 0.69
N HIS A 155 28.82 12.70 1.58
CA HIS A 155 27.43 12.26 1.35
C HIS A 155 26.44 13.39 1.63
N ARG A 156 26.63 14.15 2.70
CA ARG A 156 25.92 15.38 3.06
C ARG A 156 24.47 15.19 3.50
N ASP A 157 23.94 13.97 3.50
CA ASP A 157 22.60 13.72 4.02
C ASP A 157 22.49 12.32 4.60
N ILE A 158 23.35 11.98 5.55
CA ILE A 158 23.27 10.70 6.25
C ILE A 158 22.17 10.76 7.29
N LYS A 159 21.26 9.81 7.23
CA LYS A 159 20.15 9.71 8.18
C LYS A 159 19.73 8.26 8.24
N PRO A 160 18.95 7.86 9.26
CA PRO A 160 18.52 6.45 9.32
C PRO A 160 17.85 5.98 8.04
N GLN A 161 17.11 6.85 7.37
CA GLN A 161 16.36 6.50 6.17
C GLN A 161 17.27 6.17 4.97
N ASN A 162 18.56 6.53 5.02
CA ASN A 162 19.51 6.24 3.94
C ASN A 162 20.31 4.99 4.19
N LEU A 163 20.20 4.40 5.36
CA LEU A 163 21.05 3.29 5.74
C LEU A 163 20.26 2.01 5.48
N LEU A 164 20.54 1.39 4.36
CA LEU A 164 19.88 0.13 4.05
C LEU A 164 20.38 -0.95 5.00
N VAL A 165 19.48 -1.86 5.37
CA VAL A 165 19.79 -2.93 6.31
C VAL A 165 19.15 -4.21 5.82
N ASP A 166 19.85 -5.32 5.97
CA ASP A 166 19.26 -6.62 5.73
C ASP A 166 19.20 -7.35 7.05
N SER A 167 17.99 -7.55 7.56
CA SER A 167 17.81 -8.19 8.86
C SER A 167 18.47 -9.57 8.96
N ARG A 168 18.63 -10.27 7.85
CA ARG A 168 19.05 -11.66 7.95
C ARG A 168 20.54 -11.78 8.20
N THR A 169 21.31 -10.92 7.54
CA THR A 169 22.76 -10.84 7.67
C THR A 169 23.21 -9.65 8.51
N HIS A 170 22.30 -8.70 8.78
CA HIS A 170 22.61 -7.41 9.45
C HIS A 170 23.73 -6.66 8.74
N VAL A 171 23.73 -6.72 7.42
CA VAL A 171 24.54 -5.86 6.57
C VAL A 171 23.87 -4.49 6.49
N LEU A 172 24.69 -3.44 6.57
CA LEU A 172 24.26 -2.06 6.38
C LEU A 172 24.97 -1.46 5.18
N LYS A 173 24.24 -0.79 4.31
CA LYS A 173 24.84 -0.13 3.15
C LYS A 173 24.40 1.31 3.06
N LEU A 174 25.32 2.19 2.69
CA LEU A 174 24.98 3.57 2.37
C LEU A 174 24.26 3.66 1.03
N CYS A 175 23.40 4.66 0.91
CA CYS A 175 22.71 4.91 -0.36
C CYS A 175 22.20 6.34 -0.38
N ASP A 176 21.42 6.65 -1.43
CA ASP A 176 20.82 7.96 -1.64
C ASP A 176 21.90 9.00 -1.82
N PHE A 177 22.50 8.99 -3.00
CA PHE A 177 23.60 9.89 -3.32
C PHE A 177 23.16 11.13 -4.10
N GLY A 178 21.86 11.44 -4.08
CA GLY A 178 21.41 12.67 -4.71
C GLY A 178 22.01 13.92 -4.09
N SER A 179 22.57 13.82 -2.87
CA SER A 179 23.26 14.93 -2.23
C SER A 179 24.77 14.78 -2.18
N ALA A 180 25.34 13.64 -2.59
CA ALA A 180 26.78 13.49 -2.54
C ALA A 180 27.47 14.50 -3.46
N LYS A 181 28.75 14.77 -3.16
CA LYS A 181 29.51 15.80 -3.87
C LYS A 181 30.96 15.76 -3.39
N ARG A 182 31.89 16.03 -4.32
CA ARG A 182 33.32 16.17 -4.03
C ARG A 182 33.64 17.62 -3.64
N LEU A 183 33.23 17.99 -2.42
CA LEU A 183 33.57 19.27 -1.79
C LEU A 183 34.82 19.95 -2.36
N VAL A 184 34.64 20.99 -3.18
CA VAL A 184 35.78 21.72 -3.74
C VAL A 184 35.94 23.02 -2.96
N PRO A 185 37.11 23.29 -2.34
CA PRO A 185 37.27 24.54 -1.57
C PRO A 185 36.99 25.78 -2.40
N GLY A 186 35.87 26.45 -2.13
CA GLY A 186 35.46 27.65 -2.84
C GLY A 186 34.16 27.53 -3.60
N GLU A 187 33.03 27.45 -2.88
CA GLU A 187 31.71 27.36 -3.50
C GLU A 187 30.62 27.48 -2.44
N GLN A 188 29.39 27.10 -2.80
CA GLN A 188 28.25 27.12 -1.86
C GLN A 188 27.33 25.94 -2.12
N ILE A 193 20.17 21.83 2.00
CA ILE A 193 19.39 20.59 2.17
C ILE A 193 18.29 20.73 3.22
N CYS A 194 17.15 20.07 2.99
CA CYS A 194 15.99 20.17 3.85
C CYS A 194 15.81 18.98 4.80
N SER A 195 16.85 18.19 5.03
CA SER A 195 16.86 17.20 6.12
C SER A 195 17.20 17.92 7.43
N ARG A 196 16.50 17.56 8.50
CA ARG A 196 16.48 18.45 9.64
C ARG A 196 17.34 18.00 10.82
N PHE A 197 17.15 16.78 11.35
CA PHE A 197 17.69 16.41 12.67
C PHE A 197 19.17 16.03 12.72
N TYR A 198 19.79 15.69 11.57
CA TYR A 198 21.10 15.05 11.56
C TYR A 198 22.16 15.92 10.90
N ARG A 199 21.83 17.17 10.61
CA ARG A 199 22.76 18.10 10.00
C ARG A 199 23.73 18.66 11.04
N ALA A 200 24.99 18.88 10.63
CA ALA A 200 26.04 19.42 11.50
C ALA A 200 25.78 20.88 11.86
N PRO A 201 26.24 21.34 13.03
CA PRO A 201 25.97 22.74 13.43
C PRO A 201 26.49 23.76 12.45
N GLU A 202 27.63 23.50 11.82
CA GLU A 202 28.14 24.44 10.85
C GLU A 202 27.17 24.60 9.69
N LEU A 203 26.46 23.51 9.32
CA LEU A 203 25.46 23.59 8.25
C LEU A 203 24.28 24.48 8.66
N MET A 204 23.84 24.39 9.91
CA MET A 204 22.70 25.19 10.36
C MET A 204 23.03 26.68 10.54
N LEU A 205 24.31 27.04 10.59
CA LEU A 205 24.74 28.42 10.41
C LEU A 205 25.05 28.61 8.91
N GLY A 206 24.86 29.84 8.41
CA GLY A 206 25.16 30.06 6.99
C GLY A 206 26.60 29.80 6.57
N ALA A 207 27.05 28.54 6.69
CA ALA A 207 28.48 28.20 6.60
C ALA A 207 29.11 28.53 5.24
N SER A 208 28.69 27.85 4.16
CA SER A 208 29.16 28.06 2.80
C SER A 208 30.55 27.47 2.56
N GLU A 209 31.26 27.11 3.63
CA GLU A 209 32.42 26.24 3.53
C GLU A 209 32.34 25.24 4.67
N TYR A 210 32.57 23.98 4.35
CA TYR A 210 32.58 22.93 5.35
C TYR A 210 33.41 21.79 4.77
N THR A 211 33.60 20.76 5.58
CA THR A 211 34.41 19.61 5.22
C THR A 211 33.55 18.36 5.34
N THR A 212 34.16 17.22 5.01
CA THR A 212 33.47 15.94 5.16
C THR A 212 33.07 15.66 6.61
N ALA A 213 33.52 16.50 7.55
CA ALA A 213 33.18 16.25 8.95
C ALA A 213 31.67 16.30 9.21
N ILE A 214 30.89 16.92 8.30
CA ILE A 214 29.45 16.99 8.50
C ILE A 214 28.84 15.58 8.51
N ASP A 215 29.40 14.65 7.71
CA ASP A 215 28.96 13.25 7.72
C ASP A 215 29.25 12.59 9.06
N VAL A 216 30.36 12.97 9.69
CA VAL A 216 30.70 12.44 11.01
C VAL A 216 29.73 12.95 12.06
N TRP A 217 29.30 14.20 11.96
CA TRP A 217 28.26 14.65 12.88
C TRP A 217 27.00 13.81 12.73
N SER A 218 26.60 13.47 11.50
CA SER A 218 25.42 12.63 11.29
C SER A 218 25.60 11.25 11.91
N ILE A 219 26.75 10.61 11.66
CA ILE A 219 27.08 9.34 12.31
C ILE A 219 26.81 9.42 13.79
N GLY A 220 27.20 10.54 14.43
CA GLY A 220 26.92 10.73 15.84
C GLY A 220 25.43 10.79 16.16
N CYS A 221 24.66 11.48 15.33
CA CYS A 221 23.23 11.56 15.60
C CYS A 221 22.54 10.22 15.43
N VAL A 222 23.01 9.41 14.48
CA VAL A 222 22.43 8.09 14.29
C VAL A 222 22.78 7.18 15.47
N LEU A 223 24.07 7.10 15.82
CA LEU A 223 24.46 6.38 17.02
C LEU A 223 23.70 6.90 18.23
N GLY A 224 23.53 8.22 18.34
CA GLY A 224 22.77 8.77 19.45
C GLY A 224 21.34 8.26 19.48
N GLU A 225 20.66 8.30 18.34
CA GLU A 225 19.28 7.83 18.29
C GLU A 225 19.20 6.32 18.48
N LEU A 226 20.19 5.59 17.99
CA LEU A 226 20.16 4.15 18.22
C LEU A 226 20.13 3.84 19.71
N LEU A 227 20.88 4.60 20.51
CA LEU A 227 20.90 4.37 21.95
C LEU A 227 19.71 4.96 22.67
N LEU A 228 19.18 6.09 22.21
CA LEU A 228 18.14 6.80 22.95
C LEU A 228 16.71 6.41 22.57
N GLY A 229 16.49 5.87 21.36
CA GLY A 229 15.15 5.59 20.90
C GLY A 229 14.43 6.75 20.27
N ARG A 230 15.11 7.89 20.11
CA ARG A 230 14.54 9.10 19.54
C ARG A 230 15.70 10.01 19.16
N PRO A 231 15.47 10.98 18.28
CA PRO A 231 16.57 11.84 17.84
C PRO A 231 17.23 12.61 18.98
N LEU A 232 18.56 12.74 18.90
CA LEU A 232 19.28 13.47 19.95
C LEU A 232 18.87 14.94 19.98
N PHE A 233 18.70 15.57 18.82
CA PHE A 233 18.41 17.00 18.73
C PHE A 233 17.24 17.19 17.77
N ALA A 234 16.05 16.75 18.17
CA ALA A 234 14.89 16.85 17.30
C ALA A 234 14.27 18.23 17.50
N GLY A 235 14.28 19.04 16.45
CA GLY A 235 13.61 20.32 16.45
C GLY A 235 13.29 20.63 15.01
N GLU A 236 12.13 21.20 14.74
CA GLU A 236 11.70 21.30 13.34
C GLU A 236 12.59 22.25 12.53
N THR A 237 13.16 23.29 13.13
CA THR A 237 13.91 24.28 12.33
C THR A 237 15.41 24.45 12.65
N VAL A 239 17.05 26.78 13.60
CA VAL A 239 17.28 27.54 14.83
C VAL A 239 16.97 26.71 16.08
N ASP A 240 15.79 26.10 16.10
CA ASP A 240 15.39 25.23 17.20
C ASP A 240 16.41 24.14 17.51
N GLN A 241 17.17 23.69 16.50
CA GLN A 241 18.06 22.55 16.67
C GLN A 241 19.37 22.98 17.30
N LEU A 242 19.97 24.04 16.74
CA LEU A 242 21.07 24.70 17.44
C LEU A 242 20.73 24.91 18.92
N VAL A 243 19.53 25.37 19.22
CA VAL A 243 19.16 25.54 20.62
C VAL A 243 19.20 24.21 21.36
N LYS A 244 18.63 23.16 20.77
CA LYS A 244 18.58 21.89 21.45
C LYS A 244 19.98 21.29 21.62
N ILE A 245 20.88 21.55 20.67
CA ILE A 245 22.27 21.08 20.75
C ILE A 245 23.01 21.78 21.88
N ILE A 246 22.83 23.11 21.98
CA ILE A 246 23.45 23.89 23.05
C ILE A 246 22.99 23.44 24.42
N GLN A 247 21.72 23.10 24.56
CA GLN A 247 21.23 22.68 25.87
C GLN A 247 21.87 21.37 26.33
N ILE A 248 22.67 20.77 25.44
CA ILE A 248 23.38 19.52 25.71
C ILE A 248 24.88 19.70 25.58
N LEU A 249 25.34 20.24 24.45
CA LEU A 249 26.77 20.41 24.23
C LEU A 249 27.34 21.64 24.93
N GLY A 250 26.49 22.47 25.53
CA GLY A 250 26.91 23.72 26.12
C GLY A 250 27.05 24.83 25.07
N THR A 251 27.29 26.04 25.56
CA THR A 251 27.44 27.17 24.65
C THR A 251 28.79 27.08 23.96
N PRO A 252 28.85 27.24 22.64
CA PRO A 252 30.14 27.14 21.96
C PRO A 252 31.06 28.29 22.30
N SER A 253 32.34 27.96 22.46
CA SER A 253 33.35 28.96 22.72
C SER A 253 33.49 29.85 21.50
N ARG A 254 34.08 31.02 21.70
CA ARG A 254 34.24 31.94 20.58
C ARG A 254 35.04 31.29 19.47
N ARG A 255 36.01 30.44 19.80
CA ARG A 255 36.82 29.79 18.77
C ARG A 255 36.09 28.60 18.15
N GLN A 256 35.32 27.84 18.95
CA GLN A 256 34.49 26.77 18.42
C GLN A 256 33.53 27.33 17.37
N MET A 257 32.75 28.35 17.73
CA MET A 257 32.17 29.18 16.69
C MET A 257 33.33 29.77 15.91
N SER A 258 33.20 29.84 14.59
CA SER A 258 34.24 30.31 13.65
C SER A 258 35.01 29.13 13.07
N THR A 259 35.11 28.02 13.79
CA THR A 259 35.51 26.82 13.08
C THR A 259 34.31 26.22 12.40
N MET A 260 33.11 26.71 12.76
CA MET A 260 31.83 26.36 12.17
C MET A 260 31.35 27.45 11.22
N ASN A 261 31.09 28.64 11.72
CA ASN A 261 30.85 29.71 10.77
C ASN A 261 31.58 30.97 11.23
N PRO A 262 32.62 31.40 10.51
CA PRO A 262 33.33 32.61 10.91
C PRO A 262 32.46 33.88 10.98
N ASN A 263 31.43 34.01 10.13
CA ASN A 263 30.52 35.17 10.16
C ASN A 263 29.81 35.35 11.50
N TYR A 264 29.82 34.36 12.39
CA TYR A 264 29.10 34.43 13.66
C TYR A 264 30.02 34.29 14.87
N THR A 265 31.34 34.56 14.70
CA THR A 265 32.30 34.43 15.79
C THR A 265 31.93 35.25 17.02
N GLU A 266 31.67 36.57 16.83
CA GLU A 266 31.31 37.41 17.95
C GLU A 266 29.85 37.36 18.31
N PHE A 267 29.15 36.32 17.86
CA PHE A 267 27.73 36.17 18.14
C PHE A 267 27.60 35.36 19.42
N ARG A 268 27.07 35.99 20.45
CA ARG A 268 26.90 35.33 21.72
C ARG A 268 25.53 34.69 21.82
N PHE A 269 25.51 33.48 22.33
CA PHE A 269 24.33 32.74 22.69
C PHE A 269 24.11 32.83 24.18
N PRO A 270 22.88 32.55 24.65
CA PRO A 270 22.68 32.46 26.09
C PRO A 270 23.65 31.43 26.66
N ASP A 271 24.04 31.61 27.91
CA ASP A 271 25.06 30.76 28.50
C ASP A 271 24.44 29.51 29.08
N VAL A 272 24.63 28.39 28.40
CA VAL A 272 24.15 27.08 28.81
C VAL A 272 25.32 26.25 29.28
N LYS A 273 25.12 25.55 30.37
CA LYS A 273 26.14 24.63 30.86
C LYS A 273 26.06 23.31 30.11
N PRO A 274 27.19 22.68 29.80
CA PRO A 274 27.18 21.36 29.13
C PRO A 274 26.60 20.26 30.01
N ARG A 275 25.65 19.49 29.46
CA ARG A 275 25.11 18.32 30.15
C ARG A 275 26.02 17.10 30.01
N GLU A 276 25.67 16.05 30.74
CA GLU A 276 26.45 14.83 30.79
C GLU A 276 25.64 13.75 30.09
N TRP A 277 26.30 12.98 29.21
CA TRP A 277 25.51 12.01 28.44
C TRP A 277 24.90 10.96 29.37
N LYS A 278 25.59 10.59 30.44
CA LYS A 278 24.98 9.66 31.38
C LYS A 278 23.72 10.25 31.99
N SER A 279 23.63 11.57 32.06
CA SER A 279 22.39 12.19 32.51
C SER A 279 21.28 11.96 31.50
N ILE A 280 21.53 12.27 30.22
CA ILE A 280 20.53 12.09 29.17
C ILE A 280 20.08 10.63 29.09
N PHE A 281 21.04 9.70 29.22
CA PHE A 281 20.78 8.26 29.15
C PHE A 281 20.61 7.62 30.54
N ALA A 282 20.50 8.41 31.60
CA ALA A 282 20.35 7.84 32.94
C ALA A 282 19.32 6.72 33.01
N SER A 283 18.12 6.93 32.47
CA SER A 283 17.08 5.91 32.54
C SER A 283 17.44 4.68 31.70
N HIS A 284 18.04 4.88 30.52
CA HIS A 284 18.47 3.75 29.71
C HIS A 284 19.60 2.99 30.40
N ILE A 285 20.57 3.72 30.95
CA ILE A 285 21.65 3.10 31.73
C ILE A 285 21.06 2.40 32.94
N ALA A 286 19.99 2.95 33.51
CA ALA A 286 19.32 2.32 34.65
C ALA A 286 18.75 0.95 34.29
N SER A 287 17.82 0.88 33.33
CA SER A 287 17.13 -0.37 33.02
C SER A 287 18.10 -1.50 32.67
N THR A 288 19.14 -1.22 31.89
CA THR A 288 19.99 -2.27 31.35
C THR A 288 21.06 -2.63 32.40
N GLU A 289 20.82 -3.71 33.13
CA GLU A 289 21.78 -4.13 34.13
C GLU A 289 23.05 -4.64 33.45
N THR A 290 24.08 -4.87 34.27
CA THR A 290 25.40 -5.24 33.76
C THR A 290 25.77 -4.27 32.64
N ASN A 291 25.83 -2.99 33.04
CA ASN A 291 26.16 -1.87 32.17
C ASN A 291 27.26 -2.25 31.21
N ASP A 292 28.26 -2.97 31.74
CA ASP A 292 29.44 -3.37 31.01
C ASP A 292 30.13 -2.13 30.49
N PRO A 293 31.19 -2.26 29.70
CA PRO A 293 31.70 -1.07 29.01
C PRO A 293 30.88 -0.66 27.80
N SER A 294 29.83 -1.40 27.45
CA SER A 294 29.02 -1.04 26.29
C SER A 294 28.50 0.38 26.40
N TRP A 295 27.84 0.70 27.52
CA TRP A 295 27.34 2.06 27.71
C TRP A 295 28.48 3.06 27.79
N ASP A 296 29.54 2.72 28.51
CA ASP A 296 30.67 3.64 28.60
C ASP A 296 31.34 3.83 27.25
N GLN A 297 31.54 2.74 26.50
CA GLN A 297 32.21 2.87 25.21
C GLN A 297 31.34 3.59 24.20
N ALA A 298 30.03 3.33 24.21
CA ALA A 298 29.14 4.02 23.28
C ALA A 298 29.11 5.52 23.56
N LEU A 299 29.00 5.89 24.85
CA LEU A 299 28.99 7.31 25.20
C LEU A 299 30.36 7.97 25.01
N ASP A 300 31.47 7.25 25.19
CA ASP A 300 32.75 7.84 24.84
C ASP A 300 32.82 8.11 23.34
N LEU A 301 32.33 7.15 22.54
CA LEU A 301 32.30 7.30 21.10
C LEU A 301 31.27 8.35 20.66
N LEU A 302 30.11 8.42 21.34
CA LEU A 302 29.20 9.52 21.07
C LEU A 302 29.85 10.87 21.34
N THR A 303 30.61 10.98 22.44
CA THR A 303 31.28 12.24 22.75
C THR A 303 32.28 12.65 21.68
N LYS A 304 33.07 11.69 21.17
CA LYS A 304 34.10 12.02 20.19
C LYS A 304 33.52 12.36 18.82
N PHE A 305 32.28 11.97 18.52
CA PHE A 305 31.64 12.37 17.26
C PHE A 305 31.06 13.77 17.37
N LEU A 306 30.33 14.05 18.46
CA LEU A 306 29.46 15.21 18.52
C LEU A 306 30.25 16.34 19.14
N ARG A 307 31.02 16.99 18.28
CA ARG A 307 31.91 18.07 18.67
C ARG A 307 31.68 19.26 17.76
N TYR A 308 31.64 20.45 18.35
CA TYR A 308 31.43 21.66 17.58
C TYR A 308 32.48 21.84 16.51
N GLU A 309 33.75 21.82 16.90
CA GLU A 309 34.77 22.04 15.91
C GLU A 309 34.82 20.86 14.95
N PRO A 310 34.49 21.06 13.66
CA PRO A 310 34.53 19.94 12.72
C PRO A 310 35.86 19.23 12.69
N GLY A 311 36.96 19.98 12.83
CA GLY A 311 38.29 19.40 12.79
C GLY A 311 38.64 18.49 13.94
N GLU A 312 37.93 18.58 15.05
CA GLU A 312 38.19 17.73 16.21
C GLU A 312 37.34 16.47 16.21
N ARG A 313 36.46 16.30 15.24
CA ARG A 313 35.59 15.14 15.26
C ARG A 313 36.37 13.90 14.85
N LEU A 314 36.14 12.81 15.58
CA LEU A 314 36.79 11.54 15.31
C LEU A 314 36.51 11.09 13.86
N LEU A 315 37.58 10.86 13.09
CA LEU A 315 37.42 10.45 11.68
C LEU A 315 36.77 9.05 11.60
N PRO A 316 36.00 8.77 10.52
CA PRO A 316 35.16 7.56 10.52
C PRO A 316 35.95 6.27 10.51
N LEU A 317 37.02 6.19 9.70
CA LEU A 317 37.80 4.95 9.70
C LEU A 317 38.55 4.78 11.01
N GLU A 318 39.04 5.90 11.58
CA GLU A 318 39.66 5.89 12.90
C GLU A 318 38.70 5.36 13.95
N ALA A 319 37.42 5.69 13.83
CA ALA A 319 36.40 5.27 14.78
C ALA A 319 36.27 3.76 14.80
N LEU A 320 36.65 3.08 13.71
CA LEU A 320 36.51 1.63 13.65
C LEU A 320 37.32 0.97 14.74
N ALA A 321 38.45 1.57 15.14
CA ALA A 321 39.36 0.99 16.12
C ALA A 321 38.90 1.18 17.56
N HIS A 322 37.83 1.92 17.78
CA HIS A 322 37.36 2.23 19.12
C HIS A 322 36.98 0.96 19.89
N ASP A 323 37.12 1.02 21.21
CA ASP A 323 36.82 -0.13 22.07
C ASP A 323 35.37 -0.59 21.96
N PHE A 324 34.46 0.30 21.57
CA PHE A 324 33.05 -0.06 21.43
C PHE A 324 32.88 -1.22 20.50
N PHE A 325 33.76 -1.36 19.51
CA PHE A 325 33.63 -2.40 18.50
C PHE A 325 34.46 -3.64 18.80
N ASP A 326 35.16 -3.71 19.94
CA ASP A 326 36.01 -4.86 20.27
C ASP A 326 35.24 -6.17 20.22
N GLU A 327 33.95 -6.16 20.57
CA GLU A 327 33.16 -7.37 20.47
C GLU A 327 33.07 -7.86 19.03
N LEU A 328 32.97 -6.93 18.06
CA LEU A 328 32.90 -7.36 16.67
C LEU A 328 34.15 -8.11 16.24
N ARG A 329 35.26 -7.93 16.93
CA ARG A 329 36.51 -8.57 16.52
C ARG A 329 36.79 -9.88 17.23
N LEU A 330 36.00 -10.25 18.24
CA LEU A 330 36.20 -11.55 18.87
C LEU A 330 35.75 -12.65 17.92
N PRO A 331 36.50 -13.75 17.83
CA PRO A 331 36.14 -14.83 16.89
C PRO A 331 34.82 -15.54 17.20
N SER A 332 34.45 -15.65 18.47
CA SER A 332 33.24 -16.35 18.86
C SER A 332 31.99 -15.51 18.70
N THR A 333 32.12 -14.21 18.43
CA THR A 333 30.95 -13.34 18.34
C THR A 333 30.09 -13.71 17.14
N ARG A 334 28.78 -13.73 17.36
CA ARG A 334 27.81 -14.02 16.31
C ARG A 334 26.68 -12.99 16.35
N LEU A 335 25.82 -13.05 15.31
CA LEU A 335 24.55 -12.32 15.34
C LEU A 335 23.67 -12.89 16.43
N PRO A 336 22.70 -12.12 16.92
CA PRO A 336 21.70 -12.69 17.84
C PRO A 336 20.97 -13.94 17.24
N SER A 337 20.75 -13.96 15.93
CA SER A 337 20.17 -15.15 15.32
C SER A 337 21.03 -16.37 15.57
N GLY A 338 22.33 -16.17 15.76
CA GLY A 338 23.30 -17.25 15.71
C GLY A 338 24.14 -17.25 14.46
N GLY A 339 23.70 -16.56 13.40
CA GLY A 339 24.42 -16.57 12.16
C GLY A 339 25.76 -15.87 12.29
N PRO A 340 26.57 -15.94 11.23
CA PRO A 340 27.88 -15.29 11.27
C PRO A 340 27.78 -13.79 11.06
N LEU A 341 28.80 -13.09 11.51
CA LEU A 341 28.85 -11.65 11.31
C LEU A 341 29.08 -11.36 9.83
N PRO A 342 28.57 -10.22 9.33
CA PRO A 342 28.82 -9.82 7.94
C PRO A 342 30.24 -9.35 7.71
N GLU A 343 30.54 -8.99 6.47
CA GLU A 343 31.84 -8.41 6.15
C GLU A 343 32.12 -7.25 7.08
N LEU A 344 33.29 -7.30 7.72
CA LEU A 344 33.73 -6.24 8.61
C LEU A 344 35.20 -5.89 8.49
N PHE A 345 36.05 -6.81 8.02
CA PHE A 345 37.48 -6.64 8.21
C PHE A 345 38.33 -6.73 6.95
N THR A 346 37.82 -7.22 5.83
CA THR A 346 38.68 -7.36 4.65
C THR A 346 38.85 -5.99 4.00
N PHE A 347 39.67 -5.17 4.64
CA PHE A 347 39.87 -3.79 4.21
C PHE A 347 40.58 -3.72 2.87
N SER A 348 40.10 -2.84 2.00
CA SER A 348 40.81 -2.60 0.76
C SER A 348 42.14 -1.91 1.05
N GLN A 349 42.96 -1.74 0.00
CA GLN A 349 44.22 -1.04 0.22
C GLN A 349 43.97 0.44 0.41
N LEU A 350 42.95 0.99 -0.25
CA LEU A 350 42.61 2.40 -0.10
C LEU A 350 42.16 2.71 1.32
N GLU A 351 41.37 1.81 1.91
CA GLU A 351 40.92 1.97 3.29
C GLU A 351 42.12 2.04 4.22
N LEU A 352 43.08 1.13 4.04
CA LEU A 352 44.23 1.08 4.93
C LEU A 352 45.07 2.36 4.80
N GLN A 353 45.22 2.87 3.59
CA GLN A 353 46.01 4.07 3.41
C GLN A 353 45.40 5.26 4.14
N ASN A 354 44.08 5.23 4.35
CA ASN A 354 43.38 6.31 5.03
C ASN A 354 43.05 5.92 6.46
N MET A 355 43.85 5.02 7.03
CA MET A 355 43.76 4.65 8.43
C MET A 355 45.11 4.92 9.06
N SER A 356 45.08 5.52 10.24
CA SER A 356 46.32 5.70 10.98
C SER A 356 46.93 4.33 11.22
N PRO A 357 48.26 4.23 11.21
CA PRO A 357 48.89 2.92 11.50
C PRO A 357 48.42 2.33 12.83
N ALA A 358 48.22 3.19 13.84
CA ALA A 358 47.71 2.76 15.14
C ALA A 358 46.36 2.05 15.02
N ALA A 359 45.51 2.55 14.12
CA ALA A 359 44.19 1.96 13.96
C ALA A 359 44.27 0.60 13.28
N GLN A 360 45.20 0.45 12.32
CA GLN A 360 45.26 -0.76 11.48
C GLN A 360 45.57 -2.00 12.29
N VAL A 361 46.50 -1.90 13.24
CA VAL A 361 46.81 -3.08 14.04
C VAL A 361 45.63 -3.45 14.91
N LYS A 362 44.86 -2.45 15.35
CA LYS A 362 43.70 -2.71 16.20
C LYS A 362 42.53 -3.27 15.42
N CYS A 363 42.37 -2.85 14.16
CA CYS A 363 41.16 -3.18 13.43
C CYS A 363 41.22 -4.54 12.78
N ILE A 364 42.39 -4.92 12.24
CA ILE A 364 42.58 -6.25 11.67
C ILE A 364 42.58 -7.23 12.86
N PRO A 365 41.61 -8.15 12.96
CA PRO A 365 41.65 -9.07 14.10
C PRO A 365 42.73 -10.15 13.93
N THR B 27 -8.41 11.72 -22.25
CA THR B 27 -8.87 13.01 -22.74
C THR B 27 -7.70 13.99 -22.96
N TYR B 28 -6.48 13.56 -22.66
CA TYR B 28 -5.32 14.43 -22.55
C TYR B 28 -4.09 13.81 -23.20
N ASP B 29 -3.38 14.62 -23.98
CA ASP B 29 -2.02 14.32 -24.41
C ASP B 29 -1.03 14.96 -23.43
N ILE B 30 -0.28 14.13 -22.70
CA ILE B 30 0.71 14.64 -21.76
C ILE B 30 2.01 14.85 -22.52
N GLY B 31 2.54 16.08 -22.51
CA GLY B 31 3.79 16.33 -23.20
C GLY B 31 4.66 17.47 -22.70
N ARG B 32 5.88 17.18 -22.24
CA ARG B 32 6.87 18.13 -21.72
C ARG B 32 6.64 18.48 -20.26
N VAL B 33 7.70 18.37 -19.47
CA VAL B 33 7.64 18.62 -18.04
C VAL B 33 7.94 20.08 -17.79
N LEU B 34 6.98 20.77 -17.17
CA LEU B 34 7.12 22.14 -16.67
C LEU B 34 7.65 22.05 -15.24
N GLY B 35 8.96 22.07 -15.07
CA GLY B 35 9.52 21.94 -13.72
C GLY B 35 8.82 21.02 -12.72
N ASN B 36 8.99 21.28 -11.42
CA ASN B 36 8.39 20.48 -10.35
C ASN B 36 7.54 21.33 -9.40
N GLY B 37 6.29 20.92 -9.24
CA GLY B 37 5.42 21.49 -8.23
C GLY B 37 5.75 20.90 -6.88
N SER B 38 4.73 20.77 -6.02
CA SER B 38 4.92 20.20 -4.69
C SER B 38 5.48 18.78 -4.77
N PHE B 39 6.79 18.71 -5.08
CA PHE B 39 7.59 17.50 -5.24
C PHE B 39 7.06 16.66 -6.40
N GLY B 40 5.73 16.43 -6.46
CA GLY B 40 5.13 15.80 -7.63
C GLY B 40 5.58 16.51 -8.90
N VAL B 41 5.31 15.95 -10.08
CA VAL B 41 5.76 16.57 -11.31
C VAL B 41 4.61 17.32 -11.96
N VAL B 42 4.90 18.49 -12.51
CA VAL B 42 3.94 19.26 -13.29
C VAL B 42 4.36 19.25 -14.75
N THR B 43 3.41 18.98 -15.64
CA THR B 43 3.69 18.89 -17.07
C THR B 43 2.62 19.61 -17.87
N GLU B 44 3.01 20.07 -19.06
CA GLU B 44 2.07 20.59 -20.04
C GLU B 44 1.23 19.45 -20.62
N ALA B 45 0.03 19.80 -21.08
CA ALA B 45 -0.87 18.81 -21.65
C ALA B 45 -1.90 19.53 -22.51
N ARG B 46 -2.41 18.80 -23.50
CA ARG B 46 -3.48 19.32 -24.36
C ARG B 46 -4.76 18.57 -24.08
N CYS B 47 -5.86 19.30 -23.85
CA CYS B 47 -7.16 18.66 -23.72
C CYS B 47 -7.66 18.41 -25.14
N VAL B 48 -7.80 17.14 -25.52
CA VAL B 48 -8.05 16.81 -26.92
C VAL B 48 -9.42 17.28 -27.40
N ASP B 49 -10.36 17.50 -26.48
CA ASP B 49 -11.70 17.91 -26.91
C ASP B 49 -11.70 19.32 -27.45
N THR B 50 -10.92 20.20 -26.82
CA THR B 50 -10.91 21.60 -27.13
C THR B 50 -9.64 22.06 -27.81
N GLY B 51 -8.59 21.23 -27.82
CA GLY B 51 -7.28 21.65 -28.27
C GLY B 51 -6.50 22.48 -27.28
N GLU B 52 -7.11 22.91 -26.17
CA GLU B 52 -6.45 23.78 -25.21
C GLU B 52 -5.35 23.06 -24.47
N VAL B 53 -4.39 23.84 -24.01
CA VAL B 53 -3.26 23.39 -23.23
C VAL B 53 -3.59 23.58 -21.76
N VAL B 54 -3.23 22.60 -20.95
CA VAL B 54 -3.50 22.67 -19.52
C VAL B 54 -2.26 22.21 -18.76
N ALA B 55 -2.31 22.35 -17.44
CA ALA B 55 -1.21 21.90 -16.61
C ALA B 55 -1.67 20.71 -15.80
N ILE B 56 -0.89 19.65 -15.81
CA ILE B 56 -1.23 18.43 -15.08
C ILE B 56 -0.15 18.17 -14.05
N LYS B 57 -0.51 18.26 -12.78
CA LYS B 57 0.35 17.86 -11.68
C LYS B 57 -0.05 16.45 -11.30
N LYS B 58 0.87 15.51 -11.47
CA LYS B 58 0.70 14.11 -11.10
C LYS B 58 1.42 13.85 -9.78
N VAL B 59 0.67 13.42 -8.76
CA VAL B 59 1.27 13.04 -7.49
C VAL B 59 0.86 11.61 -7.12
N LEU B 60 1.68 10.99 -6.29
CA LEU B 60 1.46 9.63 -5.83
C LEU B 60 0.56 9.67 -4.61
N GLN B 61 -0.72 9.33 -4.78
CA GLN B 61 -1.67 9.25 -3.68
C GLN B 61 -1.90 7.80 -3.27
N ASP B 62 -2.32 7.61 -2.00
CA ASP B 62 -2.84 6.33 -1.54
C ASP B 62 -4.37 6.37 -1.64
N PRO B 63 -5.00 5.56 -2.50
CA PRO B 63 -6.35 5.89 -2.98
C PRO B 63 -7.45 5.72 -1.94
N ARG B 64 -7.16 5.14 -0.78
CA ARG B 64 -8.16 4.97 0.26
C ARG B 64 -8.04 6.08 1.33
N LYS B 66 -7.39 10.08 0.78
CA LYS B 66 -7.88 11.44 0.57
C LYS B 66 -6.75 12.50 0.52
N ASN B 67 -6.73 13.25 -0.58
CA ASN B 67 -5.66 14.17 -0.96
C ASN B 67 -6.02 15.59 -0.56
N ARG B 68 -5.19 16.18 0.30
CA ARG B 68 -5.51 17.49 0.88
C ARG B 68 -5.49 18.60 -0.16
N GLU B 69 -4.45 18.61 -1.00
CA GLU B 69 -4.37 19.64 -2.04
C GLU B 69 -5.58 19.63 -2.98
N LEU B 70 -6.07 18.43 -3.40
CA LEU B 70 -7.19 18.40 -4.32
C LEU B 70 -8.51 18.79 -3.64
N ASP B 71 -8.74 18.36 -2.39
CA ASP B 71 -9.91 18.82 -1.67
C ASP B 71 -9.90 20.34 -1.51
N ILE B 72 -8.75 20.93 -1.20
CA ILE B 72 -8.66 22.38 -1.10
C ILE B 72 -8.94 23.03 -2.45
N MET B 73 -8.38 22.46 -3.53
CA MET B 73 -8.57 23.03 -4.86
C MET B 73 -10.04 23.05 -5.27
N LYS B 74 -10.80 22.01 -4.91
CA LYS B 74 -12.21 21.94 -5.25
C LYS B 74 -13.01 23.09 -4.67
N GLU B 75 -12.55 23.72 -3.60
CA GLU B 75 -13.31 24.82 -3.01
C GLU B 75 -13.04 26.14 -3.69
N LEU B 76 -11.85 26.34 -4.23
CA LEU B 76 -11.44 27.68 -4.62
C LEU B 76 -12.11 28.07 -5.92
N LYS B 77 -12.67 29.27 -5.96
CA LYS B 77 -13.10 29.91 -7.20
C LYS B 77 -12.82 31.39 -7.02
N HIS B 78 -11.89 31.93 -7.82
CA HIS B 78 -11.48 33.31 -7.62
C HIS B 78 -10.74 33.79 -8.85
N PRO B 79 -10.84 35.08 -9.18
CA PRO B 79 -10.18 35.56 -10.40
C PRO B 79 -8.68 35.40 -10.37
N ASN B 80 -8.07 35.22 -9.20
CA ASN B 80 -6.62 35.15 -9.06
C ASN B 80 -6.16 33.82 -8.44
N VAL B 81 -6.92 32.75 -8.66
CA VAL B 81 -6.49 31.40 -8.33
C VAL B 81 -6.59 30.57 -9.61
N VAL B 82 -5.64 29.64 -9.82
CA VAL B 82 -5.74 28.74 -10.95
C VAL B 82 -7.06 28.02 -10.90
N LYS B 83 -7.66 27.86 -12.08
CA LYS B 83 -8.84 27.02 -12.21
C LYS B 83 -8.44 25.55 -12.06
N LEU B 84 -9.19 24.82 -11.24
CA LEU B 84 -9.15 23.35 -11.27
C LEU B 84 -10.03 22.88 -12.43
N ILE B 85 -9.49 22.04 -13.31
CA ILE B 85 -10.22 21.63 -14.52
C ILE B 85 -10.76 20.22 -14.43
N ASP B 86 -9.94 19.25 -14.00
CA ASP B 86 -10.32 17.85 -14.00
C ASP B 86 -9.38 17.12 -13.06
N TYR B 87 -9.69 15.86 -12.78
CA TYR B 87 -8.72 15.01 -12.09
C TYR B 87 -9.05 13.54 -12.30
N PHE B 88 -8.02 12.72 -12.26
CA PHE B 88 -8.19 11.32 -12.56
C PHE B 88 -6.97 10.57 -12.03
N TYR B 89 -7.13 9.27 -11.83
CA TYR B 89 -6.02 8.46 -11.34
C TYR B 89 -5.38 7.71 -12.49
N THR B 90 -4.06 7.62 -12.48
CA THR B 90 -3.36 6.80 -13.47
C THR B 90 -3.61 5.33 -13.16
N GLU B 91 -3.71 4.52 -14.21
CA GLU B 91 -4.19 3.16 -14.01
C GLU B 91 -3.12 2.28 -13.38
N MET B 92 -1.99 2.11 -14.07
CA MET B 92 -0.90 1.21 -13.69
C MET B 92 -1.27 -0.24 -13.98
N GLY B 93 -2.51 -0.63 -13.71
CA GLY B 93 -2.99 -1.98 -14.01
C GLY B 93 -2.39 -3.08 -13.15
N GLU B 94 -1.06 -3.10 -13.04
CA GLU B 94 -0.33 -4.02 -12.19
C GLU B 94 -0.91 -4.04 -10.78
N ARG B 95 -1.80 -4.98 -10.52
CA ARG B 95 -2.26 -5.18 -9.15
C ARG B 95 -1.22 -5.98 -8.38
N ASP B 96 -1.26 -5.85 -7.07
CA ASP B 96 -0.26 -6.48 -6.22
C ASP B 96 -0.66 -6.33 -4.75
N SER B 97 -0.55 -7.41 -3.98
CA SER B 97 -0.95 -7.38 -2.57
C SER B 97 0.07 -6.61 -1.71
N ASN B 98 0.63 -5.53 -2.25
CA ASN B 98 1.55 -4.68 -1.52
C ASN B 98 1.13 -3.23 -1.66
N ASP B 99 1.29 -2.67 -2.86
CA ASP B 99 0.75 -1.37 -3.23
C ASP B 99 0.95 -1.16 -4.73
N HIS B 100 -0.14 -1.13 -5.50
CA HIS B 100 -0.06 -0.80 -6.92
C HIS B 100 0.12 0.71 -7.10
N ASN B 101 0.78 1.35 -6.13
CA ASN B 101 1.02 2.79 -5.97
C ASN B 101 -0.23 3.66 -6.18
N ARG B 102 -0.56 3.94 -7.45
CA ARG B 102 -1.60 4.85 -7.95
C ARG B 102 -1.15 6.31 -7.93
N PHE B 103 -1.43 7.02 -9.02
CA PHE B 103 -1.01 8.41 -9.21
C PHE B 103 -2.25 9.25 -9.44
N LEU B 104 -2.43 10.28 -8.62
CA LEU B 104 -3.47 11.27 -8.83
C LEU B 104 -2.99 12.30 -9.84
N ASN B 105 -3.85 12.64 -10.81
CA ASN B 105 -3.54 13.66 -11.81
C ASN B 105 -4.52 14.81 -11.62
N VAL B 106 -4.02 15.97 -11.18
CA VAL B 106 -4.83 17.17 -11.01
C VAL B 106 -4.61 18.04 -12.23
N VAL B 107 -5.67 18.37 -12.94
CA VAL B 107 -5.57 19.12 -14.19
C VAL B 107 -5.99 20.55 -13.93
N MET B 108 -5.12 21.49 -14.31
CA MET B 108 -5.31 22.88 -13.97
C MET B 108 -5.11 23.77 -15.18
N GLU B 109 -5.62 24.99 -15.03
CA GLU B 109 -5.42 26.07 -15.99
C GLU B 109 -3.93 26.30 -16.21
N HIS B 110 -3.55 26.46 -17.47
CA HIS B 110 -2.14 26.65 -17.80
C HIS B 110 -1.92 28.11 -18.09
N ILE B 111 -1.02 28.72 -17.33
CA ILE B 111 -0.61 30.10 -17.51
C ILE B 111 0.91 30.07 -17.70
N PRO B 112 1.46 30.76 -18.70
CA PRO B 112 2.83 30.43 -19.14
C PRO B 112 3.94 30.99 -18.29
N GLU B 113 3.69 31.92 -17.38
CA GLU B 113 4.79 32.58 -16.70
C GLU B 113 4.59 32.66 -15.18
N THR B 114 5.65 33.07 -14.48
CA THR B 114 5.54 33.42 -13.07
C THR B 114 6.10 34.83 -12.83
N VAL B 115 5.69 35.41 -11.71
CA VAL B 115 6.33 36.65 -11.24
C VAL B 115 7.82 36.45 -11.17
N TYR B 116 8.25 35.26 -10.75
CA TYR B 116 9.66 34.93 -10.73
C TYR B 116 10.33 35.18 -12.08
N ARG B 117 9.74 34.68 -13.14
CA ARG B 117 10.34 34.88 -14.46
C ARG B 117 10.37 36.34 -14.89
N VAL B 118 9.24 37.04 -14.73
CA VAL B 118 9.18 38.42 -15.19
C VAL B 118 10.24 39.24 -14.50
N MET B 119 10.48 38.96 -13.22
CA MET B 119 11.53 39.65 -12.50
C MET B 119 12.88 39.39 -13.14
N LYS B 120 13.27 38.12 -13.22
CA LYS B 120 14.60 37.81 -13.76
C LYS B 120 14.76 38.31 -15.19
N SER B 121 13.67 38.42 -15.93
CA SER B 121 13.73 39.04 -17.25
C SER B 121 14.14 40.50 -17.10
N PHE B 122 13.49 41.22 -16.18
CA PHE B 122 13.87 42.61 -15.96
C PHE B 122 15.26 42.71 -15.36
N LEU B 123 15.64 41.76 -14.50
CA LEU B 123 16.97 41.79 -13.91
C LEU B 123 18.04 41.73 -15.00
N ARG B 124 17.97 40.72 -15.88
CA ARG B 124 18.92 40.61 -17.00
C ARG B 124 19.00 41.89 -17.80
N ALA B 125 17.89 42.63 -17.89
CA ALA B 125 17.88 43.91 -18.60
C ALA B 125 18.39 45.05 -17.72
N ASN B 126 18.76 44.75 -16.48
CA ASN B 126 19.22 45.74 -15.52
C ASN B 126 18.23 46.91 -15.48
N GLN B 127 16.97 46.57 -15.26
CA GLN B 127 15.86 47.51 -15.36
C GLN B 127 14.88 47.14 -14.26
N GLN B 128 14.18 48.14 -13.75
CA GLN B 128 13.21 47.88 -12.70
C GLN B 128 11.86 47.56 -13.32
N VAL B 129 11.15 46.61 -12.71
CA VAL B 129 9.76 46.35 -13.11
C VAL B 129 8.94 47.64 -12.99
N PRO B 130 8.23 48.07 -14.03
CA PRO B 130 7.43 49.30 -13.95
C PRO B 130 6.48 49.30 -12.76
N PHE B 131 6.24 50.48 -12.19
CA PHE B 131 5.44 50.51 -10.95
C PHE B 131 4.02 50.02 -11.19
N ILE B 132 3.50 50.20 -12.40
CA ILE B 132 2.16 49.70 -12.72
C ILE B 132 2.10 48.17 -12.63
N LEU B 133 3.18 47.49 -13.02
CA LEU B 133 3.15 46.04 -12.90
C LEU B 133 3.31 45.62 -11.45
N ILE B 134 4.18 46.31 -10.71
CA ILE B 134 4.34 46.05 -9.28
C ILE B 134 3.03 46.26 -8.54
N LYS B 135 2.31 47.33 -8.90
CA LYS B 135 0.99 47.57 -8.31
C LYS B 135 0.00 46.47 -8.68
N LEU B 136 -0.12 46.14 -9.97
CA LEU B 136 -1.04 45.09 -10.40
C LEU B 136 -0.73 43.76 -9.74
N TYR B 137 0.56 43.37 -9.71
CA TYR B 137 0.89 42.06 -9.15
C TYR B 137 0.64 41.99 -7.65
N THR B 138 1.04 43.04 -6.90
CA THR B 138 0.86 43.00 -5.44
C THR B 138 -0.61 43.00 -5.09
N TYR B 139 -1.40 43.80 -5.81
CA TYR B 139 -2.83 43.83 -5.63
C TYR B 139 -3.44 42.45 -5.78
N GLN B 140 -3.26 41.84 -6.95
CA GLN B 140 -3.87 40.54 -7.21
C GLN B 140 -3.34 39.47 -6.27
N MET B 141 -2.07 39.54 -5.89
CA MET B 141 -1.59 38.62 -4.88
C MET B 141 -2.30 38.84 -3.55
N CYS B 142 -2.43 40.10 -3.12
CA CYS B 142 -3.14 40.39 -1.87
C CYS B 142 -4.58 39.91 -1.92
N ARG B 143 -5.28 40.22 -3.00
CA ARG B 143 -6.69 39.82 -3.12
C ARG B 143 -6.84 38.30 -3.10
N ALA B 144 -5.97 37.59 -3.84
CA ALA B 144 -6.00 36.14 -3.81
C ALA B 144 -5.75 35.62 -2.42
N LEU B 145 -4.76 36.14 -1.71
CA LEU B 145 -4.45 35.53 -0.39
C LEU B 145 -5.54 35.88 0.62
N GLY B 146 -6.23 37.01 0.44
CA GLY B 146 -7.33 37.37 1.34
C GLY B 146 -8.49 36.41 1.21
N TYR B 147 -8.87 36.06 -0.02
CA TYR B 147 -9.94 35.06 -0.23
C TYR B 147 -9.59 33.78 0.47
N LEU B 148 -8.41 33.25 0.17
CA LEU B 148 -7.96 31.99 0.77
C LEU B 148 -8.12 32.07 2.28
N HIS B 149 -7.61 33.13 2.88
CA HIS B 149 -7.65 33.29 4.36
C HIS B 149 -9.10 33.41 4.83
N ALA B 150 -9.96 34.01 4.02
CA ALA B 150 -11.39 34.14 4.38
C ALA B 150 -12.04 32.77 4.46
N LEU B 151 -11.57 31.82 3.65
CA LEU B 151 -12.10 30.45 3.68
C LEU B 151 -11.41 29.69 4.82
N GLY B 152 -10.46 30.33 5.50
CA GLY B 152 -9.72 29.67 6.55
C GLY B 152 -8.52 28.92 6.08
N ILE B 153 -8.13 29.10 4.80
CA ILE B 153 -7.02 28.39 4.20
C ILE B 153 -5.78 29.28 4.22
N CYS B 154 -4.64 28.66 4.52
CA CYS B 154 -3.34 29.30 4.53
C CYS B 154 -2.50 28.64 3.45
N HIS B 155 -1.92 29.44 2.55
CA HIS B 155 -1.16 28.88 1.46
C HIS B 155 0.19 28.33 1.95
N ARG B 156 0.83 29.02 2.89
CA ARG B 156 1.99 28.59 3.64
C ARG B 156 3.27 28.52 2.81
N ASP B 157 3.23 28.76 1.49
CA ASP B 157 4.47 28.85 0.73
C ASP B 157 4.34 29.81 -0.46
N ILE B 158 3.98 31.05 -0.18
CA ILE B 158 3.92 32.10 -1.20
C ILE B 158 5.33 32.59 -1.51
N LYS B 159 5.71 32.54 -2.79
CA LYS B 159 6.98 33.01 -3.29
C LYS B 159 6.78 33.39 -4.74
N PRO B 160 7.70 34.14 -5.33
CA PRO B 160 7.52 34.52 -6.75
C PRO B 160 7.30 33.33 -7.69
N GLN B 161 7.87 32.17 -7.39
CA GLN B 161 7.73 31.01 -8.27
C GLN B 161 6.29 30.47 -8.31
N ASN B 162 5.42 30.87 -7.37
CA ASN B 162 4.03 30.44 -7.37
C ASN B 162 3.08 31.45 -7.96
N LEU B 163 3.53 32.65 -8.29
CA LEU B 163 2.59 33.68 -8.70
C LEU B 163 2.58 33.67 -10.22
N LEU B 164 1.62 32.93 -10.80
CA LEU B 164 1.51 32.84 -12.25
C LEU B 164 1.12 34.20 -12.84
N VAL B 165 1.67 34.51 -14.01
CA VAL B 165 1.44 35.79 -14.66
C VAL B 165 1.19 35.57 -16.15
N ASP B 166 0.30 36.38 -16.72
CA ASP B 166 0.05 36.41 -18.16
C ASP B 166 0.58 37.73 -18.71
N SER B 167 1.67 37.68 -19.48
CA SER B 167 2.30 38.91 -19.96
C SER B 167 1.35 39.83 -20.70
N ARG B 168 0.33 39.30 -21.39
CA ARG B 168 -0.47 40.17 -22.24
C ARG B 168 -1.54 40.93 -21.45
N THR B 169 -2.21 40.26 -20.52
CA THR B 169 -3.25 40.87 -19.69
C THR B 169 -2.74 41.24 -18.29
N HIS B 170 -1.55 40.76 -17.93
CA HIS B 170 -0.95 40.92 -16.62
C HIS B 170 -1.90 40.49 -15.50
N VAL B 171 -2.61 39.41 -15.77
CA VAL B 171 -3.33 38.68 -14.72
C VAL B 171 -2.31 37.91 -13.92
N LEU B 172 -2.52 37.88 -12.61
CA LEU B 172 -1.72 37.09 -11.69
C LEU B 172 -2.65 36.10 -11.03
N LYS B 173 -2.24 34.84 -10.97
CA LYS B 173 -3.05 33.84 -10.31
C LYS B 173 -2.20 33.07 -9.34
N LEU B 174 -2.79 32.71 -8.20
CA LEU B 174 -2.19 31.85 -7.21
C LEU B 174 -2.17 30.41 -7.70
N CYS B 175 -1.18 29.64 -7.27
CA CYS B 175 -1.18 28.22 -7.60
C CYS B 175 -0.29 27.49 -6.60
N ASP B 176 -0.12 26.18 -6.84
CA ASP B 176 0.70 25.31 -6.02
C ASP B 176 0.19 25.25 -4.60
N PHE B 177 -0.91 24.53 -4.37
CA PHE B 177 -1.51 24.44 -3.06
C PHE B 177 -1.10 23.18 -2.31
N GLY B 178 0.02 22.58 -2.70
CA GLY B 178 0.51 21.42 -1.98
C GLY B 178 0.85 21.68 -0.53
N SER B 179 1.05 22.95 -0.14
CA SER B 179 1.34 23.24 1.26
C SER B 179 0.16 23.87 1.99
N ALA B 180 -0.87 24.27 1.28
CA ALA B 180 -2.02 24.93 1.87
C ALA B 180 -2.69 24.01 2.87
N LYS B 181 -3.46 24.60 3.77
CA LYS B 181 -4.00 23.88 4.92
C LYS B 181 -4.92 24.78 5.70
N ARG B 182 -5.97 24.18 6.28
CA ARG B 182 -6.84 24.88 7.22
C ARG B 182 -6.19 24.76 8.58
N LEU B 183 -5.41 25.78 8.92
CA LEU B 183 -4.74 25.87 10.22
C LEU B 183 -5.71 25.55 11.33
N VAL B 184 -5.66 24.32 11.87
CA VAL B 184 -6.47 23.95 13.02
C VAL B 184 -5.68 24.34 14.26
N PRO B 185 -6.18 25.30 15.08
CA PRO B 185 -5.49 25.65 16.32
C PRO B 185 -5.07 24.43 17.13
N GLY B 186 -3.77 24.30 17.42
CA GLY B 186 -3.25 23.10 18.03
C GLY B 186 -3.46 21.86 17.18
N ILE B 193 7.84 22.27 4.42
CA ILE B 193 7.94 23.58 3.80
C ILE B 193 9.41 23.98 3.86
N CYS B 194 9.93 24.55 2.77
CA CYS B 194 11.37 24.78 2.71
C CYS B 194 11.68 26.22 2.34
N SER B 195 11.91 26.47 1.03
CA SER B 195 12.07 27.78 0.39
C SER B 195 12.16 28.88 1.43
N ARG B 196 13.36 29.38 1.69
CA ARG B 196 13.53 30.05 2.96
C ARG B 196 13.45 31.57 2.86
N PHE B 197 13.55 32.16 1.66
CA PHE B 197 13.67 33.63 1.61
C PHE B 197 12.36 34.32 1.95
N TYR B 198 11.24 33.61 1.92
CA TYR B 198 9.91 34.22 1.99
C TYR B 198 9.11 33.71 3.18
N ARG B 199 9.73 32.98 4.09
CA ARG B 199 9.07 32.50 5.30
C ARG B 199 9.00 33.57 6.39
N ALA B 200 7.92 33.56 7.14
CA ALA B 200 7.76 34.51 8.23
C ALA B 200 8.75 34.20 9.35
N PRO B 201 9.20 35.22 10.06
CA PRO B 201 10.18 35.00 11.15
C PRO B 201 9.69 34.06 12.22
N GLU B 202 8.37 34.06 12.49
CA GLU B 202 7.85 33.12 13.47
C GLU B 202 8.09 31.69 13.03
N LEU B 203 8.08 31.42 11.71
CA LEU B 203 8.36 30.09 11.20
C LEU B 203 9.84 29.71 11.40
N MET B 204 10.76 30.65 11.20
CA MET B 204 12.17 30.31 11.32
C MET B 204 12.62 30.12 12.76
N LEU B 205 11.84 30.59 13.73
CA LEU B 205 12.02 30.27 15.14
C LEU B 205 11.24 29.04 15.56
N GLY B 206 10.79 28.22 14.62
CA GLY B 206 10.15 26.99 15.02
C GLY B 206 8.87 27.16 15.80
N ALA B 207 8.08 28.17 15.46
CA ALA B 207 6.86 28.39 16.21
C ALA B 207 6.02 27.13 16.12
N SER B 208 5.56 26.65 17.25
CA SER B 208 4.70 25.48 17.21
C SER B 208 3.28 25.81 16.75
N GLU B 209 2.90 27.08 16.81
CA GLU B 209 1.60 27.55 16.38
C GLU B 209 1.80 28.83 15.58
N TYR B 210 1.00 29.03 14.54
CA TYR B 210 1.08 30.27 13.76
C TYR B 210 -0.27 30.51 13.12
N THR B 211 -0.40 31.67 12.48
CA THR B 211 -1.66 32.12 11.93
C THR B 211 -1.48 32.34 10.44
N THR B 212 -2.57 32.68 9.76
CA THR B 212 -2.46 32.95 8.33
C THR B 212 -1.53 34.12 8.02
N ALA B 213 -1.07 34.85 9.03
CA ALA B 213 -0.21 36.00 8.77
C ALA B 213 1.09 35.61 8.09
N ILE B 214 1.47 34.32 8.14
CA ILE B 214 2.72 33.94 7.51
C ILE B 214 2.70 34.24 6.01
N ASP B 215 1.54 34.14 5.36
CA ASP B 215 1.47 34.54 3.95
C ASP B 215 1.68 36.05 3.79
N VAL B 216 1.21 36.85 4.76
CA VAL B 216 1.36 38.30 4.67
C VAL B 216 2.82 38.69 4.71
N TRP B 217 3.60 38.01 5.54
CA TRP B 217 5.04 38.27 5.51
C TRP B 217 5.61 37.99 4.13
N SER B 218 5.16 36.89 3.50
CA SER B 218 5.60 36.56 2.14
C SER B 218 5.18 37.64 1.14
N ILE B 219 3.92 38.08 1.18
CA ILE B 219 3.50 39.22 0.37
C ILE B 219 4.50 40.36 0.48
N GLY B 220 4.94 40.65 1.71
CA GLY B 220 5.92 41.71 1.88
C GLY B 220 7.23 41.38 1.19
N CYS B 221 7.67 40.12 1.28
CA CYS B 221 8.92 39.73 0.65
C CYS B 221 8.83 39.78 -0.87
N VAL B 222 7.66 39.45 -1.42
CA VAL B 222 7.50 39.53 -2.88
C VAL B 222 7.46 40.99 -3.31
N LEU B 223 6.61 41.80 -2.67
CA LEU B 223 6.63 43.23 -2.95
C LEU B 223 8.03 43.78 -2.77
N GLY B 224 8.72 43.35 -1.71
CA GLY B 224 10.09 43.81 -1.48
C GLY B 224 11.02 43.49 -2.63
N GLU B 225 11.00 42.24 -3.12
CA GLU B 225 11.88 41.84 -4.22
C GLU B 225 11.48 42.50 -5.53
N LEU B 226 10.18 42.71 -5.76
CA LEU B 226 9.77 43.41 -6.97
C LEU B 226 10.34 44.82 -7.01
N LEU B 227 10.44 45.49 -5.85
CA LEU B 227 10.99 46.84 -5.80
C LEU B 227 12.52 46.86 -5.78
N LEU B 228 13.14 45.88 -5.12
CA LEU B 228 14.59 45.94 -4.93
C LEU B 228 15.38 45.33 -6.07
N GLY B 229 14.79 44.43 -6.84
CA GLY B 229 15.53 43.73 -7.88
C GLY B 229 16.27 42.52 -7.39
N ARG B 230 16.09 42.15 -6.13
CA ARG B 230 16.72 40.99 -5.50
C ARG B 230 15.98 40.72 -4.19
N PRO B 231 16.12 39.54 -3.63
CA PRO B 231 15.39 39.26 -2.38
C PRO B 231 15.77 40.22 -1.26
N LEU B 232 14.76 40.63 -0.48
CA LEU B 232 15.01 41.47 0.69
C LEU B 232 15.87 40.77 1.74
N PHE B 233 15.62 39.49 1.99
CA PHE B 233 16.29 38.76 3.08
C PHE B 233 16.89 37.46 2.53
N ALA B 234 17.92 37.58 1.69
CA ALA B 234 18.51 36.42 1.05
C ALA B 234 19.48 35.78 2.05
N GLY B 235 19.18 34.55 2.45
CA GLY B 235 20.05 33.80 3.34
C GLY B 235 19.92 32.29 3.16
N GLU B 236 21.03 31.54 3.27
CA GLU B 236 20.97 30.12 2.95
C GLU B 236 20.17 29.29 3.97
N THR B 237 20.30 29.59 5.27
CA THR B 237 19.63 28.85 6.34
C THR B 237 18.80 29.83 7.18
N SER B 238 18.07 29.32 8.19
CA SER B 238 17.19 30.18 8.99
C SER B 238 17.99 31.12 9.88
N VAL B 239 19.05 30.60 10.50
CA VAL B 239 19.97 31.46 11.23
C VAL B 239 20.36 32.62 10.33
N ASP B 240 20.93 32.32 9.16
CA ASP B 240 21.36 33.35 8.22
C ASP B 240 20.31 34.40 7.90
N GLN B 241 19.02 34.04 7.94
CA GLN B 241 17.98 34.98 7.55
C GLN B 241 17.48 35.81 8.72
N LEU B 242 17.19 35.14 9.85
CA LEU B 242 16.90 35.87 11.08
C LEU B 242 17.88 37.01 11.25
N VAL B 243 19.17 36.76 11.03
CA VAL B 243 20.14 37.84 11.12
C VAL B 243 19.79 38.94 10.12
N LYS B 244 19.57 38.59 8.86
CA LYS B 244 19.36 39.63 7.86
C LYS B 244 18.08 40.40 8.10
N ILE B 245 17.06 39.74 8.67
CA ILE B 245 15.83 40.44 9.03
C ILE B 245 16.12 41.40 10.16
N ILE B 246 16.86 40.93 11.17
CA ILE B 246 17.23 41.78 12.28
C ILE B 246 18.08 42.95 11.83
N GLN B 247 19.00 42.72 10.88
CA GLN B 247 19.85 43.79 10.38
C GLN B 247 19.05 44.88 9.67
N ILE B 248 17.74 44.67 9.52
CA ILE B 248 16.84 45.62 8.88
C ILE B 248 15.71 46.05 9.82
N LEU B 249 15.00 45.09 10.40
CA LEU B 249 13.94 45.46 11.32
C LEU B 249 14.47 45.84 12.70
N GLY B 250 15.77 45.68 12.95
CA GLY B 250 16.29 45.89 14.28
C GLY B 250 16.09 44.68 15.15
N THR B 251 16.59 44.77 16.36
CA THR B 251 16.44 43.67 17.31
C THR B 251 14.99 43.58 17.77
N PRO B 252 14.38 42.41 17.73
CA PRO B 252 13.00 42.28 18.19
C PRO B 252 12.91 42.44 19.70
N SER B 253 11.87 43.12 20.14
CA SER B 253 11.64 43.31 21.56
C SER B 253 11.30 41.99 22.24
N ARG B 254 11.24 42.03 23.57
CA ARG B 254 10.79 40.87 24.34
C ARG B 254 9.35 40.52 24.01
N ARG B 255 8.48 41.53 23.84
CA ARG B 255 7.06 41.24 23.57
C ARG B 255 6.84 40.78 22.14
N GLN B 256 7.53 41.41 21.19
CA GLN B 256 7.47 40.98 19.81
C GLN B 256 7.90 39.53 19.69
N MET B 257 9.03 39.21 20.32
CA MET B 257 9.54 37.85 20.31
C MET B 257 8.55 36.84 20.87
N SER B 258 7.70 37.26 21.81
CA SER B 258 6.75 36.30 22.36
C SER B 258 5.53 36.09 21.45
N THR B 259 5.22 37.04 20.57
CA THR B 259 4.15 36.88 19.59
C THR B 259 4.55 36.02 18.42
N MET B 260 5.85 35.73 18.28
CA MET B 260 6.33 34.87 17.20
C MET B 260 6.52 33.47 17.75
N ASN B 261 7.45 33.28 18.68
CA ASN B 261 7.60 32.01 19.38
C ASN B 261 7.73 32.28 20.86
N PRO B 262 6.76 31.88 21.68
CA PRO B 262 6.89 32.08 23.13
C PRO B 262 8.12 31.44 23.75
N ASN B 263 8.55 30.26 23.27
CA ASN B 263 9.74 29.62 23.84
C ASN B 263 10.99 30.48 23.78
N TYR B 264 10.98 31.57 23.02
CA TYR B 264 12.17 32.40 22.86
C TYR B 264 11.95 33.82 23.38
N THR B 265 10.95 34.02 24.25
CA THR B 265 10.63 35.34 24.78
C THR B 265 11.84 36.00 25.43
N GLU B 266 12.72 35.23 26.06
CA GLU B 266 13.92 35.81 26.65
C GLU B 266 15.19 35.49 25.87
N PHE B 267 15.08 34.89 24.68
CA PHE B 267 16.27 34.61 23.90
C PHE B 267 16.79 35.91 23.33
N ARG B 268 17.98 36.33 23.74
CA ARG B 268 18.53 37.61 23.35
C ARG B 268 19.30 37.46 22.04
N PHE B 269 19.09 38.43 21.14
CA PHE B 269 19.85 38.64 19.93
C PHE B 269 20.76 39.84 20.11
N PRO B 270 21.81 39.98 19.28
CA PRO B 270 22.61 41.20 19.37
C PRO B 270 21.69 42.40 19.19
N ASP B 271 22.07 43.52 19.80
CA ASP B 271 21.20 44.70 19.75
C ASP B 271 21.57 45.48 18.49
N VAL B 272 20.74 45.32 17.45
CA VAL B 272 20.89 46.03 16.19
C VAL B 272 19.76 47.05 16.14
N LYS B 273 20.09 48.31 15.76
CA LYS B 273 19.08 49.35 15.63
C LYS B 273 18.37 49.22 14.28
N PRO B 274 17.05 49.46 14.23
CA PRO B 274 16.31 49.24 12.98
C PRO B 274 16.77 50.18 11.87
N ARG B 275 17.14 49.60 10.73
CA ARG B 275 17.45 50.44 9.54
C ARG B 275 16.12 50.67 8.83
N GLU B 276 16.00 51.71 7.99
CA GLU B 276 14.68 52.00 7.39
C GLU B 276 14.73 51.84 5.86
N TRP B 277 13.59 51.53 5.25
CA TRP B 277 13.56 51.20 3.81
C TRP B 277 14.16 52.31 2.95
N LYS B 278 13.86 53.57 3.28
CA LYS B 278 14.36 54.70 2.47
C LYS B 278 15.86 54.50 2.21
N SER B 279 16.58 53.99 3.21
CA SER B 279 18.05 53.79 3.10
C SER B 279 18.35 52.62 2.15
N ILE B 280 17.79 51.46 2.45
CA ILE B 280 18.08 50.25 1.63
C ILE B 280 17.86 50.56 0.14
N PHE B 281 16.77 51.25 -0.20
CA PHE B 281 16.42 51.49 -1.63
C PHE B 281 16.97 52.80 -2.13
N ALA B 282 17.63 53.58 -1.27
CA ALA B 282 18.13 54.90 -1.65
C ALA B 282 18.67 54.95 -3.08
N SER B 283 19.51 53.98 -3.46
CA SER B 283 20.09 54.01 -4.80
C SER B 283 19.01 53.82 -5.85
N HIS B 284 18.07 52.90 -5.61
CA HIS B 284 16.98 52.69 -6.55
C HIS B 284 16.09 53.93 -6.63
N ILE B 285 15.74 54.52 -5.48
CA ILE B 285 14.97 55.75 -5.51
C ILE B 285 15.73 56.82 -6.30
N ALA B 286 17.06 56.87 -6.13
CA ALA B 286 17.86 57.85 -6.84
C ALA B 286 17.77 57.66 -8.36
N SER B 287 18.24 56.51 -8.85
CA SER B 287 18.28 56.30 -10.31
C SER B 287 16.91 56.43 -10.95
N THR B 288 15.87 55.84 -10.33
CA THR B 288 14.55 55.70 -10.98
C THR B 288 13.65 56.92 -10.78
N GLU B 289 13.13 57.12 -9.55
CA GLU B 289 12.19 58.17 -9.14
C GLU B 289 12.09 59.32 -10.14
N THR B 290 10.89 59.55 -10.66
CA THR B 290 10.70 60.53 -11.70
C THR B 290 9.30 61.15 -11.60
N ASN B 291 9.09 61.93 -10.52
CA ASN B 291 7.84 62.66 -10.29
C ASN B 291 6.74 61.79 -9.66
N ASP B 292 7.13 60.68 -9.00
CA ASP B 292 6.16 59.71 -8.52
C ASP B 292 6.10 59.61 -7.00
N PRO B 293 4.90 59.60 -6.41
CA PRO B 293 4.74 59.18 -5.01
C PRO B 293 4.71 57.67 -4.83
N SER B 294 4.86 56.91 -5.91
CA SER B 294 4.83 55.46 -5.83
C SER B 294 5.82 54.94 -4.80
N TRP B 295 7.05 55.47 -4.84
CA TRP B 295 8.07 55.02 -3.90
C TRP B 295 7.64 55.25 -2.45
N ASP B 296 6.99 56.39 -2.18
CA ASP B 296 6.52 56.63 -0.81
C ASP B 296 5.44 55.62 -0.43
N GLN B 297 4.50 55.36 -1.35
CA GLN B 297 3.42 54.43 -1.06
C GLN B 297 3.93 52.99 -0.99
N ALA B 298 4.81 52.60 -1.90
CA ALA B 298 5.32 51.24 -1.87
C ALA B 298 6.08 50.98 -0.57
N LEU B 299 6.95 51.91 -0.18
CA LEU B 299 7.68 51.70 1.07
C LEU B 299 6.76 51.76 2.29
N ASP B 300 5.70 52.59 2.24
CA ASP B 300 4.75 52.56 3.35
C ASP B 300 4.03 51.24 3.42
N LEU B 301 3.63 50.71 2.26
CA LEU B 301 2.95 49.42 2.21
C LEU B 301 3.89 48.30 2.61
N LEU B 302 5.18 48.44 2.25
CA LEU B 302 6.16 47.46 2.68
C LEU B 302 6.26 47.43 4.20
N THR B 303 6.26 48.60 4.84
CA THR B 303 6.36 48.70 6.29
C THR B 303 5.16 48.05 6.97
N LYS B 304 3.97 48.26 6.44
CA LYS B 304 2.80 47.68 7.09
C LYS B 304 2.73 46.15 6.90
N PHE B 305 3.44 45.59 5.89
CA PHE B 305 3.48 44.13 5.74
C PHE B 305 4.52 43.51 6.68
N LEU B 306 5.73 44.07 6.70
CA LEU B 306 6.87 43.38 7.32
C LEU B 306 7.02 43.78 8.79
N ARG B 307 6.27 43.08 9.65
CA ARG B 307 6.23 43.39 11.07
C ARG B 307 6.43 42.11 11.87
N TYR B 308 7.21 42.23 12.96
CA TYR B 308 7.52 41.05 13.79
C TYR B 308 6.26 40.43 14.34
N GLU B 309 5.43 41.22 15.01
CA GLU B 309 4.20 40.69 15.57
C GLU B 309 3.23 40.31 14.46
N PRO B 310 2.88 39.03 14.31
CA PRO B 310 1.96 38.65 13.21
C PRO B 310 0.62 39.38 13.21
N GLY B 311 0.07 39.66 14.40
CA GLY B 311 -1.20 40.34 14.46
C GLY B 311 -1.16 41.76 13.97
N GLU B 312 0.03 42.37 13.91
CA GLU B 312 0.20 43.76 13.47
C GLU B 312 0.42 43.90 11.98
N ARG B 313 0.54 42.79 11.26
CA ARG B 313 0.74 42.81 9.82
C ARG B 313 -0.55 43.19 9.12
N LEU B 314 -0.44 44.05 8.14
CA LEU B 314 -1.61 44.50 7.39
C LEU B 314 -2.29 43.32 6.69
N LEU B 315 -3.58 43.11 6.98
CA LEU B 315 -4.30 42.02 6.36
C LEU B 315 -4.46 42.30 4.85
N PRO B 316 -4.54 41.21 4.01
CA PRO B 316 -4.44 41.38 2.55
C PRO B 316 -5.60 42.10 1.92
N LEU B 317 -6.83 41.77 2.31
CA LEU B 317 -7.97 42.47 1.72
C LEU B 317 -8.04 43.90 2.21
N GLU B 318 -7.64 44.15 3.46
CA GLU B 318 -7.48 45.52 3.91
C GLU B 318 -6.46 46.27 3.05
N ALA B 319 -5.37 45.61 2.68
CA ALA B 319 -4.31 46.28 1.94
C ALA B 319 -4.79 46.80 0.57
N LEU B 320 -5.87 46.24 0.03
CA LEU B 320 -6.27 46.66 -1.30
C LEU B 320 -6.56 48.15 -1.34
N ALA B 321 -6.96 48.72 -0.21
CA ALA B 321 -7.35 50.12 -0.06
C ALA B 321 -6.16 51.07 0.08
N HIS B 322 -4.93 50.55 0.14
CA HIS B 322 -3.77 51.40 0.32
C HIS B 322 -3.64 52.39 -0.85
N ASP B 323 -3.08 53.56 -0.55
CA ASP B 323 -2.92 54.59 -1.58
C ASP B 323 -2.06 54.12 -2.74
N PHE B 324 -1.24 53.10 -2.51
CA PHE B 324 -0.38 52.53 -3.55
C PHE B 324 -1.20 52.06 -4.74
N PHE B 325 -2.43 51.61 -4.50
CA PHE B 325 -3.31 51.09 -5.54
C PHE B 325 -4.29 52.12 -6.08
N ASP B 326 -4.20 53.37 -5.62
CA ASP B 326 -5.12 54.41 -6.08
C ASP B 326 -5.06 54.58 -7.60
N GLU B 327 -3.88 54.39 -8.20
CA GLU B 327 -3.78 54.49 -9.65
C GLU B 327 -4.68 53.47 -10.35
N LEU B 328 -4.74 52.23 -9.84
CA LEU B 328 -5.50 51.17 -10.48
C LEU B 328 -7.00 51.45 -10.57
N ARG B 329 -7.54 52.31 -9.71
CA ARG B 329 -8.97 52.59 -9.71
C ARG B 329 -9.33 53.82 -10.54
N LEU B 330 -8.36 54.54 -11.07
CA LEU B 330 -8.70 55.64 -11.97
C LEU B 330 -9.22 55.07 -13.28
N PRO B 331 -10.28 55.64 -13.85
CA PRO B 331 -10.81 55.08 -15.09
C PRO B 331 -9.85 55.16 -16.26
N SER B 332 -9.02 56.19 -16.33
CA SER B 332 -8.12 56.35 -17.46
C SER B 332 -6.86 55.47 -17.38
N THR B 333 -6.62 54.77 -16.27
CA THR B 333 -5.44 53.90 -16.16
C THR B 333 -5.53 52.71 -17.11
N ARG B 334 -4.44 52.41 -17.80
CA ARG B 334 -4.36 51.23 -18.65
C ARG B 334 -3.08 50.46 -18.36
N LEU B 335 -2.97 49.27 -18.95
CA LEU B 335 -1.69 48.58 -18.96
C LEU B 335 -0.68 49.42 -19.73
N PRO B 336 0.61 49.22 -19.48
CA PRO B 336 1.60 49.90 -20.33
C PRO B 336 1.40 49.62 -21.80
N SER B 337 0.96 48.40 -22.15
CA SER B 337 0.64 48.10 -23.53
C SER B 337 -0.42 49.03 -24.09
N GLY B 338 -1.24 49.60 -23.23
CA GLY B 338 -2.39 50.33 -23.66
C GLY B 338 -3.70 49.58 -23.47
N GLY B 339 -3.64 48.26 -23.34
CA GLY B 339 -4.84 47.48 -23.19
C GLY B 339 -5.48 47.74 -21.85
N PRO B 340 -6.64 47.12 -21.63
CA PRO B 340 -7.36 47.31 -20.36
C PRO B 340 -6.76 46.55 -19.19
N LEU B 341 -7.07 47.05 -17.99
CA LEU B 341 -6.65 46.38 -16.78
C LEU B 341 -7.45 45.09 -16.59
N PRO B 342 -6.85 44.08 -15.99
CA PRO B 342 -7.56 42.82 -15.73
C PRO B 342 -8.64 42.97 -14.66
N GLU B 343 -9.30 41.88 -14.32
CA GLU B 343 -10.24 41.87 -13.21
C GLU B 343 -9.58 42.36 -11.93
N LEU B 344 -10.19 43.37 -11.30
CA LEU B 344 -9.65 43.94 -10.07
C LEU B 344 -10.70 44.29 -9.04
N PHE B 345 -11.97 44.51 -9.41
CA PHE B 345 -12.89 45.18 -8.51
C PHE B 345 -14.21 44.46 -8.21
N THR B 346 -14.61 43.44 -8.97
CA THR B 346 -15.91 42.82 -8.75
C THR B 346 -15.83 41.90 -7.52
N PHE B 347 -15.76 42.52 -6.35
CA PHE B 347 -15.57 41.76 -5.12
C PHE B 347 -16.78 40.89 -4.81
N SER B 348 -16.52 39.66 -4.41
CA SER B 348 -17.57 38.79 -3.89
C SER B 348 -18.06 39.30 -2.55
N GLN B 349 -19.11 38.67 -2.05
CA GLN B 349 -19.61 39.08 -0.74
C GLN B 349 -18.67 38.62 0.38
N LEU B 350 -18.04 37.45 0.23
CA LEU B 350 -17.06 37.01 1.22
C LEU B 350 -15.85 37.93 1.25
N GLU B 351 -15.43 38.44 0.08
CA GLU B 351 -14.36 39.43 0.06
C GLU B 351 -14.78 40.71 0.79
N LEU B 352 -15.99 41.21 0.50
CA LEU B 352 -16.48 42.43 1.14
C LEU B 352 -16.66 42.23 2.65
N GLN B 353 -17.12 41.04 3.04
CA GLN B 353 -17.35 40.76 4.45
C GLN B 353 -16.05 40.82 5.26
N ASN B 354 -14.91 40.57 4.62
CA ASN B 354 -13.62 40.57 5.29
C ASN B 354 -12.85 41.86 5.05
N MET B 355 -13.58 42.96 4.83
CA MET B 355 -13.00 44.28 4.65
C MET B 355 -13.60 45.21 5.70
N SER B 356 -12.74 46.00 6.33
CA SER B 356 -13.19 47.01 7.26
C SER B 356 -14.09 48.01 6.54
N PRO B 357 -15.04 48.64 7.26
CA PRO B 357 -15.90 49.66 6.63
C PRO B 357 -15.13 50.76 5.89
N ALA B 358 -14.03 51.24 6.46
CA ALA B 358 -13.20 52.19 5.74
C ALA B 358 -12.70 51.61 4.43
N ALA B 359 -12.33 50.33 4.45
CA ALA B 359 -11.77 49.69 3.27
C ALA B 359 -12.82 49.54 2.19
N GLN B 360 -14.06 49.21 2.58
CA GLN B 360 -15.13 48.99 1.62
C GLN B 360 -15.42 50.24 0.81
N VAL B 361 -15.39 51.41 1.45
CA VAL B 361 -15.60 52.64 0.70
C VAL B 361 -14.41 52.96 -0.20
N LYS B 362 -13.19 52.66 0.26
CA LYS B 362 -12.00 53.07 -0.48
C LYS B 362 -11.78 52.28 -1.76
N CYS B 363 -12.22 51.02 -1.78
CA CYS B 363 -11.93 50.11 -2.89
C CYS B 363 -12.86 50.28 -4.08
N ILE B 364 -14.07 50.81 -3.87
CA ILE B 364 -15.02 51.05 -4.95
C ILE B 364 -14.33 51.97 -5.97
N PRO B 365 -14.11 51.55 -7.20
CA PRO B 365 -13.44 52.44 -8.15
C PRO B 365 -14.36 53.55 -8.62
N THR C 27 8.55 -9.48 22.83
CA THR C 27 9.03 -10.61 22.01
C THR C 27 8.92 -10.33 20.50
N TYR C 28 7.75 -9.86 20.04
CA TYR C 28 7.51 -9.67 18.64
C TYR C 28 6.81 -8.34 18.45
N ASP C 29 7.31 -7.56 17.49
CA ASP C 29 6.66 -6.36 17.00
C ASP C 29 5.87 -6.68 15.74
N ILE C 30 4.54 -6.62 15.80
CA ILE C 30 3.66 -6.96 14.69
C ILE C 30 3.35 -5.75 13.82
N GLY C 31 3.57 -5.93 12.51
CA GLY C 31 3.35 -4.81 11.57
C GLY C 31 2.55 -5.14 10.33
N ARG C 32 3.16 -5.07 9.15
CA ARG C 32 2.42 -5.19 7.87
C ARG C 32 1.61 -6.46 7.68
N VAL C 33 0.46 -6.35 7.04
CA VAL C 33 -0.33 -7.57 6.69
C VAL C 33 0.17 -8.03 5.31
N LEU C 34 0.77 -9.22 5.25
CA LEU C 34 1.28 -9.73 3.99
C LEU C 34 0.15 -10.22 3.12
N GLY C 35 -0.87 -10.82 3.72
CA GLY C 35 -1.98 -11.38 2.98
C GLY C 35 -2.76 -12.36 3.82
N ASN C 36 -3.45 -13.28 3.14
CA ASN C 36 -4.30 -14.27 3.79
C ASN C 36 -3.83 -15.68 3.48
N GLY C 37 -3.53 -16.44 4.53
CA GLY C 37 -3.23 -17.85 4.42
C GLY C 37 -4.50 -18.68 4.32
N SER C 38 -4.43 -19.89 4.85
CA SER C 38 -5.56 -20.82 4.84
C SER C 38 -6.79 -20.26 5.55
N PHE C 39 -6.83 -20.31 6.89
CA PHE C 39 -7.97 -19.83 7.65
C PHE C 39 -7.67 -18.63 8.53
N GLY C 40 -6.63 -17.87 8.18
CA GLY C 40 -6.26 -16.73 8.99
C GLY C 40 -5.44 -15.73 8.21
N VAL C 41 -5.04 -14.68 8.91
CA VAL C 41 -4.21 -13.63 8.34
C VAL C 41 -2.74 -13.87 8.70
N VAL C 42 -1.84 -13.59 7.74
CA VAL C 42 -0.38 -13.65 7.89
C VAL C 42 0.17 -12.23 7.88
N THR C 43 1.09 -11.94 8.79
CA THR C 43 1.61 -10.57 8.88
C THR C 43 3.12 -10.60 9.07
N GLU C 44 3.76 -9.52 8.64
CA GLU C 44 5.17 -9.31 8.96
C GLU C 44 5.32 -8.98 10.43
N ALA C 45 6.50 -9.27 10.96
CA ALA C 45 6.77 -9.02 12.36
C ALA C 45 8.28 -9.00 12.56
N ARG C 46 8.75 -8.30 13.60
CA ARG C 46 10.16 -8.33 13.92
C ARG C 46 10.36 -9.14 15.20
N CYS C 47 11.33 -10.05 15.16
CA CYS C 47 11.77 -10.72 16.38
C CYS C 47 12.71 -9.79 17.12
N VAL C 48 12.29 -9.37 18.33
CA VAL C 48 12.98 -8.33 19.08
C VAL C 48 14.36 -8.78 19.57
N ASP C 49 14.57 -10.07 19.77
CA ASP C 49 15.88 -10.53 20.23
C ASP C 49 16.91 -10.47 19.14
N THR C 50 16.50 -10.75 17.90
CA THR C 50 17.45 -10.90 16.80
C THR C 50 17.42 -9.81 15.75
N GLY C 51 16.39 -8.97 15.72
CA GLY C 51 16.21 -8.04 14.63
C GLY C 51 15.67 -8.66 13.35
N GLU C 52 15.59 -10.00 13.26
CA GLU C 52 15.14 -10.67 12.05
C GLU C 52 13.64 -10.48 11.84
N VAL C 53 13.24 -10.52 10.58
CA VAL C 53 11.85 -10.43 10.18
C VAL C 53 11.30 -11.83 9.98
N VAL C 54 10.09 -12.05 10.46
CA VAL C 54 9.41 -13.34 10.42
C VAL C 54 7.98 -13.10 9.98
N ALA C 55 7.26 -14.20 9.75
CA ALA C 55 5.84 -14.18 9.40
C ALA C 55 5.08 -14.87 10.51
N ILE C 56 3.97 -14.28 10.91
CA ILE C 56 3.12 -14.86 11.94
C ILE C 56 1.77 -15.11 11.30
N LYS C 57 1.37 -16.37 11.26
CA LYS C 57 0.04 -16.73 10.80
C LYS C 57 -0.84 -16.82 12.03
N LYS C 58 -1.82 -15.92 12.13
CA LYS C 58 -2.76 -15.91 13.23
C LYS C 58 -4.07 -16.54 12.77
N VAL C 59 -4.42 -17.66 13.39
CA VAL C 59 -5.66 -18.34 13.07
C VAL C 59 -6.43 -18.52 14.37
N LEU C 60 -7.75 -18.66 14.20
CA LEU C 60 -8.72 -18.79 15.28
C LEU C 60 -8.76 -20.25 15.73
N GLN C 61 -8.25 -20.54 16.94
CA GLN C 61 -8.28 -21.90 17.47
C GLN C 61 -9.68 -22.34 17.90
N ASP C 62 -10.70 -21.68 17.36
CA ASP C 62 -12.11 -22.11 17.49
C ASP C 62 -12.49 -22.96 16.26
N LYS C 66 -3.89 -30.36 18.38
CA LYS C 66 -5.28 -29.91 18.22
C LYS C 66 -5.53 -29.16 16.91
N ASN C 67 -4.50 -28.58 16.32
CA ASN C 67 -4.71 -27.74 15.16
C ASN C 67 -4.46 -28.47 13.85
N ARG C 68 -3.76 -29.61 13.89
CA ARG C 68 -3.30 -30.36 12.73
C ARG C 68 -2.17 -29.62 12.04
N GLU C 69 -2.42 -28.37 11.63
CA GLU C 69 -1.40 -27.61 10.94
C GLU C 69 -0.14 -27.44 11.79
N LEU C 70 -0.33 -27.14 13.07
CA LEU C 70 0.84 -26.91 13.92
C LEU C 70 1.55 -28.22 14.20
N ASP C 71 0.77 -29.29 14.42
CA ASP C 71 1.37 -30.61 14.59
C ASP C 71 2.16 -30.99 13.35
N ILE C 72 1.58 -30.73 12.18
CA ILE C 72 2.28 -30.99 10.93
C ILE C 72 3.54 -30.13 10.86
N MET C 73 3.42 -28.85 11.18
CA MET C 73 4.56 -27.95 11.11
C MET C 73 5.69 -28.37 12.06
N LYS C 74 5.35 -28.82 13.26
CA LYS C 74 6.39 -29.23 14.19
C LYS C 74 7.25 -30.36 13.64
N GLU C 75 6.74 -31.14 12.67
CA GLU C 75 7.50 -32.27 12.18
C GLU C 75 8.51 -31.88 11.10
N LEU C 76 8.22 -30.83 10.32
CA LEU C 76 8.96 -30.58 9.08
C LEU C 76 10.29 -29.91 9.37
N LYS C 77 11.36 -30.45 8.78
CA LYS C 77 12.68 -29.83 8.76
C LYS C 77 13.31 -30.15 7.41
N HIS C 78 13.51 -29.14 6.57
CA HIS C 78 13.97 -29.42 5.21
C HIS C 78 14.45 -28.13 4.57
N PRO C 79 15.41 -28.17 3.66
CA PRO C 79 15.87 -26.92 3.02
C PRO C 79 14.78 -26.21 2.25
N ASN C 80 13.71 -26.91 1.86
CA ASN C 80 12.68 -26.31 1.01
C ASN C 80 11.30 -26.33 1.66
N VAL C 81 11.25 -26.29 2.98
CA VAL C 81 10.03 -26.03 3.74
C VAL C 81 10.31 -24.85 4.66
N VAL C 82 9.32 -23.97 4.84
CA VAL C 82 9.50 -22.88 5.81
C VAL C 82 9.85 -23.49 7.17
N LYS C 83 10.72 -22.81 7.90
CA LYS C 83 11.00 -23.22 9.26
C LYS C 83 9.87 -22.76 10.18
N LEU C 84 9.42 -23.65 11.06
CA LEU C 84 8.60 -23.23 12.20
C LEU C 84 9.54 -22.66 13.27
N ILE C 85 9.27 -21.45 13.68
CA ILE C 85 10.13 -20.71 14.60
C ILE C 85 9.56 -20.66 16.01
N ASP C 86 8.27 -20.37 16.15
CA ASP C 86 7.66 -20.18 17.45
C ASP C 86 6.15 -20.31 17.30
N TYR C 87 5.47 -20.41 18.43
CA TYR C 87 4.01 -20.28 18.41
C TYR C 87 3.55 -19.94 19.81
N PHE C 88 2.40 -19.26 19.87
CA PHE C 88 1.84 -18.78 21.14
C PHE C 88 0.36 -18.49 20.93
N TYR C 89 -0.39 -18.50 22.03
CA TYR C 89 -1.82 -18.28 21.98
C TYR C 89 -2.17 -16.87 22.46
N THR C 90 -3.18 -16.28 21.83
CA THR C 90 -3.67 -14.95 22.24
C THR C 90 -5.17 -15.08 22.42
N GLU C 91 -5.72 -14.54 23.52
CA GLU C 91 -7.17 -14.71 23.82
C GLU C 91 -7.85 -13.35 23.95
N MET C 92 -9.10 -13.25 23.51
CA MET C 92 -9.84 -11.96 23.55
C MET C 92 -11.23 -12.17 24.14
N GLY C 93 -11.51 -11.55 25.29
CA GLY C 93 -12.80 -11.70 25.95
C GLY C 93 -12.70 -12.44 27.26
N GLU C 94 -13.83 -12.99 27.68
CA GLU C 94 -13.93 -13.57 29.01
C GLU C 94 -13.64 -15.06 29.02
N ARG C 95 -14.69 -15.89 29.02
CA ARG C 95 -14.56 -17.35 29.01
C ARG C 95 -15.92 -18.02 29.14
N ASP C 96 -16.21 -18.54 30.33
CA ASP C 96 -17.51 -19.15 30.64
C ASP C 96 -18.66 -18.17 30.42
N SER C 97 -18.37 -16.86 30.40
CA SER C 97 -19.38 -15.89 30.02
C SER C 97 -19.75 -16.08 28.56
N ASN C 98 -19.07 -15.37 27.65
CA ASN C 98 -19.22 -15.56 26.21
C ASN C 98 -18.69 -16.91 25.77
N ASP C 99 -17.99 -16.94 24.64
CA ASP C 99 -17.06 -17.99 24.29
C ASP C 99 -15.65 -17.43 24.14
N HIS C 100 -15.46 -16.17 24.53
CA HIS C 100 -14.32 -15.31 24.22
C HIS C 100 -13.72 -15.67 22.88
N ASN C 101 -12.40 -15.62 22.79
CA ASN C 101 -11.68 -16.06 21.61
C ASN C 101 -10.38 -16.70 22.04
N ARG C 102 -9.94 -17.70 21.30
CA ARG C 102 -8.56 -18.12 21.44
C ARG C 102 -8.00 -18.18 20.03
N PHE C 103 -6.75 -17.73 19.89
CA PHE C 103 -6.03 -17.62 18.63
C PHE C 103 -4.69 -18.35 18.70
N LEU C 104 -4.43 -19.26 17.76
CA LEU C 104 -3.11 -19.83 17.61
C LEU C 104 -2.32 -18.89 16.72
N ASN C 105 -1.11 -18.54 17.13
CA ASN C 105 -0.24 -17.68 16.35
C ASN C 105 0.98 -18.51 15.97
N VAL C 106 1.10 -18.82 14.67
CA VAL C 106 2.18 -19.65 14.19
C VAL C 106 3.25 -18.74 13.58
N VAL C 107 4.48 -18.87 14.08
CA VAL C 107 5.59 -18.01 13.68
C VAL C 107 6.52 -18.77 12.77
N MET C 108 6.78 -18.25 11.59
CA MET C 108 7.57 -18.95 10.59
C MET C 108 8.63 -18.07 9.95
N GLU C 109 9.57 -18.76 9.30
CA GLU C 109 10.55 -18.12 8.45
C GLU C 109 9.88 -17.29 7.35
N HIS C 110 10.45 -16.11 7.11
CA HIS C 110 9.93 -15.16 6.15
C HIS C 110 10.74 -15.22 4.86
N ILE C 111 10.05 -15.47 3.74
CA ILE C 111 10.62 -15.38 2.41
C ILE C 111 9.77 -14.36 1.63
N PRO C 112 10.38 -13.42 0.91
CA PRO C 112 9.64 -12.23 0.48
C PRO C 112 8.82 -12.33 -0.80
N GLU C 113 8.98 -13.39 -1.60
CA GLU C 113 8.28 -13.53 -2.85
C GLU C 113 7.68 -14.92 -2.96
N THR C 114 6.85 -15.09 -3.98
CA THR C 114 6.37 -16.40 -4.35
C THR C 114 6.66 -16.62 -5.83
N VAL C 115 6.61 -17.89 -6.25
CA VAL C 115 6.62 -18.23 -7.67
C VAL C 115 5.52 -17.46 -8.40
N TYR C 116 4.36 -17.31 -7.75
CA TYR C 116 3.28 -16.52 -8.31
C TYR C 116 3.77 -15.13 -8.68
N ARG C 117 4.46 -14.46 -7.75
CA ARG C 117 4.97 -13.12 -8.02
C ARG C 117 6.02 -13.13 -9.13
N VAL C 118 6.96 -14.08 -9.07
CA VAL C 118 8.00 -14.12 -10.09
C VAL C 118 7.37 -14.32 -11.47
N MET C 119 6.33 -15.17 -11.53
CA MET C 119 5.64 -15.44 -12.79
C MET C 119 5.00 -14.18 -13.36
N LYS C 120 4.15 -13.52 -12.57
CA LYS C 120 3.47 -12.30 -13.03
C LYS C 120 4.45 -11.21 -13.41
N SER C 121 5.63 -11.20 -12.81
CA SER C 121 6.64 -10.21 -13.17
C SER C 121 7.10 -10.43 -14.61
N PHE C 122 7.44 -11.66 -14.96
CA PHE C 122 7.88 -11.96 -16.31
C PHE C 122 6.74 -11.79 -17.31
N LEU C 123 5.51 -12.12 -16.89
CA LEU C 123 4.38 -11.94 -17.79
C LEU C 123 4.25 -10.49 -18.23
N ARG C 124 4.22 -9.57 -17.25
CA ARG C 124 4.14 -8.15 -17.58
C ARG C 124 5.24 -7.73 -18.54
N ALA C 125 6.41 -8.36 -18.44
CA ALA C 125 7.54 -8.07 -19.32
C ALA C 125 7.44 -8.73 -20.68
N ASN C 126 6.41 -9.54 -20.93
CA ASN C 126 6.29 -10.35 -22.14
C ASN C 126 7.55 -11.18 -22.40
N GLN C 127 7.91 -11.99 -21.40
CA GLN C 127 9.16 -12.73 -21.39
C GLN C 127 8.90 -14.09 -20.76
N GLN C 128 9.65 -15.10 -21.20
CA GLN C 128 9.51 -16.41 -20.61
C GLN C 128 10.44 -16.52 -19.42
N VAL C 129 9.98 -17.16 -18.35
CA VAL C 129 10.91 -17.43 -17.25
C VAL C 129 12.09 -18.25 -17.77
N PRO C 130 13.32 -17.79 -17.56
CA PRO C 130 14.51 -18.51 -18.07
C PRO C 130 14.54 -19.96 -17.62
N PHE C 131 15.10 -20.82 -18.48
CA PHE C 131 15.02 -22.26 -18.21
C PHE C 131 15.79 -22.63 -16.94
N ILE C 132 16.83 -21.89 -16.60
CA ILE C 132 17.56 -22.22 -15.37
C ILE C 132 16.67 -22.01 -14.13
N LEU C 133 15.80 -20.97 -14.12
CA LEU C 133 14.92 -20.77 -12.96
C LEU C 133 13.75 -21.76 -12.95
N ILE C 134 13.20 -22.08 -14.14
CA ILE C 134 12.21 -23.14 -14.22
C ILE C 134 12.79 -24.43 -13.66
N LYS C 135 14.06 -24.71 -13.99
CA LYS C 135 14.70 -25.90 -13.46
C LYS C 135 14.82 -25.83 -11.95
N LEU C 136 15.37 -24.73 -11.45
CA LEU C 136 15.58 -24.56 -10.02
C LEU C 136 14.28 -24.67 -9.23
N TYR C 137 13.23 -23.94 -9.66
CA TYR C 137 12.00 -23.94 -8.87
C TYR C 137 11.33 -25.30 -8.92
N THR C 138 11.24 -25.92 -10.11
CA THR C 138 10.61 -27.23 -10.21
C THR C 138 11.40 -28.28 -9.44
N TYR C 139 12.73 -28.24 -9.55
CA TYR C 139 13.54 -29.17 -8.78
C TYR C 139 13.26 -29.08 -7.28
N GLN C 140 13.40 -27.87 -6.71
CA GLN C 140 13.21 -27.68 -5.26
C GLN C 140 11.79 -27.98 -4.82
N MET C 141 10.80 -27.68 -5.66
CA MET C 141 9.42 -28.02 -5.34
C MET C 141 9.25 -29.52 -5.22
N CYS C 142 9.78 -30.27 -6.19
CA CYS C 142 9.72 -31.73 -6.18
C CYS C 142 10.34 -32.31 -4.92
N ARG C 143 11.53 -31.82 -4.55
CA ARG C 143 12.26 -32.35 -3.41
C ARG C 143 11.48 -32.14 -2.10
N ALA C 144 10.91 -30.95 -1.92
CA ALA C 144 10.11 -30.72 -0.73
C ALA C 144 8.92 -31.67 -0.68
N LEU C 145 8.21 -31.81 -1.80
CA LEU C 145 7.03 -32.68 -1.82
C LEU C 145 7.41 -34.15 -1.71
N GLY C 146 8.58 -34.53 -2.24
CA GLY C 146 9.06 -35.87 -2.01
C GLY C 146 9.34 -36.14 -0.54
N TYR C 147 9.96 -35.17 0.13
CA TYR C 147 10.17 -35.28 1.56
C TYR C 147 8.84 -35.32 2.30
N LEU C 148 7.99 -34.33 2.07
CA LEU C 148 6.66 -34.29 2.65
C LEU C 148 5.94 -35.64 2.48
N HIS C 149 5.96 -36.21 1.27
CA HIS C 149 5.32 -37.51 1.05
C HIS C 149 6.05 -38.62 1.82
N ALA C 150 7.39 -38.54 1.90
CA ALA C 150 8.15 -39.52 2.65
C ALA C 150 7.70 -39.57 4.10
N LEU C 151 7.22 -38.45 4.63
CA LEU C 151 6.58 -38.44 5.94
C LEU C 151 5.14 -38.91 5.87
N GLY C 152 4.61 -39.18 4.68
CA GLY C 152 3.24 -39.59 4.58
C GLY C 152 2.25 -38.45 4.56
N ILE C 153 2.73 -37.22 4.45
CA ILE C 153 1.90 -36.03 4.46
C ILE C 153 1.58 -35.61 3.04
N CYS C 154 0.35 -35.16 2.84
CA CYS C 154 -0.10 -34.63 1.56
C CYS C 154 -0.39 -33.16 1.74
N HIS C 155 0.19 -32.31 0.88
CA HIS C 155 -0.02 -30.88 1.02
C HIS C 155 -1.43 -30.47 0.55
N ARG C 156 -1.92 -31.02 -0.55
CA ARG C 156 -3.31 -30.88 -0.97
C ARG C 156 -3.69 -29.49 -1.47
N ASP C 157 -2.79 -28.51 -1.45
CA ASP C 157 -3.10 -27.24 -2.10
C ASP C 157 -1.83 -26.58 -2.64
N ILE C 158 -1.09 -27.27 -3.49
CA ILE C 158 0.12 -26.73 -4.10
C ILE C 158 -0.27 -25.80 -5.24
N LYS C 159 0.21 -24.56 -5.20
CA LYS C 159 -0.04 -23.59 -6.25
C LYS C 159 1.08 -22.56 -6.20
N PRO C 160 1.23 -21.73 -7.24
CA PRO C 160 2.29 -20.72 -7.22
C PRO C 160 2.29 -19.80 -6.00
N GLN C 161 1.14 -19.48 -5.44
CA GLN C 161 1.11 -18.59 -4.29
C GLN C 161 1.75 -19.22 -3.05
N ASN C 162 1.94 -20.53 -3.03
CA ASN C 162 2.52 -21.19 -1.86
C ASN C 162 4.00 -21.44 -1.98
N LEU C 163 4.59 -21.18 -3.13
CA LEU C 163 5.97 -21.54 -3.37
C LEU C 163 6.76 -20.26 -3.14
N LEU C 164 7.29 -20.10 -1.92
CA LEU C 164 8.09 -18.94 -1.59
C LEU C 164 9.43 -18.99 -2.32
N VAL C 165 9.94 -17.81 -2.69
CA VAL C 165 11.17 -17.67 -3.47
C VAL C 165 11.95 -16.47 -2.98
N ASP C 166 13.27 -16.58 -2.94
CA ASP C 166 14.12 -15.42 -2.69
C ASP C 166 14.90 -15.15 -3.98
N SER C 167 14.60 -14.02 -4.64
CA SER C 167 15.23 -13.67 -5.91
C SER C 167 16.75 -13.71 -5.83
N ARG C 168 17.29 -13.44 -4.64
CA ARG C 168 18.73 -13.28 -4.47
C ARG C 168 19.47 -14.62 -4.52
N THR C 169 18.91 -15.66 -3.89
CA THR C 169 19.48 -17.01 -3.90
C THR C 169 18.76 -17.99 -4.81
N HIS C 170 17.53 -17.66 -5.23
CA HIS C 170 16.56 -18.55 -5.92
C HIS C 170 16.29 -19.86 -5.18
N VAL C 171 16.23 -19.76 -3.85
CA VAL C 171 15.71 -20.82 -2.99
C VAL C 171 14.20 -20.83 -3.09
N LEU C 172 13.64 -22.03 -3.14
CA LEU C 172 12.20 -22.22 -3.14
C LEU C 172 11.86 -23.01 -1.91
N LYS C 173 10.80 -22.58 -1.20
CA LYS C 173 10.35 -23.31 -0.01
C LYS C 173 8.84 -23.46 -0.03
N LEU C 174 8.35 -24.60 0.42
CA LEU C 174 6.92 -24.79 0.59
C LEU C 174 6.41 -24.00 1.78
N CYS C 175 5.13 -23.65 1.72
CA CYS C 175 4.50 -23.07 2.89
C CYS C 175 3.01 -23.26 2.78
N ASP C 176 2.28 -22.70 3.75
CA ASP C 176 0.83 -22.74 3.80
C ASP C 176 0.33 -24.18 3.94
N PHE C 177 0.53 -24.72 5.13
CA PHE C 177 0.18 -26.11 5.43
C PHE C 177 -1.21 -26.24 6.07
N GLY C 178 -2.05 -25.21 5.93
CA GLY C 178 -3.41 -25.28 6.45
C GLY C 178 -4.25 -26.38 5.84
N SER C 179 -3.86 -26.93 4.69
CA SER C 179 -4.58 -28.05 4.08
C SER C 179 -3.86 -29.40 4.21
N ALA C 180 -2.63 -29.43 4.69
CA ALA C 180 -1.86 -30.67 4.72
C ALA C 180 -2.53 -31.69 5.63
N LYS C 181 -2.23 -32.96 5.42
CA LYS C 181 -2.95 -34.02 6.09
C LYS C 181 -2.32 -35.37 5.78
N ARG C 182 -2.39 -36.28 6.74
CA ARG C 182 -2.06 -37.69 6.50
C ARG C 182 -3.36 -38.32 6.00
N LEU C 183 -3.34 -38.83 4.77
CA LEU C 183 -4.53 -39.44 4.19
C LEU C 183 -4.95 -40.80 4.77
N ILE C 193 -11.29 -27.16 -1.27
CA ILE C 193 -10.04 -26.46 -0.97
C ILE C 193 -10.11 -25.03 -1.51
N CYS C 194 -10.90 -24.84 -2.59
CA CYS C 194 -11.06 -23.51 -3.25
C CYS C 194 -9.77 -23.09 -3.98
N SER C 195 -9.32 -23.87 -4.96
CA SER C 195 -8.14 -23.50 -5.79
C SER C 195 -8.49 -23.80 -7.25
N ARG C 196 -8.86 -25.05 -7.57
CA ARG C 196 -9.36 -25.43 -8.93
C ARG C 196 -8.33 -25.39 -10.07
N PHE C 197 -7.43 -24.42 -10.13
CA PHE C 197 -6.54 -24.37 -11.34
C PHE C 197 -5.44 -25.42 -11.23
N TYR C 198 -5.04 -25.78 -10.01
CA TYR C 198 -3.89 -26.70 -9.85
C TYR C 198 -4.35 -27.98 -9.19
N ARG C 199 -5.65 -28.21 -9.19
CA ARG C 199 -6.23 -29.41 -8.53
C ARG C 199 -6.23 -30.59 -9.49
N ALA C 200 -5.99 -31.79 -8.95
CA ALA C 200 -5.92 -33.03 -9.77
C ALA C 200 -7.29 -33.42 -10.29
N PRO C 201 -7.39 -34.15 -11.42
CA PRO C 201 -8.69 -34.49 -12.04
C PRO C 201 -9.51 -35.37 -11.12
N GLU C 202 -8.84 -36.18 -10.31
CA GLU C 202 -9.54 -37.08 -9.36
C GLU C 202 -10.37 -36.25 -8.38
N LEU C 203 -9.77 -35.20 -7.81
CA LEU C 203 -10.47 -34.33 -6.84
C LEU C 203 -11.68 -33.70 -7.51
N MET C 204 -11.51 -33.17 -8.71
CA MET C 204 -12.61 -32.46 -9.40
C MET C 204 -13.70 -33.45 -9.87
N LEU C 205 -13.51 -34.74 -9.68
CA LEU C 205 -14.58 -35.72 -10.01
C LEU C 205 -15.27 -36.12 -8.71
N GLY C 206 -14.89 -35.50 -7.59
CA GLY C 206 -15.60 -35.74 -6.32
C GLY C 206 -15.08 -36.94 -5.58
N ALA C 207 -13.88 -37.38 -5.92
CA ALA C 207 -13.38 -38.61 -5.29
C ALA C 207 -13.40 -38.47 -3.78
N SER C 208 -13.77 -39.55 -3.09
CA SER C 208 -13.76 -39.56 -1.62
C SER C 208 -12.35 -39.94 -1.16
N GLU C 209 -11.73 -40.89 -1.87
CA GLU C 209 -10.37 -41.33 -1.50
C GLU C 209 -9.40 -40.81 -2.56
N TYR C 210 -8.22 -40.38 -2.12
CA TYR C 210 -7.19 -39.90 -3.07
C TYR C 210 -5.84 -40.27 -2.50
N THR C 211 -4.79 -40.01 -3.26
CA THR C 211 -3.43 -40.36 -2.81
C THR C 211 -2.61 -39.09 -2.76
N THR C 212 -1.30 -39.21 -2.55
CA THR C 212 -0.40 -38.05 -2.52
C THR C 212 -0.09 -37.62 -3.93
N ALA C 213 -0.63 -38.32 -4.92
CA ALA C 213 -0.30 -38.02 -6.33
C ALA C 213 -1.07 -36.78 -6.78
N ILE C 214 -1.96 -36.29 -5.94
CA ILE C 214 -2.69 -35.03 -6.27
C ILE C 214 -1.68 -33.90 -6.27
N ASP C 215 -0.60 -34.05 -5.48
CA ASP C 215 0.42 -32.99 -5.37
C ASP C 215 1.31 -33.03 -6.60
N VAL C 216 1.45 -34.20 -7.23
CA VAL C 216 2.28 -34.36 -8.46
C VAL C 216 1.56 -33.67 -9.62
N TRP C 217 0.24 -33.81 -9.69
CA TRP C 217 -0.53 -33.07 -10.73
C TRP C 217 -0.30 -31.58 -10.55
N SER C 218 -0.36 -31.11 -9.32
CA SER C 218 -0.15 -29.67 -9.03
C SER C 218 1.28 -29.28 -9.45
N ILE C 219 2.27 -30.13 -9.22
CA ILE C 219 3.68 -29.86 -9.62
C ILE C 219 3.74 -29.65 -11.14
N GLY C 220 2.98 -30.44 -11.89
CA GLY C 220 3.00 -30.32 -13.35
C GLY C 220 2.28 -29.08 -13.80
N CYS C 221 1.21 -28.71 -13.12
CA CYS C 221 0.42 -27.52 -13.50
C CYS C 221 1.29 -26.28 -13.23
N VAL C 222 2.23 -26.38 -12.30
CA VAL C 222 3.18 -25.26 -12.03
C VAL C 222 4.30 -25.27 -13.07
N LEU C 223 4.83 -26.44 -13.42
CA LEU C 223 5.84 -26.52 -14.50
C LEU C 223 5.20 -25.97 -15.78
N GLY C 224 3.95 -26.33 -16.04
CA GLY C 224 3.25 -25.86 -17.24
C GLY C 224 3.11 -24.36 -17.30
N GLU C 225 2.74 -23.73 -16.19
CA GLU C 225 2.51 -22.27 -16.19
C GLU C 225 3.85 -21.56 -16.35
N LEU C 226 4.90 -22.14 -15.80
CA LEU C 226 6.25 -21.53 -15.90
C LEU C 226 6.72 -21.55 -17.36
N LEU C 227 6.25 -22.52 -18.16
CA LEU C 227 6.68 -22.65 -19.57
C LEU C 227 5.69 -21.95 -20.51
N LEU C 228 4.39 -21.99 -20.20
CA LEU C 228 3.36 -21.42 -21.11
C LEU C 228 3.16 -19.93 -20.82
N GLY C 229 3.45 -19.50 -19.59
CA GLY C 229 3.22 -18.11 -19.21
C GLY C 229 1.80 -17.89 -18.75
N ARG C 230 1.06 -18.99 -18.55
CA ARG C 230 -0.36 -18.88 -18.19
C ARG C 230 -0.81 -20.25 -17.70
N PRO C 231 -1.89 -20.36 -16.89
CA PRO C 231 -2.29 -21.66 -16.33
C PRO C 231 -2.60 -22.63 -17.46
N LEU C 232 -2.13 -23.87 -17.31
CA LEU C 232 -2.37 -24.93 -18.31
C LEU C 232 -3.88 -25.17 -18.41
N PHE C 233 -4.52 -25.35 -17.27
CA PHE C 233 -5.99 -25.59 -17.25
C PHE C 233 -6.60 -24.50 -16.40
N ALA C 234 -7.27 -23.53 -17.03
CA ALA C 234 -7.81 -22.38 -16.28
C ALA C 234 -9.31 -22.24 -16.52
N GLY C 235 -10.11 -22.92 -15.69
CA GLY C 235 -11.56 -22.78 -15.79
C GLY C 235 -12.13 -22.30 -14.48
N GLU C 236 -13.05 -21.35 -14.54
CA GLU C 236 -13.61 -20.79 -13.30
C GLU C 236 -14.16 -21.88 -12.40
N THR C 237 -14.76 -22.91 -12.98
CA THR C 237 -15.40 -23.90 -12.15
C THR C 237 -14.85 -25.32 -12.29
N VAL C 239 -16.00 -27.94 -13.41
CA VAL C 239 -16.54 -28.63 -14.61
C VAL C 239 -15.87 -28.06 -15.85
N ASP C 240 -15.92 -26.72 -15.95
CA ASP C 240 -15.21 -26.01 -17.01
C ASP C 240 -13.76 -26.48 -17.09
N GLN C 241 -13.24 -27.01 -15.98
CA GLN C 241 -11.83 -27.36 -15.85
C GLN C 241 -11.54 -28.73 -16.44
N LEU C 242 -12.29 -29.75 -16.03
CA LEU C 242 -12.21 -31.05 -16.70
C LEU C 242 -12.30 -30.93 -18.23
N VAL C 243 -13.20 -30.11 -18.77
CA VAL C 243 -13.27 -30.01 -20.23
C VAL C 243 -11.95 -29.50 -20.79
N LYS C 244 -11.36 -28.45 -20.18
CA LYS C 244 -10.09 -27.94 -20.70
C LYS C 244 -8.97 -28.97 -20.56
N ILE C 245 -9.04 -29.82 -19.53
CA ILE C 245 -8.06 -30.88 -19.41
C ILE C 245 -8.30 -31.91 -20.50
N ILE C 246 -9.56 -32.30 -20.71
CA ILE C 246 -9.91 -33.31 -21.71
C ILE C 246 -9.43 -32.88 -23.09
N GLN C 247 -9.54 -31.58 -23.39
CA GLN C 247 -9.11 -31.05 -24.68
C GLN C 247 -7.62 -31.21 -24.95
N ILE C 248 -6.86 -31.69 -23.97
CA ILE C 248 -5.42 -31.87 -24.10
C ILE C 248 -5.02 -33.32 -23.85
N LEU C 249 -5.46 -33.89 -22.72
CA LEU C 249 -5.10 -35.26 -22.37
C LEU C 249 -5.93 -36.29 -23.13
N GLY C 250 -6.96 -35.85 -23.87
CA GLY C 250 -7.84 -36.80 -24.51
C GLY C 250 -8.85 -37.36 -23.53
N THR C 251 -9.72 -38.20 -24.04
CA THR C 251 -10.72 -38.83 -23.20
C THR C 251 -10.08 -39.84 -22.26
N PRO C 252 -10.39 -39.83 -20.98
CA PRO C 252 -9.87 -40.89 -20.12
C PRO C 252 -10.54 -42.20 -20.52
N SER C 253 -9.75 -43.26 -20.53
CA SER C 253 -10.31 -44.54 -20.86
C SER C 253 -11.30 -44.98 -19.79
N ARG C 254 -12.06 -46.04 -20.09
CA ARG C 254 -12.96 -46.61 -19.11
C ARG C 254 -12.20 -46.94 -17.83
N ARG C 255 -10.99 -47.48 -17.97
CA ARG C 255 -10.26 -47.93 -16.80
C ARG C 255 -9.58 -46.76 -16.11
N GLN C 256 -9.07 -45.79 -16.88
CA GLN C 256 -8.47 -44.59 -16.27
C GLN C 256 -9.46 -43.84 -15.39
N MET C 257 -10.67 -43.59 -15.93
CA MET C 257 -11.73 -42.97 -15.15
C MET C 257 -12.05 -43.75 -13.88
N SER C 258 -11.76 -45.04 -13.86
CA SER C 258 -12.07 -45.81 -12.66
C SER C 258 -11.00 -45.65 -11.57
N THR C 259 -9.77 -45.33 -11.95
CA THR C 259 -8.75 -45.03 -10.95
C THR C 259 -8.85 -43.61 -10.40
N MET C 260 -9.70 -42.76 -10.96
CA MET C 260 -9.92 -41.41 -10.47
C MET C 260 -11.18 -41.34 -9.61
N ASN C 261 -12.34 -41.56 -10.20
CA ASN C 261 -13.50 -41.72 -9.35
C ASN C 261 -14.33 -42.89 -9.87
N PRO C 262 -14.39 -44.01 -9.14
CA PRO C 262 -15.17 -45.16 -9.61
C PRO C 262 -16.63 -44.86 -9.86
N ASN C 263 -17.24 -43.93 -9.14
CA ASN C 263 -18.62 -43.53 -9.40
C ASN C 263 -18.82 -42.99 -10.82
N TYR C 264 -17.75 -42.88 -11.61
CA TYR C 264 -17.87 -42.32 -12.95
C TYR C 264 -17.26 -43.22 -14.03
N THR C 265 -17.02 -44.49 -13.74
CA THR C 265 -16.44 -45.40 -14.72
C THR C 265 -17.28 -45.43 -15.99
N GLU C 266 -18.48 -46.02 -15.92
CA GLU C 266 -19.39 -46.09 -17.07
C GLU C 266 -20.02 -44.75 -17.47
N PHE C 267 -19.39 -43.65 -17.04
CA PHE C 267 -19.87 -42.30 -17.36
C PHE C 267 -19.06 -41.81 -18.55
N ARG C 268 -19.75 -41.58 -19.66
CA ARG C 268 -19.08 -41.14 -20.87
C ARG C 268 -19.00 -39.62 -20.94
N PHE C 269 -17.82 -39.13 -21.31
CA PHE C 269 -17.48 -37.76 -21.64
C PHE C 269 -17.38 -37.58 -23.15
N PRO C 270 -17.43 -36.36 -23.66
CA PRO C 270 -17.22 -36.16 -25.10
C PRO C 270 -15.86 -36.71 -25.50
N ASP C 271 -15.78 -37.30 -26.68
CA ASP C 271 -14.55 -37.96 -27.13
C ASP C 271 -13.67 -37.00 -27.92
N VAL C 272 -12.58 -36.57 -27.26
CA VAL C 272 -11.54 -35.71 -27.84
C VAL C 272 -10.29 -36.56 -28.04
N LYS C 273 -9.60 -36.34 -29.17
CA LYS C 273 -8.32 -37.03 -29.33
C LYS C 273 -7.24 -36.28 -28.56
N PRO C 274 -6.33 -37.00 -27.90
CA PRO C 274 -5.27 -36.34 -27.13
C PRO C 274 -4.36 -35.48 -27.99
N ARG C 275 -4.19 -34.23 -27.57
CA ARG C 275 -3.21 -33.34 -28.19
C ARG C 275 -1.81 -33.61 -27.62
N GLU C 276 -0.81 -32.99 -28.22
CA GLU C 276 0.58 -33.21 -27.83
C GLU C 276 1.15 -31.91 -27.29
N TRP C 277 1.95 -32.00 -26.22
CA TRP C 277 2.42 -30.77 -25.57
C TRP C 277 3.23 -29.92 -26.55
N LYS C 278 3.95 -30.56 -27.49
CA LYS C 278 4.65 -29.79 -28.51
C LYS C 278 3.68 -28.99 -29.38
N SER C 279 2.43 -29.45 -29.52
CA SER C 279 1.43 -28.64 -30.22
C SER C 279 1.04 -27.42 -29.37
N ILE C 280 0.70 -27.63 -28.11
CA ILE C 280 0.27 -26.53 -27.25
C ILE C 280 1.39 -25.51 -27.11
N PHE C 281 2.63 -25.97 -26.98
CA PHE C 281 3.77 -25.08 -26.80
C PHE C 281 4.48 -24.72 -28.09
N ALA C 282 3.95 -25.14 -29.24
CA ALA C 282 4.61 -24.87 -30.52
C ALA C 282 5.10 -23.44 -30.65
N SER C 283 4.24 -22.46 -30.32
CA SER C 283 4.61 -21.06 -30.47
C SER C 283 5.75 -20.65 -29.53
N HIS C 284 5.72 -21.11 -28.27
CA HIS C 284 6.80 -20.79 -27.34
C HIS C 284 8.12 -21.42 -27.77
N ILE C 285 8.08 -22.69 -28.18
CA ILE C 285 9.29 -23.37 -28.60
C ILE C 285 9.96 -22.63 -29.76
N ALA C 286 9.15 -22.05 -30.66
CA ALA C 286 9.68 -21.22 -31.74
C ALA C 286 10.34 -19.96 -31.19
N SER C 287 9.56 -19.12 -30.49
CA SER C 287 10.06 -17.83 -30.01
C SER C 287 11.33 -17.99 -29.16
N THR C 288 11.37 -19.02 -28.32
CA THR C 288 12.49 -19.18 -27.40
C THR C 288 13.66 -19.95 -28.01
N GLU C 289 13.43 -20.58 -29.18
CA GLU C 289 14.42 -21.31 -29.97
C GLU C 289 15.44 -22.15 -29.17
N THR C 290 16.73 -21.90 -29.45
CA THR C 290 17.90 -22.50 -28.80
C THR C 290 18.23 -23.93 -29.23
N ASN C 291 19.52 -24.24 -29.25
CA ASN C 291 20.03 -25.56 -29.60
C ASN C 291 20.28 -26.40 -28.36
N ASP C 292 19.30 -26.38 -27.47
CA ASP C 292 19.27 -26.96 -26.15
C ASP C 292 18.20 -28.04 -26.10
N PRO C 293 18.41 -29.13 -25.37
CA PRO C 293 17.33 -30.09 -25.11
C PRO C 293 16.32 -29.69 -24.02
N SER C 294 16.45 -28.50 -23.39
CA SER C 294 15.54 -28.09 -22.30
C SER C 294 14.06 -28.20 -22.67
N TRP C 295 13.66 -27.66 -23.84
CA TRP C 295 12.25 -27.74 -24.22
C TRP C 295 11.79 -29.19 -24.34
N ASP C 296 12.60 -30.06 -24.92
CA ASP C 296 12.21 -31.45 -25.00
C ASP C 296 12.17 -32.09 -23.62
N GLN C 297 13.17 -31.77 -22.77
CA GLN C 297 13.24 -32.37 -21.44
C GLN C 297 12.12 -31.83 -20.55
N ALA C 298 11.82 -30.54 -20.65
CA ALA C 298 10.75 -29.98 -19.83
C ALA C 298 9.41 -30.61 -20.18
N LEU C 299 9.11 -30.74 -21.49
CA LEU C 299 7.85 -31.35 -21.90
C LEU C 299 7.83 -32.83 -21.61
N ASP C 300 8.98 -33.53 -21.68
CA ASP C 300 8.96 -34.94 -21.32
C ASP C 300 8.55 -35.10 -19.86
N LEU C 301 8.99 -34.17 -19.03
CA LEU C 301 8.66 -34.17 -17.62
C LEU C 301 7.20 -33.81 -17.39
N LEU C 302 6.65 -32.88 -18.20
CA LEU C 302 5.24 -32.52 -18.08
C LEU C 302 4.34 -33.72 -18.36
N THR C 303 4.66 -34.48 -19.40
CA THR C 303 3.86 -35.65 -19.73
C THR C 303 3.89 -36.68 -18.61
N LYS C 304 5.05 -36.87 -17.97
CA LYS C 304 5.12 -37.87 -16.91
C LYS C 304 4.41 -37.44 -15.63
N PHE C 305 4.22 -36.14 -15.42
CA PHE C 305 3.52 -35.66 -14.24
C PHE C 305 2.01 -35.69 -14.42
N LEU C 306 1.55 -35.20 -15.56
CA LEU C 306 0.14 -34.93 -15.79
C LEU C 306 -0.50 -36.13 -16.45
N ARG C 307 -0.94 -37.08 -15.64
CA ARG C 307 -1.52 -38.34 -16.09
C ARG C 307 -2.82 -38.61 -15.35
N TYR C 308 -3.83 -39.11 -16.07
CA TYR C 308 -5.11 -39.39 -15.41
C TYR C 308 -4.93 -40.33 -14.24
N GLU C 309 -4.26 -41.44 -14.47
CA GLU C 309 -4.03 -42.42 -13.41
C GLU C 309 -3.12 -41.85 -12.34
N PRO C 310 -3.60 -41.63 -11.10
CA PRO C 310 -2.69 -41.12 -10.07
C PRO C 310 -1.46 -42.01 -9.91
N GLY C 311 -1.64 -43.32 -10.04
CA GLY C 311 -0.58 -44.28 -9.86
C GLY C 311 0.52 -44.24 -10.91
N GLU C 312 0.25 -43.66 -12.08
CA GLU C 312 1.26 -43.58 -13.13
C GLU C 312 2.04 -42.27 -13.12
N ARG C 313 1.69 -41.33 -12.24
CA ARG C 313 2.38 -40.05 -12.18
C ARG C 313 3.76 -40.22 -11.57
N LEU C 314 4.73 -39.54 -12.16
CA LEU C 314 6.11 -39.62 -11.69
C LEU C 314 6.23 -39.11 -10.26
N LEU C 315 6.81 -39.92 -9.37
CA LEU C 315 6.93 -39.51 -7.98
C LEU C 315 7.87 -38.30 -7.83
N PRO C 316 7.67 -37.47 -6.80
CA PRO C 316 8.44 -36.22 -6.75
C PRO C 316 9.93 -36.46 -6.67
N LEU C 317 10.39 -37.36 -5.81
CA LEU C 317 11.84 -37.58 -5.70
C LEU C 317 12.44 -38.29 -6.93
N GLU C 318 11.70 -39.21 -7.55
CA GLU C 318 12.17 -39.78 -8.81
C GLU C 318 12.41 -38.69 -9.84
N ALA C 319 11.57 -37.66 -9.84
CA ALA C 319 11.67 -36.65 -10.89
C ALA C 319 13.02 -35.94 -10.85
N LEU C 320 13.66 -35.89 -9.68
CA LEU C 320 14.90 -35.14 -9.55
C LEU C 320 15.97 -35.66 -10.50
N ALA C 321 15.93 -36.96 -10.82
CA ALA C 321 16.91 -37.58 -11.70
C ALA C 321 16.63 -37.33 -13.18
N HIS C 322 15.49 -36.71 -13.51
CA HIS C 322 15.15 -36.46 -14.91
C HIS C 322 16.20 -35.57 -15.56
N ASP C 323 16.41 -35.78 -16.85
CA ASP C 323 17.42 -35.03 -17.58
C ASP C 323 17.19 -33.53 -17.53
N PHE C 324 15.99 -33.11 -17.19
CA PHE C 324 15.71 -31.68 -17.13
C PHE C 324 16.64 -30.98 -16.15
N PHE C 325 17.00 -31.65 -15.06
CA PHE C 325 17.80 -31.08 -13.98
C PHE C 325 19.30 -31.39 -14.13
N ASP C 326 19.71 -32.04 -15.23
CA ASP C 326 21.11 -32.32 -15.46
C ASP C 326 21.93 -31.05 -15.44
N GLU C 327 21.37 -29.95 -15.93
CA GLU C 327 22.10 -28.69 -15.90
C GLU C 327 22.44 -28.28 -14.48
N LEU C 328 21.52 -28.50 -13.54
CA LEU C 328 21.78 -28.11 -12.16
C LEU C 328 22.93 -28.89 -11.53
N ARG C 329 23.24 -30.08 -12.05
CA ARG C 329 24.30 -30.90 -11.48
C ARG C 329 25.65 -30.64 -12.11
N LEU C 330 25.72 -29.82 -13.14
CA LEU C 330 27.02 -29.45 -13.65
C LEU C 330 27.75 -28.58 -12.63
N PRO C 331 29.04 -28.82 -12.42
CA PRO C 331 29.80 -27.97 -11.50
C PRO C 331 29.91 -26.53 -11.95
N SER C 332 29.92 -26.29 -13.25
CA SER C 332 30.12 -24.94 -13.77
C SER C 332 28.88 -24.04 -13.72
N THR C 333 27.70 -24.60 -13.42
CA THR C 333 26.46 -23.84 -13.43
C THR C 333 26.42 -22.81 -12.29
N ARG C 334 25.92 -21.61 -12.60
CA ARG C 334 25.63 -20.54 -11.63
C ARG C 334 24.20 -20.04 -11.82
N LEU C 335 23.74 -19.21 -10.88
CA LEU C 335 22.53 -18.45 -11.13
C LEU C 335 22.79 -17.49 -12.28
N PRO C 336 21.75 -17.01 -12.95
CA PRO C 336 22.01 -16.00 -13.98
C PRO C 336 22.77 -14.83 -13.42
N SER C 337 22.55 -14.49 -12.14
CA SER C 337 23.28 -13.41 -11.47
C SER C 337 24.79 -13.63 -11.49
N GLY C 338 25.24 -14.87 -11.57
CA GLY C 338 26.62 -15.25 -11.35
C GLY C 338 26.86 -15.99 -10.05
N GLY C 339 25.93 -15.89 -9.08
CA GLY C 339 26.12 -16.46 -7.78
C GLY C 339 26.08 -17.99 -7.78
N PRO C 340 26.29 -18.57 -6.59
CA PRO C 340 26.22 -20.03 -6.47
C PRO C 340 24.77 -20.51 -6.44
N LEU C 341 24.58 -21.76 -6.86
CA LEU C 341 23.25 -22.37 -6.82
C LEU C 341 22.83 -22.61 -5.38
N PRO C 342 21.54 -22.58 -5.07
CA PRO C 342 21.14 -22.86 -3.69
C PRO C 342 21.40 -24.30 -3.29
N GLU C 343 21.10 -24.64 -2.06
CA GLU C 343 21.14 -26.04 -1.64
C GLU C 343 20.29 -26.87 -2.60
N LEU C 344 20.89 -27.94 -3.14
CA LEU C 344 20.20 -28.82 -4.07
C LEU C 344 20.47 -30.30 -3.84
N PHE C 345 21.57 -30.69 -3.20
CA PHE C 345 22.02 -32.07 -3.25
C PHE C 345 22.28 -32.75 -1.92
N THR C 346 22.39 -32.02 -0.80
CA THR C 346 22.76 -32.65 0.46
C THR C 346 21.56 -33.45 0.99
N PHE C 347 21.30 -34.58 0.33
CA PHE C 347 20.14 -35.38 0.69
C PHE C 347 20.27 -36.01 2.06
N SER C 348 19.22 -35.89 2.86
CA SER C 348 19.11 -36.63 4.10
C SER C 348 18.98 -38.12 3.78
N GLN C 349 18.94 -38.93 4.85
CA GLN C 349 18.82 -40.36 4.66
C GLN C 349 17.40 -40.74 4.25
N LEU C 350 16.39 -40.01 4.74
CA LEU C 350 15.00 -40.28 4.36
C LEU C 350 14.77 -40.01 2.87
N GLU C 351 15.36 -38.92 2.37
CA GLU C 351 15.25 -38.62 0.95
C GLU C 351 15.84 -39.76 0.12
N LEU C 352 17.02 -40.23 0.50
CA LEU C 352 17.68 -41.31 -0.23
C LEU C 352 16.88 -42.59 -0.17
N GLN C 353 16.22 -42.86 0.95
CA GLN C 353 15.44 -44.09 1.01
C GLN C 353 14.29 -44.08 0.01
N ASN C 354 13.80 -42.90 -0.36
CA ASN C 354 12.67 -42.77 -1.26
C ASN C 354 13.10 -42.39 -2.68
N MET C 355 14.33 -42.75 -3.06
CA MET C 355 14.85 -42.56 -4.41
C MET C 355 15.31 -43.91 -4.94
N SER C 356 14.87 -44.28 -6.14
CA SER C 356 15.32 -45.52 -6.75
C SER C 356 16.85 -45.52 -6.90
N PRO C 357 17.48 -46.70 -6.84
CA PRO C 357 18.95 -46.74 -7.05
C PRO C 357 19.40 -46.05 -8.33
N ALA C 358 18.63 -46.15 -9.41
CA ALA C 358 18.96 -45.37 -10.61
C ALA C 358 18.96 -43.88 -10.29
N ALA C 359 17.98 -43.43 -9.50
CA ALA C 359 17.86 -41.99 -9.19
C ALA C 359 19.04 -41.53 -8.35
N GLN C 360 19.54 -42.38 -7.47
CA GLN C 360 20.64 -42.00 -6.58
C GLN C 360 21.92 -41.75 -7.36
N VAL C 361 22.24 -42.59 -8.34
CA VAL C 361 23.48 -42.37 -9.08
C VAL C 361 23.38 -41.13 -9.95
N LYS C 362 22.18 -40.84 -10.47
CA LYS C 362 21.98 -39.71 -11.37
C LYS C 362 22.01 -38.40 -10.59
N CYS C 363 21.54 -38.41 -9.35
CA CYS C 363 21.35 -37.19 -8.58
C CYS C 363 22.60 -36.72 -7.83
N ILE C 364 23.42 -37.62 -7.28
CA ILE C 364 24.67 -37.22 -6.64
C ILE C 364 25.71 -36.78 -7.66
N PRO C 365 26.15 -35.50 -7.64
CA PRO C 365 27.16 -35.05 -8.60
C PRO C 365 28.56 -35.57 -8.29
N THR D 27 -16.15 4.10 20.43
CA THR D 27 -17.59 3.96 20.53
C THR D 27 -18.08 2.51 20.68
N TYR D 28 -17.18 1.52 20.63
CA TYR D 28 -17.58 0.12 20.59
C TYR D 28 -16.61 -0.77 21.35
N ASP D 29 -17.15 -1.72 22.13
CA ASP D 29 -16.37 -2.84 22.62
C ASP D 29 -16.48 -4.02 21.67
N ILE D 30 -15.36 -4.40 21.08
CA ILE D 30 -15.28 -5.55 20.18
C ILE D 30 -15.04 -6.79 21.01
N GLY D 31 -15.89 -7.80 20.84
CA GLY D 31 -15.76 -8.99 21.65
C GLY D 31 -15.69 -10.31 20.91
N ARG D 32 -16.57 -11.25 21.27
CA ARG D 32 -16.55 -12.59 20.69
C ARG D 32 -16.65 -12.56 19.17
N VAL D 33 -15.90 -13.45 18.53
CA VAL D 33 -15.92 -13.59 17.08
C VAL D 33 -17.06 -14.52 16.70
N LEU D 34 -17.96 -14.04 15.85
CA LEU D 34 -19.06 -14.88 15.41
C LEU D 34 -18.65 -15.84 14.29
N GLY D 35 -17.79 -15.41 13.36
CA GLY D 35 -17.40 -16.27 12.25
C GLY D 35 -16.87 -15.45 11.07
N ASN D 36 -16.99 -16.04 9.88
CA ASN D 36 -16.48 -15.42 8.65
C ASN D 36 -17.61 -15.19 7.65
N GLY D 37 -17.76 -13.94 7.21
CA GLY D 37 -18.64 -13.60 6.11
C GLY D 37 -17.97 -13.88 4.78
N SER D 38 -18.35 -13.11 3.75
CA SER D 38 -17.75 -13.30 2.42
C SER D 38 -16.24 -13.13 2.46
N PHE D 39 -15.77 -12.20 3.29
CA PHE D 39 -14.35 -11.94 3.50
C PHE D 39 -14.28 -11.26 4.86
N GLY D 40 -13.10 -11.28 5.46
CA GLY D 40 -12.98 -10.66 6.76
C GLY D 40 -13.73 -11.41 7.85
N VAL D 41 -13.54 -11.02 9.11
CA VAL D 41 -14.19 -11.65 10.24
C VAL D 41 -15.33 -10.78 10.74
N VAL D 42 -16.39 -11.43 11.21
CA VAL D 42 -17.49 -10.74 11.88
C VAL D 42 -17.40 -11.05 13.36
N THR D 43 -17.59 -10.02 14.18
CA THR D 43 -17.43 -10.17 15.61
C THR D 43 -18.58 -9.48 16.33
N GLU D 44 -18.93 -9.99 17.52
CA GLU D 44 -19.88 -9.25 18.34
C GLU D 44 -19.26 -7.97 18.88
N ALA D 45 -20.13 -7.00 19.18
CA ALA D 45 -19.68 -5.73 19.72
C ALA D 45 -20.83 -5.05 20.45
N ARG D 46 -20.46 -4.23 21.44
CA ARG D 46 -21.43 -3.44 22.20
C ARG D 46 -21.23 -1.96 21.86
N CYS D 47 -22.34 -1.29 21.54
CA CYS D 47 -22.32 0.15 21.36
C CYS D 47 -22.36 0.77 22.74
N VAL D 48 -21.27 1.44 23.11
CA VAL D 48 -21.10 1.96 24.47
C VAL D 48 -22.11 3.05 24.77
N ASP D 49 -22.69 3.67 23.73
CA ASP D 49 -23.66 4.74 23.92
C ASP D 49 -25.01 4.18 24.34
N THR D 50 -25.43 3.05 23.77
CA THR D 50 -26.76 2.54 24.04
C THR D 50 -26.76 1.25 24.84
N GLY D 51 -25.62 0.57 24.93
CA GLY D 51 -25.57 -0.76 25.50
C GLY D 51 -26.01 -1.87 24.56
N GLU D 52 -26.50 -1.53 23.37
CA GLU D 52 -26.98 -2.53 22.43
C GLU D 52 -25.84 -3.35 21.83
N VAL D 53 -26.18 -4.57 21.42
CA VAL D 53 -25.24 -5.48 20.77
C VAL D 53 -25.39 -5.34 19.26
N VAL D 54 -24.26 -5.34 18.56
CA VAL D 54 -24.22 -5.23 17.11
C VAL D 54 -23.18 -6.20 16.57
N ALA D 55 -23.13 -6.31 15.25
CA ALA D 55 -22.14 -7.14 14.57
C ALA D 55 -21.21 -6.25 13.76
N ILE D 56 -19.91 -6.51 13.87
CA ILE D 56 -18.90 -5.71 13.18
C ILE D 56 -18.14 -6.63 12.26
N LYS D 57 -18.21 -6.36 10.97
CA LYS D 57 -17.39 -7.05 9.97
C LYS D 57 -16.17 -6.18 9.71
N LYS D 58 -14.98 -6.69 10.05
CA LYS D 58 -13.72 -5.99 9.86
C LYS D 58 -13.04 -6.52 8.60
N VAL D 59 -12.84 -5.67 7.59
CA VAL D 59 -12.13 -6.10 6.39
C VAL D 59 -10.94 -5.17 6.13
N LEU D 60 -9.94 -5.72 5.45
CA LEU D 60 -8.71 -5.03 5.12
C LEU D 60 -8.93 -4.26 3.82
N GLN D 61 -9.07 -2.94 3.90
CA GLN D 61 -9.18 -2.15 2.67
C GLN D 61 -7.79 -1.59 2.33
N LYS D 66 -15.43 2.96 -1.48
CA LYS D 66 -14.54 2.41 -2.52
C LYS D 66 -14.56 0.89 -2.35
N ASN D 67 -15.51 0.43 -1.54
CA ASN D 67 -15.52 -0.94 -1.03
C ASN D 67 -16.38 -1.92 -1.83
N ARG D 68 -17.52 -1.45 -2.37
CA ARG D 68 -18.57 -2.23 -3.03
C ARG D 68 -19.54 -2.77 -1.98
N GLU D 69 -19.06 -3.61 -1.06
CA GLU D 69 -19.95 -4.14 -0.02
C GLU D 69 -20.51 -3.02 0.84
N LEU D 70 -19.65 -2.06 1.22
CA LEU D 70 -20.11 -0.94 2.04
C LEU D 70 -20.97 0.01 1.20
N ASP D 71 -20.58 0.24 -0.04
CA ASP D 71 -21.38 1.08 -0.90
C ASP D 71 -22.77 0.49 -1.10
N ILE D 72 -22.84 -0.81 -1.39
CA ILE D 72 -24.13 -1.49 -1.53
C ILE D 72 -24.90 -1.49 -0.21
N MET D 73 -24.20 -1.73 0.90
CA MET D 73 -24.88 -1.76 2.19
C MET D 73 -25.54 -0.43 2.47
N LYS D 74 -24.88 0.67 2.10
CA LYS D 74 -25.45 1.99 2.32
C LYS D 74 -26.76 2.22 1.57
N GLU D 75 -27.01 1.50 0.49
CA GLU D 75 -28.24 1.74 -0.27
C GLU D 75 -29.44 1.04 0.34
N LEU D 76 -29.24 -0.10 0.99
CA LEU D 76 -30.33 -0.98 1.36
C LEU D 76 -31.04 -0.46 2.62
N LYS D 77 -32.37 -0.35 2.54
CA LYS D 77 -33.25 -0.15 3.69
C LYS D 77 -34.52 -0.95 3.41
N HIS D 78 -34.75 -2.00 4.18
CA HIS D 78 -35.85 -2.93 3.92
C HIS D 78 -36.07 -3.77 5.18
N PRO D 79 -37.30 -4.21 5.42
CA PRO D 79 -37.57 -5.00 6.63
C PRO D 79 -36.77 -6.28 6.73
N ASN D 80 -36.26 -6.81 5.61
CA ASN D 80 -35.63 -8.11 5.56
C ASN D 80 -34.19 -8.05 5.07
N VAL D 81 -33.51 -6.92 5.30
CA VAL D 81 -32.06 -6.82 5.14
C VAL D 81 -31.49 -6.26 6.45
N VAL D 82 -30.33 -6.77 6.88
CA VAL D 82 -29.69 -6.20 8.06
C VAL D 82 -29.51 -4.72 7.83
N LYS D 83 -29.78 -3.93 8.86
CA LYS D 83 -29.49 -2.51 8.76
C LYS D 83 -27.99 -2.26 8.89
N LEU D 84 -27.44 -1.44 8.01
CA LEU D 84 -26.10 -0.96 8.20
C LEU D 84 -26.19 0.14 9.25
N ILE D 85 -25.42 0.02 10.33
CA ILE D 85 -25.54 0.97 11.41
C ILE D 85 -24.46 2.04 11.34
N ASP D 86 -23.23 1.64 11.08
CA ASP D 86 -22.10 2.55 11.10
C ASP D 86 -20.98 1.89 10.33
N TYR D 87 -19.91 2.66 10.10
CA TYR D 87 -18.70 2.13 9.52
C TYR D 87 -17.58 3.07 9.94
N PHE D 88 -16.39 2.52 10.14
CA PHE D 88 -15.27 3.34 10.58
C PHE D 88 -14.00 2.54 10.25
N TYR D 89 -12.89 3.26 10.10
CA TYR D 89 -11.60 2.67 9.74
C TYR D 89 -10.59 2.78 10.87
N THR D 90 -9.83 1.72 11.10
CA THR D 90 -8.72 1.72 12.04
C THR D 90 -7.43 1.59 11.24
N GLU D 91 -6.37 2.22 11.73
CA GLU D 91 -5.15 2.25 10.93
C GLU D 91 -4.21 1.13 11.31
N MET D 92 -3.58 1.25 12.48
CA MET D 92 -2.60 0.28 12.96
C MET D 92 -1.42 0.18 12.00
N GLY D 93 -0.35 0.94 12.27
CA GLY D 93 0.88 0.78 11.52
C GLY D 93 1.68 2.06 11.39
N GLU D 94 1.31 2.90 10.42
CA GLU D 94 2.02 4.14 10.07
C GLU D 94 3.45 3.82 9.63
N ARG D 95 3.53 3.17 8.47
CA ARG D 95 4.82 2.85 7.86
C ARG D 95 4.66 2.91 6.35
N ASP D 96 5.74 3.32 5.67
CA ASP D 96 5.69 3.46 4.23
C ASP D 96 5.88 2.11 3.56
N SER D 97 5.00 1.81 2.61
CA SER D 97 4.96 0.51 1.92
C SER D 97 5.06 -0.66 2.92
N ARG D 102 -4.75 -0.72 6.31
CA ARG D 102 -6.05 -0.21 6.77
C ARG D 102 -7.14 -1.25 6.93
N PHE D 103 -8.02 -1.04 7.91
CA PHE D 103 -9.14 -1.94 8.18
C PHE D 103 -10.45 -1.18 8.09
N LEU D 104 -11.36 -1.66 7.23
CA LEU D 104 -12.74 -1.21 7.24
C LEU D 104 -13.55 -2.03 8.23
N ASN D 105 -14.32 -1.34 9.06
CA ASN D 105 -15.19 -1.96 10.06
C ASN D 105 -16.61 -1.61 9.66
N VAL D 106 -17.38 -2.61 9.24
CA VAL D 106 -18.77 -2.42 8.89
C VAL D 106 -19.63 -2.86 10.06
N VAL D 107 -20.45 -1.95 10.58
CA VAL D 107 -21.25 -2.18 11.79
C VAL D 107 -22.70 -2.37 11.37
N MET D 108 -23.29 -3.49 11.80
CA MET D 108 -24.64 -3.86 11.37
C MET D 108 -25.51 -4.30 12.54
N GLU D 109 -26.80 -4.33 12.27
CA GLU D 109 -27.78 -4.90 13.19
C GLU D 109 -27.42 -6.34 13.52
N HIS D 110 -27.55 -6.70 14.79
CA HIS D 110 -27.20 -8.04 15.24
C HIS D 110 -28.45 -8.88 15.42
N ILE D 111 -28.47 -10.02 14.75
CA ILE D 111 -29.52 -11.04 14.90
C ILE D 111 -28.83 -12.36 15.24
N PRO D 112 -29.31 -13.11 16.23
CA PRO D 112 -28.48 -14.19 16.79
C PRO D 112 -28.50 -15.53 16.04
N GLU D 113 -29.37 -15.76 15.04
CA GLU D 113 -29.44 -17.06 14.38
C GLU D 113 -29.46 -16.90 12.87
N THR D 114 -29.36 -18.04 12.19
CA THR D 114 -29.55 -18.14 10.75
C THR D 114 -30.60 -19.20 10.44
N VAL D 115 -31.09 -19.21 9.20
CA VAL D 115 -31.91 -20.33 8.76
C VAL D 115 -31.15 -21.63 8.92
N TYR D 116 -29.85 -21.61 8.60
CA TYR D 116 -28.99 -22.78 8.76
C TYR D 116 -29.09 -23.37 10.16
N ARG D 117 -28.91 -22.51 11.17
CA ARG D 117 -28.92 -22.95 12.57
C ARG D 117 -30.30 -23.47 12.97
N VAL D 118 -31.38 -22.81 12.51
CA VAL D 118 -32.73 -23.30 12.78
C VAL D 118 -32.94 -24.67 12.14
N MET D 119 -32.37 -24.87 10.95
CA MET D 119 -32.50 -26.14 10.24
C MET D 119 -31.86 -27.29 11.03
N LYS D 120 -30.57 -27.17 11.38
CA LYS D 120 -29.93 -28.20 12.18
C LYS D 120 -30.68 -28.44 13.48
N SER D 121 -31.40 -27.43 13.97
CA SER D 121 -32.15 -27.61 15.20
C SER D 121 -33.24 -28.65 15.02
N PHE D 122 -34.06 -28.50 13.96
CA PHE D 122 -35.11 -29.47 13.71
C PHE D 122 -34.56 -30.81 13.22
N LEU D 123 -33.45 -30.77 12.48
CA LEU D 123 -32.82 -32.00 12.02
C LEU D 123 -32.43 -32.87 13.21
N ARG D 124 -31.60 -32.32 14.11
CA ARG D 124 -31.22 -32.98 15.35
C ARG D 124 -32.45 -33.45 16.11
N ALA D 125 -33.54 -32.69 16.01
CA ALA D 125 -34.82 -32.98 16.66
C ALA D 125 -35.64 -34.04 15.93
N ASN D 126 -35.11 -34.60 14.84
CA ASN D 126 -35.81 -35.58 14.05
C ASN D 126 -37.21 -35.08 13.68
N GLN D 127 -37.26 -33.84 13.21
CA GLN D 127 -38.53 -33.18 12.97
C GLN D 127 -38.39 -32.22 11.80
N GLN D 128 -39.50 -31.98 11.12
CA GLN D 128 -39.53 -31.03 10.02
C GLN D 128 -39.87 -29.64 10.53
N VAL D 129 -39.20 -28.64 9.94
CA VAL D 129 -39.50 -27.23 10.19
C VAL D 129 -40.98 -26.98 9.93
N PRO D 130 -41.74 -26.42 10.88
CA PRO D 130 -43.18 -26.21 10.67
C PRO D 130 -43.47 -25.43 9.40
N PHE D 131 -44.61 -25.74 8.78
CA PHE D 131 -44.90 -25.14 7.49
C PHE D 131 -45.09 -23.64 7.60
N ILE D 132 -45.65 -23.17 8.72
CA ILE D 132 -45.85 -21.74 8.89
C ILE D 132 -44.51 -21.05 8.95
N LEU D 133 -43.50 -21.72 9.49
CA LEU D 133 -42.16 -21.15 9.49
C LEU D 133 -41.53 -21.24 8.11
N ILE D 134 -41.75 -22.36 7.38
CA ILE D 134 -41.27 -22.44 6.00
C ILE D 134 -41.86 -21.33 5.14
N LYS D 135 -43.17 -21.08 5.28
CA LYS D 135 -43.81 -20.01 4.53
C LYS D 135 -43.20 -18.67 4.92
N LEU D 136 -43.08 -18.41 6.23
CA LEU D 136 -42.52 -17.15 6.71
C LEU D 136 -41.11 -16.92 6.18
N TYR D 137 -40.24 -17.92 6.30
CA TYR D 137 -38.85 -17.71 5.88
C TYR D 137 -38.76 -17.55 4.37
N THR D 138 -39.46 -18.39 3.61
CA THR D 138 -39.40 -18.30 2.15
C THR D 138 -39.96 -16.97 1.67
N TYR D 139 -41.08 -16.56 2.26
CA TYR D 139 -41.70 -15.29 1.90
C TYR D 139 -40.75 -14.14 2.14
N GLN D 140 -40.26 -13.98 3.37
CA GLN D 140 -39.40 -12.85 3.67
C GLN D 140 -38.15 -12.88 2.81
N MET D 141 -37.65 -14.10 2.53
CA MET D 141 -36.50 -14.23 1.66
C MET D 141 -36.82 -13.75 0.25
N CYS D 142 -37.97 -14.19 -0.28
CA CYS D 142 -38.37 -13.75 -1.60
C CYS D 142 -38.48 -12.23 -1.63
N ARG D 143 -39.20 -11.67 -0.67
CA ARG D 143 -39.41 -10.23 -0.63
C ARG D 143 -38.08 -9.48 -0.51
N ALA D 144 -37.15 -9.98 0.30
CA ALA D 144 -35.84 -9.35 0.39
C ALA D 144 -35.10 -9.43 -0.93
N LEU D 145 -35.10 -10.60 -1.58
CA LEU D 145 -34.38 -10.70 -2.83
C LEU D 145 -35.10 -9.96 -3.94
N GLY D 146 -36.43 -9.95 -3.91
CA GLY D 146 -37.17 -9.13 -4.85
C GLY D 146 -36.81 -7.67 -4.72
N TYR D 147 -36.71 -7.19 -3.48
CA TYR D 147 -36.28 -5.82 -3.23
C TYR D 147 -34.88 -5.60 -3.81
N LEU D 148 -33.93 -6.43 -3.39
CA LEU D 148 -32.55 -6.35 -3.86
C LEU D 148 -32.46 -6.28 -5.38
N HIS D 149 -33.24 -7.09 -6.09
CA HIS D 149 -33.22 -7.05 -7.55
C HIS D 149 -33.79 -5.75 -8.09
N ALA D 150 -34.85 -5.22 -7.46
CA ALA D 150 -35.44 -3.96 -7.93
C ALA D 150 -34.44 -2.80 -7.88
N LEU D 151 -33.44 -2.85 -7.00
CA LEU D 151 -32.32 -1.91 -7.06
C LEU D 151 -31.25 -2.31 -8.07
N GLY D 152 -31.43 -3.45 -8.75
CA GLY D 152 -30.45 -3.90 -9.71
C GLY D 152 -29.29 -4.68 -9.14
N ILE D 153 -29.34 -5.04 -7.87
CA ILE D 153 -28.25 -5.73 -7.18
C ILE D 153 -28.52 -7.22 -7.20
N CYS D 154 -27.45 -8.01 -7.37
CA CYS D 154 -27.53 -9.46 -7.31
C CYS D 154 -26.72 -9.93 -6.12
N HIS D 155 -27.31 -10.79 -5.28
CA HIS D 155 -26.64 -11.22 -4.06
C HIS D 155 -25.55 -12.24 -4.35
N ARG D 156 -25.82 -13.21 -5.23
CA ARG D 156 -24.86 -14.15 -5.79
C ARG D 156 -24.38 -15.22 -4.82
N ASP D 157 -24.75 -15.17 -3.55
CA ASP D 157 -24.40 -16.23 -2.61
C ASP D 157 -25.42 -16.39 -1.49
N ILE D 158 -26.69 -16.60 -1.85
CA ILE D 158 -27.72 -16.92 -0.86
C ILE D 158 -27.64 -18.37 -0.43
N LYS D 159 -27.62 -18.59 0.87
CA LYS D 159 -27.60 -19.91 1.47
C LYS D 159 -28.19 -19.74 2.85
N PRO D 160 -28.55 -20.85 3.51
CA PRO D 160 -29.10 -20.73 4.86
C PRO D 160 -28.22 -19.96 5.84
N GLN D 161 -26.90 -20.03 5.68
CA GLN D 161 -26.01 -19.36 6.60
C GLN D 161 -26.09 -17.85 6.51
N ASN D 162 -26.65 -17.30 5.42
CA ASN D 162 -26.80 -15.87 5.20
C ASN D 162 -28.15 -15.33 5.60
N LEU D 163 -29.09 -16.19 5.96
CA LEU D 163 -30.45 -15.78 6.25
C LEU D 163 -30.61 -15.70 7.77
N LEU D 164 -30.46 -14.49 8.30
CA LEU D 164 -30.63 -14.26 9.73
C LEU D 164 -32.08 -14.46 10.13
N VAL D 165 -32.28 -14.97 11.34
CA VAL D 165 -33.60 -15.25 11.89
C VAL D 165 -33.60 -14.83 13.34
N ASP D 166 -34.73 -14.32 13.81
CA ASP D 166 -34.98 -14.08 15.23
C ASP D 166 -36.03 -15.08 15.71
N SER D 167 -35.64 -16.01 16.56
CA SER D 167 -36.58 -17.02 17.04
C SER D 167 -37.83 -16.39 17.64
N ARG D 168 -37.72 -15.17 18.17
CA ARG D 168 -38.83 -14.62 18.95
C ARG D 168 -39.96 -14.13 18.08
N THR D 169 -39.61 -13.43 17.01
CA THR D 169 -40.54 -12.85 16.06
C THR D 169 -40.65 -13.61 14.76
N HIS D 170 -39.71 -14.51 14.49
CA HIS D 170 -39.55 -15.18 13.21
C HIS D 170 -39.46 -14.20 12.04
N VAL D 171 -38.71 -13.13 12.27
CA VAL D 171 -38.22 -12.25 11.22
C VAL D 171 -37.02 -12.90 10.57
N LEU D 172 -36.92 -12.76 9.24
CA LEU D 172 -35.76 -13.15 8.47
C LEU D 172 -35.19 -11.91 7.81
N LYS D 173 -33.86 -11.76 7.84
CA LYS D 173 -33.22 -10.64 7.17
C LYS D 173 -32.05 -11.17 6.35
N LEU D 174 -31.84 -10.57 5.18
CA LEU D 174 -30.67 -10.90 4.37
C LEU D 174 -29.42 -10.26 4.97
N CYS D 175 -28.29 -10.88 4.72
CA CYS D 175 -27.01 -10.33 5.17
C CYS D 175 -25.91 -10.89 4.29
N ASP D 176 -24.68 -10.57 4.64
CA ASP D 176 -23.49 -11.06 3.98
C ASP D 176 -23.50 -10.68 2.50
N PHE D 177 -23.29 -9.37 2.28
CA PHE D 177 -23.32 -8.82 0.93
C PHE D 177 -21.93 -8.69 0.34
N GLY D 178 -20.93 -9.37 0.92
CA GLY D 178 -19.59 -9.33 0.37
C GLY D 178 -19.47 -9.84 -1.05
N SER D 179 -20.45 -10.61 -1.52
CA SER D 179 -20.46 -11.07 -2.90
C SER D 179 -21.45 -10.32 -3.77
N ALA D 180 -22.27 -9.43 -3.19
CA ALA D 180 -23.23 -8.68 -3.98
C ALA D 180 -22.54 -7.76 -4.98
N LYS D 181 -23.26 -7.40 -6.03
CA LYS D 181 -22.78 -6.66 -7.19
C LYS D 181 -23.98 -6.38 -8.09
N ARG D 182 -23.90 -5.27 -8.83
CA ARG D 182 -24.94 -4.89 -9.78
C ARG D 182 -24.87 -5.54 -11.16
N LEU D 183 -23.86 -6.35 -11.47
CA LEU D 183 -23.77 -7.05 -12.75
C LEU D 183 -23.82 -6.13 -13.98
N VAL D 184 -22.71 -5.48 -14.31
CA VAL D 184 -22.58 -4.75 -15.57
C VAL D 184 -22.07 -5.74 -16.62
N PRO D 185 -22.94 -6.23 -17.54
CA PRO D 185 -22.61 -7.31 -18.50
C PRO D 185 -21.20 -7.23 -19.14
N ILE D 193 -16.14 -17.61 -5.96
CA ILE D 193 -16.25 -17.84 -4.50
C ILE D 193 -16.70 -19.30 -4.31
N CYS D 194 -16.37 -19.89 -3.16
CA CYS D 194 -16.62 -21.32 -2.94
C CYS D 194 -17.95 -21.64 -2.28
N SER D 195 -19.04 -21.07 -2.80
CA SER D 195 -20.38 -21.53 -2.46
C SER D 195 -20.74 -22.73 -3.31
N ARG D 196 -21.28 -23.78 -2.70
CA ARG D 196 -21.41 -25.08 -3.35
C ARG D 196 -22.84 -25.45 -3.72
N PHE D 197 -23.69 -25.73 -2.73
CA PHE D 197 -24.95 -26.44 -2.95
C PHE D 197 -26.06 -25.58 -3.55
N TYR D 198 -25.91 -24.26 -3.51
CA TYR D 198 -26.99 -23.34 -3.83
C TYR D 198 -26.69 -22.50 -5.07
N ARG D 199 -25.68 -22.91 -5.84
CA ARG D 199 -25.32 -22.26 -7.08
C ARG D 199 -26.22 -22.72 -8.22
N ALA D 200 -26.55 -21.79 -9.11
CA ALA D 200 -27.36 -22.09 -10.28
C ALA D 200 -26.58 -22.95 -11.25
N PRO D 201 -27.25 -23.77 -12.07
CA PRO D 201 -26.50 -24.59 -13.04
C PRO D 201 -25.65 -23.76 -13.99
N GLU D 202 -26.11 -22.55 -14.37
CA GLU D 202 -25.25 -21.74 -15.25
C GLU D 202 -23.95 -21.37 -14.56
N LEU D 203 -23.97 -21.15 -13.23
CA LEU D 203 -22.76 -20.85 -12.48
C LEU D 203 -21.83 -22.05 -12.40
N MET D 204 -22.38 -23.25 -12.24
CA MET D 204 -21.50 -24.42 -12.16
C MET D 204 -20.90 -24.78 -13.51
N LEU D 205 -21.44 -24.25 -14.62
CA LEU D 205 -20.79 -24.29 -15.93
C LEU D 205 -19.94 -23.04 -16.21
N GLY D 206 -19.58 -22.29 -15.17
CA GLY D 206 -18.65 -21.18 -15.30
C GLY D 206 -19.06 -20.10 -16.26
N ALA D 207 -20.36 -19.89 -16.45
CA ALA D 207 -20.83 -18.95 -17.47
C ALA D 207 -20.30 -17.54 -17.29
N SER D 208 -19.29 -17.15 -18.08
CA SER D 208 -18.74 -15.79 -18.08
C SER D 208 -19.74 -14.66 -17.89
N GLU D 209 -21.02 -14.89 -18.20
CA GLU D 209 -22.09 -13.91 -17.98
C GLU D 209 -23.33 -14.63 -17.48
N TYR D 210 -24.07 -13.97 -16.57
CA TYR D 210 -25.27 -14.52 -15.95
C TYR D 210 -26.16 -13.38 -15.47
N THR D 211 -27.33 -13.75 -14.94
CA THR D 211 -28.32 -12.78 -14.48
C THR D 211 -28.65 -12.99 -13.01
N THR D 212 -29.44 -12.06 -12.47
CA THR D 212 -29.92 -12.15 -11.10
C THR D 212 -30.74 -13.40 -10.85
N ALA D 213 -31.05 -14.16 -11.90
CA ALA D 213 -31.81 -15.38 -11.69
C ALA D 213 -31.05 -16.35 -10.81
N ILE D 214 -29.73 -16.20 -10.68
CA ILE D 214 -28.96 -17.11 -9.84
C ILE D 214 -29.45 -17.03 -8.39
N ASP D 215 -29.82 -15.82 -7.92
CA ASP D 215 -30.40 -15.70 -6.59
C ASP D 215 -31.72 -16.45 -6.50
N VAL D 216 -32.50 -16.44 -7.59
CA VAL D 216 -33.78 -17.15 -7.59
C VAL D 216 -33.55 -18.64 -7.46
N TRP D 217 -32.52 -19.16 -8.12
CA TRP D 217 -32.18 -20.58 -7.95
C TRP D 217 -31.85 -20.91 -6.51
N SER D 218 -31.10 -20.03 -5.83
CA SER D 218 -30.79 -20.26 -4.42
C SER D 218 -32.04 -20.29 -3.56
N ILE D 219 -32.95 -19.31 -3.76
CA ILE D 219 -34.24 -19.34 -3.08
C ILE D 219 -34.86 -20.73 -3.14
N GLY D 220 -34.82 -21.34 -4.32
CA GLY D 220 -35.38 -22.68 -4.49
C GLY D 220 -34.64 -23.75 -3.70
N CYS D 221 -33.32 -23.64 -3.63
CA CYS D 221 -32.56 -24.62 -2.87
C CYS D 221 -32.85 -24.48 -1.36
N VAL D 222 -33.00 -23.24 -0.89
CA VAL D 222 -33.30 -22.98 0.52
C VAL D 222 -34.68 -23.51 0.88
N LEU D 223 -35.70 -23.15 0.09
CA LEU D 223 -37.02 -23.75 0.26
C LEU D 223 -36.95 -25.26 0.20
N GLY D 224 -36.20 -25.79 -0.78
CA GLY D 224 -36.09 -27.22 -0.93
C GLY D 224 -35.52 -27.89 0.31
N GLU D 225 -34.41 -27.37 0.81
CA GLU D 225 -33.82 -27.98 2.00
C GLU D 225 -34.74 -27.85 3.21
N LEU D 226 -35.49 -26.75 3.33
CA LEU D 226 -36.37 -26.60 4.49
C LEU D 226 -37.37 -27.74 4.55
N LEU D 227 -37.86 -28.18 3.39
CA LEU D 227 -38.88 -29.22 3.32
C LEU D 227 -38.27 -30.61 3.44
N LEU D 228 -37.08 -30.81 2.88
CA LEU D 228 -36.52 -32.16 2.81
C LEU D 228 -35.71 -32.54 4.03
N GLY D 229 -35.19 -31.57 4.77
CA GLY D 229 -34.31 -31.85 5.88
C GLY D 229 -32.86 -31.99 5.53
N ARG D 230 -32.48 -31.72 4.30
CA ARG D 230 -31.09 -31.82 3.86
C ARG D 230 -30.99 -31.10 2.53
N PRO D 231 -29.77 -30.78 2.10
CA PRO D 231 -29.63 -30.08 0.81
C PRO D 231 -30.27 -30.88 -0.34
N LEU D 232 -30.85 -30.12 -1.28
CA LEU D 232 -31.42 -30.75 -2.47
C LEU D 232 -30.35 -31.37 -3.36
N PHE D 233 -29.24 -30.66 -3.59
CA PHE D 233 -28.21 -31.12 -4.51
C PHE D 233 -26.86 -31.04 -3.80
N ALA D 234 -26.67 -31.91 -2.81
CA ALA D 234 -25.47 -31.92 -1.99
C ALA D 234 -24.46 -32.81 -2.70
N GLY D 235 -23.32 -32.24 -3.06
CA GLY D 235 -22.25 -32.98 -3.71
C GLY D 235 -20.91 -32.36 -3.44
N GLU D 236 -19.87 -33.21 -3.40
CA GLU D 236 -18.54 -32.72 -3.03
C GLU D 236 -18.06 -31.66 -4.01
N THR D 237 -18.29 -31.85 -5.30
CA THR D 237 -17.82 -30.93 -6.33
C THR D 237 -19.00 -30.49 -7.20
N SER D 238 -18.72 -29.57 -8.13
CA SER D 238 -19.73 -29.20 -9.14
C SER D 238 -20.17 -30.40 -9.97
N VAL D 239 -19.23 -31.29 -10.28
CA VAL D 239 -19.56 -32.47 -11.06
C VAL D 239 -20.62 -33.30 -10.33
N ASP D 240 -20.37 -33.63 -9.06
CA ASP D 240 -21.35 -34.32 -8.24
C ASP D 240 -22.71 -33.64 -8.23
N GLN D 241 -22.73 -32.32 -8.40
CA GLN D 241 -23.92 -31.50 -8.25
C GLN D 241 -24.77 -31.43 -9.51
N LEU D 242 -24.17 -31.05 -10.65
CA LEU D 242 -24.86 -31.23 -11.92
C LEU D 242 -25.39 -32.64 -12.05
N VAL D 243 -24.62 -33.64 -11.64
CA VAL D 243 -25.12 -35.02 -11.67
C VAL D 243 -26.40 -35.11 -10.84
N LYS D 244 -26.39 -34.51 -9.65
CA LYS D 244 -27.58 -34.54 -8.80
C LYS D 244 -28.73 -33.71 -9.39
N ILE D 245 -28.41 -32.60 -10.05
CA ILE D 245 -29.43 -31.78 -10.71
C ILE D 245 -30.01 -32.52 -11.90
N ILE D 246 -29.14 -33.14 -12.70
CA ILE D 246 -29.61 -33.89 -13.86
C ILE D 246 -30.52 -35.03 -13.41
N GLN D 247 -30.16 -35.71 -12.32
CA GLN D 247 -30.99 -36.81 -11.82
C GLN D 247 -32.36 -36.38 -11.39
N ILE D 248 -32.67 -35.09 -11.37
CA ILE D 248 -33.97 -34.61 -10.91
C ILE D 248 -34.66 -33.85 -12.03
N LEU D 249 -33.99 -32.82 -12.57
CA LEU D 249 -34.56 -31.98 -13.62
C LEU D 249 -34.55 -32.61 -15.00
N GLY D 250 -33.90 -33.77 -15.18
CA GLY D 250 -33.77 -34.39 -16.49
C GLY D 250 -32.66 -33.76 -17.31
N THR D 251 -32.38 -34.37 -18.46
CA THR D 251 -31.34 -33.84 -19.33
C THR D 251 -31.80 -32.54 -20.00
N PRO D 252 -31.01 -31.46 -19.91
CA PRO D 252 -31.38 -30.20 -20.55
C PRO D 252 -31.31 -30.24 -22.06
N SER D 253 -32.23 -29.55 -22.71
CA SER D 253 -32.16 -29.40 -24.16
C SER D 253 -30.98 -28.48 -24.52
N ARG D 254 -30.64 -28.45 -25.82
CA ARG D 254 -29.58 -27.57 -26.30
C ARG D 254 -29.86 -26.12 -25.96
N ARG D 255 -31.11 -25.70 -26.15
CA ARG D 255 -31.42 -24.29 -25.98
C ARG D 255 -31.46 -23.92 -24.50
N GLN D 256 -31.96 -24.82 -23.65
CA GLN D 256 -31.80 -24.62 -22.22
C GLN D 256 -30.33 -24.50 -21.87
N MET D 257 -29.52 -25.43 -22.39
CA MET D 257 -28.08 -25.35 -22.20
C MET D 257 -27.47 -24.04 -22.71
N SER D 258 -28.02 -23.47 -23.79
CA SER D 258 -27.47 -22.24 -24.35
C SER D 258 -27.89 -20.99 -23.58
N THR D 259 -28.97 -21.06 -22.80
CA THR D 259 -29.32 -19.96 -21.90
C THR D 259 -28.49 -19.94 -20.62
N MET D 260 -27.71 -20.99 -20.36
CA MET D 260 -26.85 -21.09 -19.19
C MET D 260 -25.41 -20.70 -19.54
N ASN D 261 -24.76 -21.46 -20.38
CA ASN D 261 -23.46 -21.08 -20.92
C ASN D 261 -23.55 -21.46 -22.39
N PRO D 262 -23.40 -20.52 -23.34
CA PRO D 262 -23.50 -20.89 -24.76
C PRO D 262 -22.56 -22.02 -25.16
N ASN D 263 -21.36 -22.05 -24.58
CA ASN D 263 -20.46 -23.18 -24.72
C ASN D 263 -21.14 -24.42 -24.13
N TYR D 264 -20.60 -25.59 -24.43
CA TYR D 264 -21.11 -26.88 -23.97
C TYR D 264 -22.44 -27.25 -24.65
N THR D 265 -22.83 -26.54 -25.71
CA THR D 265 -24.03 -26.91 -26.46
C THR D 265 -23.84 -28.30 -27.08
N GLU D 266 -24.89 -29.14 -27.04
CA GLU D 266 -24.81 -30.51 -27.56
C GLU D 266 -23.61 -31.28 -27.05
N PHE D 267 -23.07 -30.85 -25.93
CA PHE D 267 -21.82 -31.38 -25.43
C PHE D 267 -22.04 -32.06 -24.09
N ARG D 268 -21.82 -33.39 -24.05
CA ARG D 268 -21.93 -34.21 -22.85
C ARG D 268 -23.36 -34.60 -22.52
N PHE D 269 -23.57 -35.00 -21.26
CA PHE D 269 -24.84 -35.21 -20.58
C PHE D 269 -25.59 -36.40 -21.17
N PRO D 270 -25.65 -37.53 -20.45
CA PRO D 270 -26.48 -38.66 -20.90
C PRO D 270 -27.94 -38.30 -21.05
N ASP D 271 -28.77 -39.26 -21.46
CA ASP D 271 -30.21 -39.01 -21.48
C ASP D 271 -30.72 -39.42 -20.10
N VAL D 272 -30.95 -38.45 -19.23
CA VAL D 272 -31.56 -38.69 -17.92
C VAL D 272 -32.96 -38.09 -17.93
N LYS D 273 -33.96 -38.89 -17.47
CA LYS D 273 -35.36 -38.50 -17.45
C LYS D 273 -35.68 -37.64 -16.21
N PRO D 274 -36.55 -36.64 -16.36
CA PRO D 274 -36.94 -35.83 -15.20
C PRO D 274 -37.72 -36.66 -14.20
N ARG D 275 -37.27 -36.65 -12.95
CA ARG D 275 -38.00 -37.24 -11.85
C ARG D 275 -39.03 -36.22 -11.34
N GLU D 276 -39.85 -36.65 -10.37
CA GLU D 276 -40.97 -35.87 -9.86
C GLU D 276 -40.73 -35.46 -8.42
N TRP D 277 -41.03 -34.20 -8.08
CA TRP D 277 -40.79 -33.73 -6.70
C TRP D 277 -41.65 -34.49 -5.69
N LYS D 278 -42.87 -34.87 -6.10
CA LYS D 278 -43.76 -35.65 -5.25
C LYS D 278 -43.19 -37.03 -4.95
N SER D 279 -42.40 -37.59 -5.87
CA SER D 279 -41.72 -38.85 -5.57
C SER D 279 -40.67 -38.65 -4.49
N ILE D 280 -39.84 -37.60 -4.63
CA ILE D 280 -38.75 -37.35 -3.68
C ILE D 280 -39.28 -37.17 -2.26
N PHE D 281 -40.37 -36.43 -2.11
CA PHE D 281 -40.88 -36.16 -0.77
C PHE D 281 -41.96 -37.16 -0.35
N ALA D 282 -42.19 -38.20 -1.15
CA ALA D 282 -43.21 -39.21 -0.85
C ALA D 282 -43.19 -39.64 0.61
N SER D 283 -42.00 -39.91 1.14
CA SER D 283 -41.90 -40.34 2.53
C SER D 283 -42.30 -39.21 3.48
N HIS D 284 -41.92 -37.98 3.17
CA HIS D 284 -42.32 -36.84 3.99
C HIS D 284 -43.83 -36.62 3.93
N ILE D 285 -44.39 -36.65 2.71
CA ILE D 285 -45.83 -36.43 2.53
C ILE D 285 -46.65 -37.47 3.27
N ALA D 286 -46.14 -38.70 3.36
CA ALA D 286 -46.82 -39.72 4.15
C ALA D 286 -46.89 -39.32 5.62
N SER D 287 -45.72 -39.12 6.23
CA SER D 287 -45.62 -38.85 7.66
C SER D 287 -46.47 -37.64 8.07
N THR D 288 -46.52 -36.60 7.23
CA THR D 288 -47.24 -35.38 7.61
C THR D 288 -48.72 -35.45 7.21
N GLU D 289 -49.01 -35.70 5.92
CA GLU D 289 -50.37 -35.73 5.36
C GLU D 289 -50.96 -34.33 5.37
N THR D 290 -51.50 -33.94 6.53
CA THR D 290 -52.07 -32.63 6.85
C THR D 290 -53.45 -32.36 6.26
N ASN D 291 -53.77 -32.95 5.10
CA ASN D 291 -55.02 -32.65 4.39
C ASN D 291 -55.04 -31.21 3.89
N ASP D 292 -53.85 -30.58 3.72
CA ASP D 292 -53.48 -29.21 3.35
C ASP D 292 -52.83 -29.19 1.99
N PRO D 293 -53.12 -28.14 1.19
CA PRO D 293 -52.37 -27.94 -0.06
C PRO D 293 -50.94 -27.46 0.15
N SER D 294 -50.50 -27.35 1.42
CA SER D 294 -49.16 -26.88 1.73
C SER D 294 -48.10 -27.65 0.94
N TRP D 295 -48.18 -28.98 0.97
CA TRP D 295 -47.25 -29.79 0.21
C TRP D 295 -47.40 -29.55 -1.29
N ASP D 296 -48.65 -29.43 -1.79
CA ASP D 296 -48.82 -29.16 -3.21
C ASP D 296 -48.32 -27.75 -3.55
N GLN D 297 -48.65 -26.78 -2.71
CA GLN D 297 -48.25 -25.42 -3.00
C GLN D 297 -46.74 -25.26 -2.89
N ALA D 298 -46.13 -25.94 -1.94
CA ALA D 298 -44.67 -25.87 -1.83
C ALA D 298 -43.99 -26.50 -3.02
N LEU D 299 -44.45 -27.70 -3.40
CA LEU D 299 -43.81 -28.37 -4.54
C LEU D 299 -44.11 -27.64 -5.85
N ASP D 300 -45.28 -27.02 -5.96
CA ASP D 300 -45.54 -26.18 -7.13
C ASP D 300 -44.58 -24.99 -7.16
N LEU D 301 -44.34 -24.39 -5.98
CA LEU D 301 -43.45 -23.24 -5.88
C LEU D 301 -42.00 -23.66 -6.09
N LEU D 302 -41.65 -24.87 -5.63
CA LEU D 302 -40.32 -25.40 -5.92
C LEU D 302 -40.11 -25.54 -7.42
N THR D 303 -41.11 -26.08 -8.14
CA THR D 303 -40.99 -26.27 -9.59
C THR D 303 -40.76 -24.95 -10.30
N LYS D 304 -41.47 -23.90 -9.90
CA LYS D 304 -41.33 -22.64 -10.60
C LYS D 304 -39.98 -21.97 -10.33
N PHE D 305 -39.29 -22.35 -9.24
CA PHE D 305 -37.97 -21.83 -8.95
C PHE D 305 -36.86 -22.61 -9.67
N LEU D 306 -36.91 -23.93 -9.61
CA LEU D 306 -35.77 -24.76 -10.02
C LEU D 306 -35.95 -25.18 -11.49
N ARG D 307 -35.54 -24.27 -12.38
CA ARG D 307 -35.67 -24.41 -13.82
C ARG D 307 -34.35 -24.05 -14.49
N TYR D 308 -33.98 -24.83 -15.52
CA TYR D 308 -32.74 -24.55 -16.25
C TYR D 308 -32.74 -23.16 -16.86
N GLU D 309 -33.76 -22.85 -17.63
CA GLU D 309 -33.74 -21.57 -18.32
C GLU D 309 -33.86 -20.44 -17.29
N PRO D 310 -32.83 -19.59 -17.09
CA PRO D 310 -32.93 -18.56 -16.05
C PRO D 310 -34.13 -17.63 -16.19
N GLY D 311 -34.51 -17.26 -17.40
CA GLY D 311 -35.64 -16.37 -17.55
C GLY D 311 -36.95 -16.98 -17.13
N GLU D 312 -37.05 -18.32 -17.08
CA GLU D 312 -38.29 -19.01 -16.72
C GLU D 312 -38.41 -19.28 -15.22
N ARG D 313 -37.40 -18.94 -14.41
CA ARG D 313 -37.52 -19.13 -12.99
C ARG D 313 -38.39 -18.01 -12.43
N LEU D 314 -39.30 -18.38 -11.52
CA LEU D 314 -40.28 -17.47 -10.96
C LEU D 314 -39.61 -16.27 -10.28
N LEU D 315 -39.98 -15.06 -10.68
CA LEU D 315 -39.39 -13.88 -10.05
C LEU D 315 -39.82 -13.79 -8.57
N PRO D 316 -38.96 -13.18 -7.68
CA PRO D 316 -39.24 -13.23 -6.23
C PRO D 316 -40.48 -12.46 -5.80
N LEU D 317 -40.63 -11.21 -6.27
CA LEU D 317 -41.79 -10.44 -5.86
C LEU D 317 -43.08 -11.07 -6.39
N GLU D 318 -43.04 -11.69 -7.58
CA GLU D 318 -44.16 -12.51 -8.03
C GLU D 318 -44.44 -13.65 -7.06
N ALA D 319 -43.37 -14.27 -6.53
CA ALA D 319 -43.54 -15.47 -5.71
C ALA D 319 -44.39 -15.22 -4.47
N LEU D 320 -44.44 -13.97 -3.99
CA LEU D 320 -45.18 -13.64 -2.78
C LEU D 320 -46.66 -13.94 -2.90
N ALA D 321 -47.23 -13.81 -4.11
CA ALA D 321 -48.65 -14.04 -4.33
C ALA D 321 -49.01 -15.51 -4.46
N HIS D 322 -48.03 -16.41 -4.44
CA HIS D 322 -48.29 -17.83 -4.61
C HIS D 322 -49.22 -18.34 -3.51
N ASP D 323 -50.02 -19.34 -3.86
CA ASP D 323 -51.00 -19.89 -2.92
C ASP D 323 -50.35 -20.43 -1.64
N PHE D 324 -49.05 -20.70 -1.68
CA PHE D 324 -48.33 -21.17 -0.49
C PHE D 324 -48.43 -20.15 0.65
N PHE D 325 -48.42 -18.86 0.33
CA PHE D 325 -48.41 -17.84 1.37
C PHE D 325 -49.80 -17.33 1.74
N ASP D 326 -50.87 -17.94 1.21
CA ASP D 326 -52.22 -17.50 1.55
C ASP D 326 -52.44 -17.50 3.06
N GLU D 327 -51.86 -18.48 3.76
CA GLU D 327 -52.05 -18.56 5.21
C GLU D 327 -51.49 -17.33 5.91
N LEU D 328 -50.32 -16.84 5.45
CA LEU D 328 -49.74 -15.66 6.09
C LEU D 328 -50.63 -14.44 5.92
N ARG D 329 -51.56 -14.46 4.97
CA ARG D 329 -52.45 -13.34 4.72
C ARG D 329 -53.79 -13.46 5.44
N LEU D 330 -54.07 -14.58 6.11
CA LEU D 330 -55.30 -14.67 6.90
C LEU D 330 -55.18 -13.82 8.17
N PRO D 331 -56.23 -13.08 8.54
CA PRO D 331 -56.13 -12.27 9.77
C PRO D 331 -55.95 -13.10 11.02
N SER D 332 -56.52 -14.30 11.08
CA SER D 332 -56.45 -15.14 12.28
C SER D 332 -55.12 -15.86 12.41
N THR D 333 -54.25 -15.82 11.40
CA THR D 333 -52.97 -16.50 11.52
C THR D 333 -52.10 -15.77 12.53
N ARG D 334 -51.39 -16.54 13.36
CA ARG D 334 -50.37 -16.06 14.29
C ARG D 334 -49.14 -16.94 14.15
N LEU D 335 -48.06 -16.55 14.82
CA LEU D 335 -46.91 -17.44 14.99
C LEU D 335 -47.33 -18.68 15.78
N PRO D 336 -46.58 -19.79 15.67
CA PRO D 336 -46.86 -20.94 16.54
C PRO D 336 -46.80 -20.58 18.01
N SER D 337 -45.96 -19.61 18.38
CA SER D 337 -45.89 -19.10 19.75
C SER D 337 -47.21 -18.51 20.23
N GLY D 338 -48.05 -18.04 19.30
CA GLY D 338 -49.19 -17.23 19.63
C GLY D 338 -48.98 -15.76 19.34
N GLY D 339 -47.72 -15.33 19.20
CA GLY D 339 -47.41 -13.95 18.96
C GLY D 339 -47.89 -13.50 17.61
N PRO D 340 -47.68 -12.22 17.30
CA PRO D 340 -48.08 -11.69 16.01
C PRO D 340 -47.12 -12.09 14.90
N LEU D 341 -47.61 -12.06 13.67
CA LEU D 341 -46.71 -12.28 12.55
C LEU D 341 -45.80 -11.07 12.40
N PRO D 342 -44.62 -11.25 11.83
CA PRO D 342 -43.73 -10.11 11.60
C PRO D 342 -44.21 -9.22 10.46
N GLU D 343 -43.50 -8.13 10.18
CA GLU D 343 -43.76 -7.32 9.00
C GLU D 343 -43.76 -8.17 7.73
N LEU D 344 -44.85 -8.10 6.95
CA LEU D 344 -44.97 -8.89 5.72
C LEU D 344 -45.60 -8.15 4.55
N PHE D 345 -46.38 -7.09 4.77
CA PHE D 345 -47.22 -6.54 3.72
C PHE D 345 -47.06 -5.05 3.45
N THR D 346 -46.45 -4.26 4.33
CA THR D 346 -46.43 -2.82 4.11
C THR D 346 -45.40 -2.48 3.04
N PHE D 347 -45.77 -2.80 1.79
CA PHE D 347 -44.89 -2.65 0.64
C PHE D 347 -44.57 -1.18 0.33
N SER D 348 -43.31 -0.93 0.01
CA SER D 348 -42.92 0.35 -0.56
C SER D 348 -43.45 0.46 -1.99
N GLN D 349 -43.25 1.64 -2.58
CA GLN D 349 -43.71 1.90 -3.94
C GLN D 349 -42.95 1.07 -4.96
N LEU D 350 -41.64 0.87 -4.74
CA LEU D 350 -40.82 0.06 -5.62
C LEU D 350 -41.22 -1.41 -5.60
N GLU D 351 -41.54 -1.94 -4.41
CA GLU D 351 -42.00 -3.32 -4.34
C GLU D 351 -43.25 -3.51 -5.17
N LEU D 352 -44.20 -2.58 -5.04
CA LEU D 352 -45.44 -2.65 -5.81
C LEU D 352 -45.15 -2.53 -7.31
N GLN D 353 -44.18 -1.68 -7.68
CA GLN D 353 -43.84 -1.45 -9.08
C GLN D 353 -43.33 -2.71 -9.77
N ASN D 354 -42.77 -3.66 -9.02
CA ASN D 354 -42.25 -4.90 -9.58
C ASN D 354 -43.16 -6.10 -9.31
N MET D 355 -44.46 -5.88 -9.18
CA MET D 355 -45.41 -6.97 -8.97
C MET D 355 -46.45 -6.92 -10.08
N SER D 356 -46.73 -8.07 -10.69
CA SER D 356 -47.77 -8.14 -11.71
C SER D 356 -49.11 -7.70 -11.10
N PRO D 357 -49.98 -7.09 -11.89
CA PRO D 357 -51.28 -6.66 -11.35
C PRO D 357 -52.06 -7.77 -10.66
N ALA D 358 -52.04 -8.98 -11.21
CA ALA D 358 -52.66 -10.12 -10.53
C ALA D 358 -52.03 -10.35 -9.17
N ALA D 359 -50.72 -10.12 -9.06
CA ALA D 359 -50.01 -10.36 -7.81
C ALA D 359 -50.40 -9.35 -6.73
N GLN D 360 -50.57 -8.07 -7.10
CA GLN D 360 -50.83 -7.07 -6.08
C GLN D 360 -52.17 -7.31 -5.36
N VAL D 361 -53.22 -7.68 -6.10
CA VAL D 361 -54.47 -7.96 -5.39
C VAL D 361 -54.34 -9.24 -4.56
N LYS D 362 -53.48 -10.16 -4.98
CA LYS D 362 -53.35 -11.39 -4.22
C LYS D 362 -52.55 -11.18 -2.94
N CYS D 363 -51.58 -10.25 -2.95
CA CYS D 363 -50.64 -10.06 -1.85
C CYS D 363 -51.13 -9.16 -0.73
N ILE D 364 -51.83 -8.07 -1.06
CA ILE D 364 -52.44 -7.18 -0.06
C ILE D 364 -53.63 -7.88 0.59
N PRO D 365 -53.60 -8.10 1.91
CA PRO D 365 -54.69 -8.76 2.65
C PRO D 365 -55.91 -7.85 2.86
#